data_2IAF
# 
_entry.id   2IAF 
# 
_audit_conform.dict_name       mmcif_pdbx.dic 
_audit_conform.dict_version    5.399 
_audit_conform.dict_location   http://mmcif.pdb.org/dictionaries/ascii/mmcif_pdbx.dic 
# 
loop_
_database_2.database_id 
_database_2.database_code 
_database_2.pdbx_database_accession 
_database_2.pdbx_DOI 
PDB   2IAF         pdb_00002iaf 10.2210/pdb2iaf/pdb 
RCSB  RCSB039338   ?            ?                   
WWPDB D_1000039338 ?            ?                   
# 
loop_
_pdbx_audit_revision_history.ordinal 
_pdbx_audit_revision_history.data_content_type 
_pdbx_audit_revision_history.major_revision 
_pdbx_audit_revision_history.minor_revision 
_pdbx_audit_revision_history.revision_date 
1 'Structure model' 1 0 2006-10-10 
2 'Structure model' 1 1 2008-05-01 
3 'Structure model' 1 2 2011-07-13 
4 'Structure model' 1 3 2024-11-20 
# 
_pdbx_audit_revision_details.ordinal             1 
_pdbx_audit_revision_details.revision_ordinal    1 
_pdbx_audit_revision_details.data_content_type   'Structure model' 
_pdbx_audit_revision_details.provider            repository 
_pdbx_audit_revision_details.type                'Initial release' 
_pdbx_audit_revision_details.description         ? 
_pdbx_audit_revision_details.details             ? 
# 
loop_
_pdbx_audit_revision_group.ordinal 
_pdbx_audit_revision_group.revision_ordinal 
_pdbx_audit_revision_group.data_content_type 
_pdbx_audit_revision_group.group 
1 2 'Structure model' 'Version format compliance' 
2 3 'Structure model' Advisory                    
3 3 'Structure model' 'Version format compliance' 
4 4 'Structure model' 'Data collection'           
5 4 'Structure model' 'Database references'       
6 4 'Structure model' 'Derived calculations'      
7 4 'Structure model' 'Structure summary'         
# 
loop_
_pdbx_audit_revision_category.ordinal 
_pdbx_audit_revision_category.revision_ordinal 
_pdbx_audit_revision_category.data_content_type 
_pdbx_audit_revision_category.category 
1 4 'Structure model' chem_comp_atom            
2 4 'Structure model' chem_comp_bond            
3 4 'Structure model' database_2                
4 4 'Structure model' pdbx_entry_details        
5 4 'Structure model' pdbx_modification_feature 
6 4 'Structure model' pdbx_struct_conn_angle    
7 4 'Structure model' struct_conn               
8 4 'Structure model' struct_ref_seq_dif        
9 4 'Structure model' struct_site               
# 
loop_
_pdbx_audit_revision_item.ordinal 
_pdbx_audit_revision_item.revision_ordinal 
_pdbx_audit_revision_item.data_content_type 
_pdbx_audit_revision_item.item 
1  4 'Structure model' '_database_2.pdbx_DOI'                        
2  4 'Structure model' '_database_2.pdbx_database_accession'         
3  4 'Structure model' '_pdbx_struct_conn_angle.ptnr1_auth_comp_id'  
4  4 'Structure model' '_pdbx_struct_conn_angle.ptnr1_auth_seq_id'   
5  4 'Structure model' '_pdbx_struct_conn_angle.ptnr1_label_atom_id' 
6  4 'Structure model' '_pdbx_struct_conn_angle.ptnr1_label_comp_id' 
7  4 'Structure model' '_pdbx_struct_conn_angle.ptnr1_label_seq_id'  
8  4 'Structure model' '_pdbx_struct_conn_angle.ptnr1_symmetry'      
9  4 'Structure model' '_pdbx_struct_conn_angle.ptnr3_auth_comp_id'  
10 4 'Structure model' '_pdbx_struct_conn_angle.ptnr3_auth_seq_id'   
11 4 'Structure model' '_pdbx_struct_conn_angle.ptnr3_label_atom_id' 
12 4 'Structure model' '_pdbx_struct_conn_angle.ptnr3_label_comp_id' 
13 4 'Structure model' '_pdbx_struct_conn_angle.ptnr3_label_seq_id'  
14 4 'Structure model' '_pdbx_struct_conn_angle.ptnr3_symmetry'      
15 4 'Structure model' '_pdbx_struct_conn_angle.value'               
16 4 'Structure model' '_struct_conn.pdbx_dist_value'                
17 4 'Structure model' '_struct_conn.pdbx_leaving_atom_flag'         
18 4 'Structure model' '_struct_conn.ptnr1_auth_comp_id'             
19 4 'Structure model' '_struct_conn.ptnr1_auth_seq_id'              
20 4 'Structure model' '_struct_conn.ptnr1_label_asym_id'            
21 4 'Structure model' '_struct_conn.ptnr1_label_atom_id'            
22 4 'Structure model' '_struct_conn.ptnr1_label_comp_id'            
23 4 'Structure model' '_struct_conn.ptnr1_label_seq_id'             
24 4 'Structure model' '_struct_conn.ptnr1_symmetry'                 
25 4 'Structure model' '_struct_conn.ptnr2_auth_comp_id'             
26 4 'Structure model' '_struct_conn.ptnr2_auth_seq_id'              
27 4 'Structure model' '_struct_conn.ptnr2_label_asym_id'            
28 4 'Structure model' '_struct_conn.ptnr2_label_atom_id'            
29 4 'Structure model' '_struct_conn.ptnr2_label_comp_id'            
30 4 'Structure model' '_struct_conn.ptnr2_label_seq_id'             
31 4 'Structure model' '_struct_conn.ptnr2_symmetry'                 
32 4 'Structure model' '_struct_ref_seq_dif.details'                 
33 4 'Structure model' '_struct_site.pdbx_auth_asym_id'              
34 4 'Structure model' '_struct_site.pdbx_auth_comp_id'              
35 4 'Structure model' '_struct_site.pdbx_auth_seq_id'               
# 
_pdbx_database_status.status_code                     REL 
_pdbx_database_status.entry_id                        2IAF 
_pdbx_database_status.recvd_initial_deposition_date   2006-09-07 
_pdbx_database_status.deposit_site                    RCSB 
_pdbx_database_status.process_site                    RCSB 
_pdbx_database_status.status_code_sf                  REL 
_pdbx_database_status.status_code_mr                  ? 
_pdbx_database_status.SG_entry                        Y 
_pdbx_database_status.pdb_format_compatible           Y 
_pdbx_database_status.status_code_cs                  ? 
_pdbx_database_status.status_code_nmr_data            ? 
_pdbx_database_status.methods_development_category    ? 
# 
_pdbx_database_related.db_name        TargetDB 
_pdbx_database_related.db_id          apc86037.3 
_pdbx_database_related.details        . 
_pdbx_database_related.content_type   unspecified 
# 
loop_
_audit_author.name 
_audit_author.pdbx_ordinal 
'Nocek, B.'                                     1 
'Mulligan, R.'                                  2 
'Moy, S.'                                       3 
'Joachimiak, A.'                                4 
'Midwest Center for Structural Genomics (MCSG)' 5 
# 
_citation.id                        primary 
_citation.title                     
'Crystal structure of a fragment (residues 11 to 161) of L-serine dehydratase from Legionella pneumophila' 
_citation.journal_abbrev            'To be Published' 
_citation.journal_volume            ? 
_citation.page_first                ? 
_citation.page_last                 ? 
_citation.year                      ? 
_citation.journal_id_ASTM           ? 
_citation.country                   ? 
_citation.journal_id_ISSN           ? 
_citation.journal_id_CSD            0353 
_citation.book_publisher            ? 
_citation.pdbx_database_id_PubMed   ? 
_citation.pdbx_database_id_DOI      ? 
# 
loop_
_citation_author.citation_id 
_citation_author.name 
_citation_author.ordinal 
_citation_author.identifier_ORCID 
primary 'Nocek, B.'      1 ? 
primary 'Mulligan, R.'   2 ? 
primary 'Moy, S.'        3 ? 
primary 'Joachimiak, A.' 4 ? 
# 
loop_
_entity.id 
_entity.type 
_entity.src_method 
_entity.pdbx_description 
_entity.formula_weight 
_entity.pdbx_number_of_molecules 
_entity.pdbx_ec 
_entity.pdbx_mutation 
_entity.pdbx_fragment 
_entity.details 
1 polymer     man 'Hypothetical protein sdhL' 16766.432 1  ? ? 'Residues 11-161' ? 
2 non-polymer syn 'MAGNESIUM ION'             24.305    1  ? ? ?                 ? 
3 water       nat water                       18.015    87 ? ? ?                 ? 
# 
_entity_name_com.entity_id   1 
_entity_name_com.name        'L-serine dehydratase' 
# 
_entity_poly.entity_id                      1 
_entity_poly.type                           'polypeptide(L)' 
_entity_poly.nstd_linkage                   no 
_entity_poly.nstd_monomer                   yes 
_entity_poly.pdbx_seq_one_letter_code       
;IGIGPSSSHTVGP(MSE)LAANAFLQLLEQKNLFDKTQRVKVELYGSLALTGKGHGTDKAILNGLENKAPETVDPAS
(MSE)IPR(MSE)HEILDSNLLNLAGKKEIPFHEATDFLFLQKELLPKHSNG(MSE)RFSAFDGNANLLIEQVYYSIGGG
FITTEEDFDK
;
_entity_poly.pdbx_seq_one_letter_code_can   
;IGIGPSSSHTVGPMLAANAFLQLLEQKNLFDKTQRVKVELYGSLALTGKGHGTDKAILNGLENKAPETVDPASMIPRMHE
ILDSNLLNLAGKKEIPFHEATDFLFLQKELLPKHSNGMRFSAFDGNANLLIEQVYYSIGGGFITTEEDFDK
;
_entity_poly.pdbx_strand_id                 A 
_entity_poly.pdbx_target_identifier         apc86037.3 
# 
loop_
_pdbx_entity_nonpoly.entity_id 
_pdbx_entity_nonpoly.name 
_pdbx_entity_nonpoly.comp_id 
2 'MAGNESIUM ION' MG  
3 water           HOH 
# 
loop_
_entity_poly_seq.entity_id 
_entity_poly_seq.num 
_entity_poly_seq.mon_id 
_entity_poly_seq.hetero 
1 1   ILE n 
1 2   GLY n 
1 3   ILE n 
1 4   GLY n 
1 5   PRO n 
1 6   SER n 
1 7   SER n 
1 8   SER n 
1 9   HIS n 
1 10  THR n 
1 11  VAL n 
1 12  GLY n 
1 13  PRO n 
1 14  MSE n 
1 15  LEU n 
1 16  ALA n 
1 17  ALA n 
1 18  ASN n 
1 19  ALA n 
1 20  PHE n 
1 21  LEU n 
1 22  GLN n 
1 23  LEU n 
1 24  LEU n 
1 25  GLU n 
1 26  GLN n 
1 27  LYS n 
1 28  ASN n 
1 29  LEU n 
1 30  PHE n 
1 31  ASP n 
1 32  LYS n 
1 33  THR n 
1 34  GLN n 
1 35  ARG n 
1 36  VAL n 
1 37  LYS n 
1 38  VAL n 
1 39  GLU n 
1 40  LEU n 
1 41  TYR n 
1 42  GLY n 
1 43  SER n 
1 44  LEU n 
1 45  ALA n 
1 46  LEU n 
1 47  THR n 
1 48  GLY n 
1 49  LYS n 
1 50  GLY n 
1 51  HIS n 
1 52  GLY n 
1 53  THR n 
1 54  ASP n 
1 55  LYS n 
1 56  ALA n 
1 57  ILE n 
1 58  LEU n 
1 59  ASN n 
1 60  GLY n 
1 61  LEU n 
1 62  GLU n 
1 63  ASN n 
1 64  LYS n 
1 65  ALA n 
1 66  PRO n 
1 67  GLU n 
1 68  THR n 
1 69  VAL n 
1 70  ASP n 
1 71  PRO n 
1 72  ALA n 
1 73  SER n 
1 74  MSE n 
1 75  ILE n 
1 76  PRO n 
1 77  ARG n 
1 78  MSE n 
1 79  HIS n 
1 80  GLU n 
1 81  ILE n 
1 82  LEU n 
1 83  ASP n 
1 84  SER n 
1 85  ASN n 
1 86  LEU n 
1 87  LEU n 
1 88  ASN n 
1 89  LEU n 
1 90  ALA n 
1 91  GLY n 
1 92  LYS n 
1 93  LYS n 
1 94  GLU n 
1 95  ILE n 
1 96  PRO n 
1 97  PHE n 
1 98  HIS n 
1 99  GLU n 
1 100 ALA n 
1 101 THR n 
1 102 ASP n 
1 103 PHE n 
1 104 LEU n 
1 105 PHE n 
1 106 LEU n 
1 107 GLN n 
1 108 LYS n 
1 109 GLU n 
1 110 LEU n 
1 111 LEU n 
1 112 PRO n 
1 113 LYS n 
1 114 HIS n 
1 115 SER n 
1 116 ASN n 
1 117 GLY n 
1 118 MSE n 
1 119 ARG n 
1 120 PHE n 
1 121 SER n 
1 122 ALA n 
1 123 PHE n 
1 124 ASP n 
1 125 GLY n 
1 126 ASN n 
1 127 ALA n 
1 128 ASN n 
1 129 LEU n 
1 130 LEU n 
1 131 ILE n 
1 132 GLU n 
1 133 GLN n 
1 134 VAL n 
1 135 TYR n 
1 136 TYR n 
1 137 SER n 
1 138 ILE n 
1 139 GLY n 
1 140 GLY n 
1 141 GLY n 
1 142 PHE n 
1 143 ILE n 
1 144 THR n 
1 145 THR n 
1 146 GLU n 
1 147 GLU n 
1 148 ASP n 
1 149 PHE n 
1 150 ASP n 
1 151 LYS n 
# 
_entity_src_gen.entity_id                          1 
_entity_src_gen.pdbx_src_id                        1 
_entity_src_gen.pdbx_alt_source_flag               sample 
_entity_src_gen.pdbx_seq_type                      ? 
_entity_src_gen.pdbx_beg_seq_num                   ? 
_entity_src_gen.pdbx_end_seq_num                   ? 
_entity_src_gen.gene_src_common_name               ? 
_entity_src_gen.gene_src_genus                     Legionella 
_entity_src_gen.pdbx_gene_src_gene                 sdhL 
_entity_src_gen.gene_src_species                   ? 
_entity_src_gen.gene_src_strain                    ? 
_entity_src_gen.gene_src_tissue                    ? 
_entity_src_gen.gene_src_tissue_fraction           ? 
_entity_src_gen.gene_src_details                   ? 
_entity_src_gen.pdbx_gene_src_fragment             ? 
_entity_src_gen.pdbx_gene_src_scientific_name      'Legionella pneumophila' 
_entity_src_gen.pdbx_gene_src_ncbi_taxonomy_id     446 
_entity_src_gen.pdbx_gene_src_variant              ? 
_entity_src_gen.pdbx_gene_src_cell_line            ? 
_entity_src_gen.pdbx_gene_src_atcc                 ? 
_entity_src_gen.pdbx_gene_src_organ                ? 
_entity_src_gen.pdbx_gene_src_organelle            ? 
_entity_src_gen.pdbx_gene_src_cell                 ? 
_entity_src_gen.pdbx_gene_src_cellular_location    ? 
_entity_src_gen.host_org_common_name               ? 
_entity_src_gen.pdbx_host_org_scientific_name      'Escherichia coli BL21(DE3)' 
_entity_src_gen.pdbx_host_org_ncbi_taxonomy_id     469008 
_entity_src_gen.host_org_genus                     Escherichia 
_entity_src_gen.pdbx_host_org_gene                 ? 
_entity_src_gen.pdbx_host_org_organ                ? 
_entity_src_gen.host_org_species                   'Escherichia coli' 
_entity_src_gen.pdbx_host_org_tissue               ? 
_entity_src_gen.pdbx_host_org_tissue_fraction      ? 
_entity_src_gen.pdbx_host_org_strain               'BL21(DE3)' 
_entity_src_gen.pdbx_host_org_variant              ? 
_entity_src_gen.pdbx_host_org_cell_line            ? 
_entity_src_gen.pdbx_host_org_atcc                 ? 
_entity_src_gen.pdbx_host_org_culture_collection   ? 
_entity_src_gen.pdbx_host_org_cell                 ? 
_entity_src_gen.pdbx_host_org_organelle            ? 
_entity_src_gen.pdbx_host_org_cellular_location    ? 
_entity_src_gen.pdbx_host_org_vector_type          plasmid 
_entity_src_gen.pdbx_host_org_vector               ? 
_entity_src_gen.host_org_details                   ? 
_entity_src_gen.expression_system_id               ? 
_entity_src_gen.plasmid_name                       pMCSG7 
_entity_src_gen.plasmid_details                    ? 
_entity_src_gen.pdbx_description                   ? 
# 
loop_
_chem_comp.id 
_chem_comp.type 
_chem_comp.mon_nstd_flag 
_chem_comp.name 
_chem_comp.pdbx_synonyms 
_chem_comp.formula 
_chem_comp.formula_weight 
ALA 'L-peptide linking' y ALANINE          ? 'C3 H7 N O2'     89.093  
ARG 'L-peptide linking' y ARGININE         ? 'C6 H15 N4 O2 1' 175.209 
ASN 'L-peptide linking' y ASPARAGINE       ? 'C4 H8 N2 O3'    132.118 
ASP 'L-peptide linking' y 'ASPARTIC ACID'  ? 'C4 H7 N O4'     133.103 
GLN 'L-peptide linking' y GLUTAMINE        ? 'C5 H10 N2 O3'   146.144 
GLU 'L-peptide linking' y 'GLUTAMIC ACID'  ? 'C5 H9 N O4'     147.129 
GLY 'peptide linking'   y GLYCINE          ? 'C2 H5 N O2'     75.067  
HIS 'L-peptide linking' y HISTIDINE        ? 'C6 H10 N3 O2 1' 156.162 
HOH non-polymer         . WATER            ? 'H2 O'           18.015  
ILE 'L-peptide linking' y ISOLEUCINE       ? 'C6 H13 N O2'    131.173 
LEU 'L-peptide linking' y LEUCINE          ? 'C6 H13 N O2'    131.173 
LYS 'L-peptide linking' y LYSINE           ? 'C6 H15 N2 O2 1' 147.195 
MET 'L-peptide linking' y METHIONINE       ? 'C5 H11 N O2 S'  149.211 
MG  non-polymer         . 'MAGNESIUM ION'  ? 'Mg 2'           24.305  
MSE 'L-peptide linking' n SELENOMETHIONINE ? 'C5 H11 N O2 Se' 196.106 
PHE 'L-peptide linking' y PHENYLALANINE    ? 'C9 H11 N O2'    165.189 
PRO 'L-peptide linking' y PROLINE          ? 'C5 H9 N O2'     115.130 
SER 'L-peptide linking' y SERINE           ? 'C3 H7 N O3'     105.093 
THR 'L-peptide linking' y THREONINE        ? 'C4 H9 N O3'     119.119 
TYR 'L-peptide linking' y TYROSINE         ? 'C9 H11 N O3'    181.189 
VAL 'L-peptide linking' y VALINE           ? 'C5 H11 N O2'    117.146 
# 
loop_
_pdbx_poly_seq_scheme.asym_id 
_pdbx_poly_seq_scheme.entity_id 
_pdbx_poly_seq_scheme.seq_id 
_pdbx_poly_seq_scheme.mon_id 
_pdbx_poly_seq_scheme.ndb_seq_num 
_pdbx_poly_seq_scheme.pdb_seq_num 
_pdbx_poly_seq_scheme.auth_seq_num 
_pdbx_poly_seq_scheme.pdb_mon_id 
_pdbx_poly_seq_scheme.auth_mon_id 
_pdbx_poly_seq_scheme.pdb_strand_id 
_pdbx_poly_seq_scheme.pdb_ins_code 
_pdbx_poly_seq_scheme.hetero 
A 1 1   ILE 1   -2  ?   ?   ?   A . n 
A 1 2   GLY 2   -1  ?   ?   ?   A . n 
A 1 3   ILE 3   0   ?   ?   ?   A . n 
A 1 4   GLY 4   1   ?   ?   ?   A . n 
A 1 5   PRO 5   2   ?   ?   ?   A . n 
A 1 6   SER 6   3   ?   ?   ?   A . n 
A 1 7   SER 7   4   4   SER SER A . n 
A 1 8   SER 8   5   5   SER SER A . n 
A 1 9   HIS 9   6   6   HIS HIS A . n 
A 1 10  THR 10  7   7   THR THR A . n 
A 1 11  VAL 11  8   8   VAL VAL A . n 
A 1 12  GLY 12  9   9   GLY GLY A . n 
A 1 13  PRO 13  10  10  PRO PRO A . n 
A 1 14  MSE 14  11  11  MSE MSE A . n 
A 1 15  LEU 15  12  12  LEU LEU A . n 
A 1 16  ALA 16  13  13  ALA ALA A . n 
A 1 17  ALA 17  14  14  ALA ALA A . n 
A 1 18  ASN 18  15  15  ASN ASN A . n 
A 1 19  ALA 19  16  16  ALA ALA A . n 
A 1 20  PHE 20  17  17  PHE PHE A . n 
A 1 21  LEU 21  18  18  LEU LEU A . n 
A 1 22  GLN 22  19  19  GLN GLN A . n 
A 1 23  LEU 23  20  20  LEU LEU A . n 
A 1 24  LEU 24  21  21  LEU LEU A . n 
A 1 25  GLU 25  22  22  GLU GLU A . n 
A 1 26  GLN 26  23  23  GLN GLN A . n 
A 1 27  LYS 27  24  24  LYS LYS A . n 
A 1 28  ASN 28  25  25  ASN ASN A . n 
A 1 29  LEU 29  26  26  LEU LEU A . n 
A 1 30  PHE 30  27  27  PHE PHE A . n 
A 1 31  ASP 31  28  28  ASP ASP A . n 
A 1 32  LYS 32  29  29  LYS LYS A . n 
A 1 33  THR 33  30  30  THR THR A . n 
A 1 34  GLN 34  31  31  GLN GLN A . n 
A 1 35  ARG 35  32  32  ARG ARG A . n 
A 1 36  VAL 36  33  33  VAL VAL A . n 
A 1 37  LYS 37  34  34  LYS LYS A . n 
A 1 38  VAL 38  35  35  VAL VAL A . n 
A 1 39  GLU 39  36  36  GLU GLU A . n 
A 1 40  LEU 40  37  37  LEU LEU A . n 
A 1 41  TYR 41  38  38  TYR TYR A . n 
A 1 42  GLY 42  39  39  GLY GLY A . n 
A 1 43  SER 43  40  40  SER SER A . n 
A 1 44  LEU 44  41  41  LEU LEU A . n 
A 1 45  ALA 45  42  42  ALA ALA A . n 
A 1 46  LEU 46  43  43  LEU LEU A . n 
A 1 47  THR 47  44  44  THR THR A . n 
A 1 48  GLY 48  45  45  GLY GLY A . n 
A 1 49  LYS 49  46  46  LYS LYS A . n 
A 1 50  GLY 50  47  47  GLY GLY A . n 
A 1 51  HIS 51  48  48  HIS HIS A . n 
A 1 52  GLY 52  49  49  GLY GLY A . n 
A 1 53  THR 53  50  50  THR THR A . n 
A 1 54  ASP 54  51  51  ASP ASP A . n 
A 1 55  LYS 55  52  52  LYS LYS A . n 
A 1 56  ALA 56  53  53  ALA ALA A . n 
A 1 57  ILE 57  54  54  ILE ILE A . n 
A 1 58  LEU 58  55  55  LEU LEU A . n 
A 1 59  ASN 59  56  56  ASN ASN A . n 
A 1 60  GLY 60  57  57  GLY GLY A . n 
A 1 61  LEU 61  58  58  LEU LEU A . n 
A 1 62  GLU 62  59  59  GLU GLU A . n 
A 1 63  ASN 63  60  60  ASN ASN A . n 
A 1 64  LYS 64  61  61  LYS LYS A . n 
A 1 65  ALA 65  62  62  ALA ALA A . n 
A 1 66  PRO 66  63  63  PRO PRO A . n 
A 1 67  GLU 67  64  64  GLU GLU A . n 
A 1 68  THR 68  65  ?   ?   ?   A . n 
A 1 69  VAL 69  66  ?   ?   ?   A . n 
A 1 70  ASP 70  67  ?   ?   ?   A . n 
A 1 71  PRO 71  68  ?   ?   ?   A . n 
A 1 72  ALA 72  69  ?   ?   ?   A . n 
A 1 73  SER 73  70  70  SER SER A . n 
A 1 74  MSE 74  71  71  MSE MSE A . n 
A 1 75  ILE 75  72  72  ILE ILE A . n 
A 1 76  PRO 76  73  73  PRO PRO A . n 
A 1 77  ARG 77  74  74  ARG ARG A . n 
A 1 78  MSE 78  75  75  MSE MSE A . n 
A 1 79  HIS 79  76  76  HIS HIS A . n 
A 1 80  GLU 80  77  77  GLU GLU A . n 
A 1 81  ILE 81  78  78  ILE ILE A . n 
A 1 82  LEU 82  79  79  LEU LEU A . n 
A 1 83  ASP 83  80  80  ASP ASP A . n 
A 1 84  SER 84  81  81  SER SER A . n 
A 1 85  ASN 85  82  82  ASN ASN A . n 
A 1 86  LEU 86  83  83  LEU LEU A . n 
A 1 87  LEU 87  84  84  LEU LEU A . n 
A 1 88  ASN 88  85  85  ASN ASN A . n 
A 1 89  LEU 89  86  86  LEU LEU A . n 
A 1 90  ALA 90  87  87  ALA ALA A . n 
A 1 91  GLY 91  88  88  GLY GLY A . n 
A 1 92  LYS 92  89  89  LYS LYS A . n 
A 1 93  LYS 93  90  90  LYS LYS A . n 
A 1 94  GLU 94  91  91  GLU GLU A . n 
A 1 95  ILE 95  92  92  ILE ILE A . n 
A 1 96  PRO 96  93  93  PRO PRO A . n 
A 1 97  PHE 97  94  94  PHE PHE A . n 
A 1 98  HIS 98  95  95  HIS HIS A . n 
A 1 99  GLU 99  96  96  GLU GLU A . n 
A 1 100 ALA 100 97  97  ALA ALA A . n 
A 1 101 THR 101 98  98  THR THR A . n 
A 1 102 ASP 102 99  99  ASP ASP A . n 
A 1 103 PHE 103 100 100 PHE PHE A . n 
A 1 104 LEU 104 101 101 LEU LEU A . n 
A 1 105 PHE 105 102 102 PHE PHE A . n 
A 1 106 LEU 106 103 103 LEU LEU A . n 
A 1 107 GLN 107 104 104 GLN GLN A . n 
A 1 108 LYS 108 105 105 LYS LYS A . n 
A 1 109 GLU 109 106 106 GLU GLU A . n 
A 1 110 LEU 110 107 107 LEU LEU A . n 
A 1 111 LEU 111 108 108 LEU LEU A . n 
A 1 112 PRO 112 109 109 PRO PRO A . n 
A 1 113 LYS 113 110 110 LYS LYS A . n 
A 1 114 HIS 114 111 111 HIS HIS A . n 
A 1 115 SER 115 112 112 SER SER A . n 
A 1 116 ASN 116 113 113 ASN ASN A . n 
A 1 117 GLY 117 114 114 GLY GLY A . n 
A 1 118 MSE 118 115 115 MSE MSE A . n 
A 1 119 ARG 119 116 116 ARG ARG A . n 
A 1 120 PHE 120 117 117 PHE PHE A . n 
A 1 121 SER 121 118 118 SER SER A . n 
A 1 122 ALA 122 119 119 ALA ALA A . n 
A 1 123 PHE 123 120 120 PHE PHE A . n 
A 1 124 ASP 124 121 121 ASP ASP A . n 
A 1 125 GLY 125 122 122 GLY GLY A . n 
A 1 126 ASN 126 123 123 ASN ASN A . n 
A 1 127 ALA 127 124 124 ALA ALA A . n 
A 1 128 ASN 128 125 125 ASN ASN A . n 
A 1 129 LEU 129 126 126 LEU LEU A . n 
A 1 130 LEU 130 127 127 LEU LEU A . n 
A 1 131 ILE 131 128 128 ILE ILE A . n 
A 1 132 GLU 132 129 129 GLU GLU A . n 
A 1 133 GLN 133 130 130 GLN GLN A . n 
A 1 134 VAL 134 131 131 VAL VAL A . n 
A 1 135 TYR 135 132 132 TYR TYR A . n 
A 1 136 TYR 136 133 133 TYR TYR A . n 
A 1 137 SER 137 134 134 SER SER A . n 
A 1 138 ILE 138 135 135 ILE ILE A . n 
A 1 139 GLY 139 136 136 GLY GLY A . n 
A 1 140 GLY 140 137 137 GLY GLY A . n 
A 1 141 GLY 141 138 138 GLY GLY A . n 
A 1 142 PHE 142 139 139 PHE PHE A . n 
A 1 143 ILE 143 140 140 ILE ILE A . n 
A 1 144 THR 144 141 141 THR THR A . n 
A 1 145 THR 145 142 142 THR THR A . n 
A 1 146 GLU 146 143 143 GLU GLU A . n 
A 1 147 GLU 147 144 144 GLU GLU A . n 
A 1 148 ASP 148 145 145 ASP ASP A . n 
A 1 149 PHE 149 146 146 PHE PHE A . n 
A 1 150 ASP 150 147 147 ASP ASP A . n 
A 1 151 LYS 151 148 148 LYS LYS A . n 
# 
loop_
_pdbx_nonpoly_scheme.asym_id 
_pdbx_nonpoly_scheme.entity_id 
_pdbx_nonpoly_scheme.mon_id 
_pdbx_nonpoly_scheme.ndb_seq_num 
_pdbx_nonpoly_scheme.pdb_seq_num 
_pdbx_nonpoly_scheme.auth_seq_num 
_pdbx_nonpoly_scheme.pdb_mon_id 
_pdbx_nonpoly_scheme.auth_mon_id 
_pdbx_nonpoly_scheme.pdb_strand_id 
_pdbx_nonpoly_scheme.pdb_ins_code 
B 2 MG  1  149 1   MG  MG  A . 
C 3 HOH 1  150 4   HOH HOH A . 
C 3 HOH 2  151 6   HOH HOH A . 
C 3 HOH 3  152 8   HOH HOH A . 
C 3 HOH 4  153 10  HOH HOH A . 
C 3 HOH 5  154 14  HOH HOH A . 
C 3 HOH 6  155 18  HOH HOH A . 
C 3 HOH 7  156 20  HOH HOH A . 
C 3 HOH 8  157 28  HOH HOH A . 
C 3 HOH 9  158 31  HOH HOH A . 
C 3 HOH 10 159 37  HOH HOH A . 
C 3 HOH 11 160 39  HOH HOH A . 
C 3 HOH 12 161 41  HOH HOH A . 
C 3 HOH 13 162 42  HOH HOH A . 
C 3 HOH 14 163 44  HOH HOH A . 
C 3 HOH 15 164 45  HOH HOH A . 
C 3 HOH 16 165 46  HOH HOH A . 
C 3 HOH 17 166 47  HOH HOH A . 
C 3 HOH 18 167 48  HOH HOH A . 
C 3 HOH 19 168 49  HOH HOH A . 
C 3 HOH 20 169 50  HOH HOH A . 
C 3 HOH 21 170 51  HOH HOH A . 
C 3 HOH 22 171 52  HOH HOH A . 
C 3 HOH 23 172 58  HOH HOH A . 
C 3 HOH 24 173 61  HOH HOH A . 
C 3 HOH 25 174 62  HOH HOH A . 
C 3 HOH 26 175 63  HOH HOH A . 
C 3 HOH 27 176 65  HOH HOH A . 
C 3 HOH 28 177 66  HOH HOH A . 
C 3 HOH 29 178 71  HOH HOH A . 
C 3 HOH 30 179 72  HOH HOH A . 
C 3 HOH 31 180 73  HOH HOH A . 
C 3 HOH 32 181 74  HOH HOH A . 
C 3 HOH 33 182 78  HOH HOH A . 
C 3 HOH 34 183 79  HOH HOH A . 
C 3 HOH 35 184 80  HOH HOH A . 
C 3 HOH 36 185 86  HOH HOH A . 
C 3 HOH 37 186 97  HOH HOH A . 
C 3 HOH 38 187 98  HOH HOH A . 
C 3 HOH 39 188 100 HOH HOH A . 
C 3 HOH 40 189 101 HOH HOH A . 
C 3 HOH 41 190 108 HOH HOH A . 
C 3 HOH 42 191 109 HOH HOH A . 
C 3 HOH 43 192 110 HOH HOH A . 
C 3 HOH 44 193 113 HOH HOH A . 
C 3 HOH 45 194 114 HOH HOH A . 
C 3 HOH 46 195 134 HOH HOH A . 
C 3 HOH 47 196 136 HOH HOH A . 
C 3 HOH 48 197 139 HOH HOH A . 
C 3 HOH 49 198 140 HOH HOH A . 
C 3 HOH 50 199 142 HOH HOH A . 
C 3 HOH 51 200 143 HOH HOH A . 
C 3 HOH 52 201 144 HOH HOH A . 
C 3 HOH 53 202 145 HOH HOH A . 
C 3 HOH 54 203 146 HOH HOH A . 
C 3 HOH 55 204 147 HOH HOH A . 
C 3 HOH 56 205 148 HOH HOH A . 
C 3 HOH 57 206 149 HOH HOH A . 
C 3 HOH 58 207 151 HOH HOH A . 
C 3 HOH 59 208 153 HOH HOH A . 
C 3 HOH 60 209 155 HOH HOH A . 
C 3 HOH 61 210 156 HOH HOH A . 
C 3 HOH 62 211 159 HOH HOH A . 
C 3 HOH 63 212 160 HOH HOH A . 
C 3 HOH 64 213 162 HOH HOH A . 
C 3 HOH 65 214 163 HOH HOH A . 
C 3 HOH 66 215 166 HOH HOH A . 
C 3 HOH 67 216 167 HOH HOH A . 
C 3 HOH 68 217 168 HOH HOH A . 
C 3 HOH 69 218 169 HOH HOH A . 
C 3 HOH 70 219 170 HOH HOH A . 
C 3 HOH 71 220 172 HOH HOH A . 
C 3 HOH 72 221 173 HOH HOH A . 
C 3 HOH 73 222 175 HOH HOH A . 
C 3 HOH 74 223 176 HOH HOH A . 
C 3 HOH 75 224 177 HOH HOH A . 
C 3 HOH 76 225 179 HOH HOH A . 
C 3 HOH 77 226 180 HOH HOH A . 
C 3 HOH 78 227 181 HOH HOH A . 
C 3 HOH 79 228 182 HOH HOH A . 
C 3 HOH 80 229 183 HOH HOH A . 
C 3 HOH 81 230 185 HOH HOH A . 
C 3 HOH 82 231 187 HOH HOH A . 
C 3 HOH 83 232 188 HOH HOH A . 
C 3 HOH 84 233 190 HOH HOH A . 
C 3 HOH 85 234 191 HOH HOH A . 
C 3 HOH 86 235 193 HOH HOH A . 
C 3 HOH 87 236 194 HOH HOH A . 
# 
loop_
_software.name 
_software.classification 
_software.version 
_software.citation_id 
_software.pdbx_ordinal 
REFMAC      refinement        5.2.0019 ? 1  
SBC-Collect 'data collection' .        ? 2  
HKL-2000    'data reduction'  .        ? 3  
HKL-2000    'data scaling'    .        ? 4  
HKL-3000    phasing           .        ? 5  
SHELXD      phasing           .        ? 6  
SHELXE      'model building'  .        ? 7  
MLPHARE     phasing           .        ? 8  
DM          phasing           .        ? 9  
SOLVE       phasing           .        ? 10 
RESOLVE     phasing           .        ? 11 
ARP/wARP    'model building'  .        ? 12 
CCP4        phasing           .        ? 13 
O           'model building'  .        ? 14 
Coot        'model building'  .        ? 15 
# 
_cell.entry_id           2IAF 
_cell.length_a           56.319 
_cell.length_b           76.835 
_cell.length_c           108.135 
_cell.angle_alpha        90.00 
_cell.angle_beta         90.00 
_cell.angle_gamma        90.00 
_cell.Z_PDB              8 
_cell.pdbx_unique_axis   ? 
_cell.length_a_esd       ? 
_cell.length_b_esd       ? 
_cell.length_c_esd       ? 
_cell.angle_alpha_esd    ? 
_cell.angle_beta_esd     ? 
_cell.angle_gamma_esd    ? 
# 
_symmetry.entry_id                         2IAF 
_symmetry.space_group_name_H-M             'I 21 21 21' 
_symmetry.pdbx_full_space_group_name_H-M   ? 
_symmetry.cell_setting                     ? 
_symmetry.Int_Tables_number                24 
_symmetry.space_group_name_Hall            ? 
# 
_exptl.entry_id          2IAF 
_exptl.method            'X-RAY DIFFRACTION' 
_exptl.crystals_number   1 
# 
_exptl_crystal.id                    1 
_exptl_crystal.density_meas          ? 
_exptl_crystal.density_Matthews      3.52 
_exptl_crystal.density_percent_sol   65.02 
_exptl_crystal.description           ? 
_exptl_crystal.F_000                 ? 
_exptl_crystal.preparation           ? 
# 
_exptl_crystal_grow.crystal_id      1 
_exptl_crystal_grow.method          'VAPOR DIFFUSION, HANGING DROP' 
_exptl_crystal_grow.temp            291 
_exptl_crystal_grow.temp_details    ? 
_exptl_crystal_grow.pH              6.5 
_exptl_crystal_grow.pdbx_details    
'0.2 Ammonium sulphate, 0.1M BisTris pH 6.5, 25% Peg 3350, VAPOR DIFFUSION, HANGING DROP, temperature 291K' 
_exptl_crystal_grow.pdbx_pH_range   . 
# 
_diffrn.id                     1 
_diffrn.ambient_temp           ? 
_diffrn.ambient_temp_details   ? 
_diffrn.crystal_id             1 
# 
_diffrn_detector.diffrn_id              1 
_diffrn_detector.detector               CCD 
_diffrn_detector.type                   'ADSC QUANTUM 315' 
_diffrn_detector.pdbx_collection_date   2006-08-15 
_diffrn_detector.details                ? 
# 
_diffrn_radiation.diffrn_id                        1 
_diffrn_radiation.wavelength_id                    1 
_diffrn_radiation.pdbx_monochromatic_or_laue_m_l   M 
_diffrn_radiation.monochromator                    'double crystal' 
_diffrn_radiation.pdbx_diffrn_protocol             MAD 
_diffrn_radiation.pdbx_scattering_type             x-ray 
# 
loop_
_diffrn_radiation_wavelength.id 
_diffrn_radiation_wavelength.wavelength 
_diffrn_radiation_wavelength.wt 
1 0.9793  1.0 
2 0.97943 1.0 
# 
_diffrn_source.diffrn_id                   1 
_diffrn_source.source                      SYNCHROTRON 
_diffrn_source.type                        'APS BEAMLINE 19-ID' 
_diffrn_source.pdbx_synchrotron_site       APS 
_diffrn_source.pdbx_synchrotron_beamline   19-ID 
_diffrn_source.pdbx_wavelength             ? 
_diffrn_source.pdbx_wavelength_list        '0.9793, 0.97943' 
# 
_reflns.entry_id                     2IAF 
_reflns.observed_criterion_sigma_F   0 
_reflns.observed_criterion_sigma_I   0 
_reflns.d_resolution_high            2.05 
_reflns.d_resolution_low             40 
_reflns.number_all                   15069 
_reflns.number_obs                   14934 
_reflns.percent_possible_obs         99.1 
_reflns.pdbx_Rmerge_I_obs            0.078 
_reflns.pdbx_Rsym_value              ? 
_reflns.pdbx_netI_over_sigmaI        17 
_reflns.B_iso_Wilson_estimate        ? 
_reflns.pdbx_redundancy              7.1 
_reflns.R_free_details               ? 
_reflns.limit_h_max                  ? 
_reflns.limit_h_min                  ? 
_reflns.limit_k_max                  ? 
_reflns.limit_k_min                  ? 
_reflns.limit_l_max                  ? 
_reflns.limit_l_min                  ? 
_reflns.observed_criterion_F_max     ? 
_reflns.observed_criterion_F_min     ? 
_reflns.pdbx_chi_squared             ? 
_reflns.pdbx_scaling_rejects         ? 
_reflns.pdbx_ordinal                 1 
_reflns.pdbx_diffrn_id               1 
# 
_reflns_shell.d_res_high             2.05 
_reflns_shell.d_res_low              2.09 
_reflns_shell.percent_possible_all   100 
_reflns_shell.Rmerge_I_obs           0.478 
_reflns_shell.pdbx_Rsym_value        ? 
_reflns_shell.meanI_over_sigI_obs    ? 
_reflns_shell.pdbx_redundancy        5.6 
_reflns_shell.percent_possible_obs   ? 
_reflns_shell.number_unique_all      ? 
_reflns_shell.number_measured_all    ? 
_reflns_shell.number_measured_obs    ? 
_reflns_shell.number_unique_obs      ? 
_reflns_shell.pdbx_chi_squared       ? 
_reflns_shell.pdbx_ordinal           1 
_reflns_shell.pdbx_diffrn_id         1 
# 
_refine.entry_id                                 2IAF 
_refine.ls_number_reflns_obs                     14168 
_refine.ls_number_reflns_all                     14930 
_refine.pdbx_ls_sigma_I                          0 
_refine.pdbx_ls_sigma_F                          0 
_refine.pdbx_data_cutoff_high_absF               ? 
_refine.pdbx_data_cutoff_low_absF                ? 
_refine.pdbx_data_cutoff_high_rms_absF           ? 
_refine.ls_d_res_low                             40.00 
_refine.ls_d_res_high                            2.05 
_refine.ls_percent_reflns_obs                    99.04 
_refine.ls_R_factor_obs                          0.19602 
_refine.ls_R_factor_all                          ? 
_refine.ls_R_factor_R_work                       0.19455 
_refine.ls_R_factor_R_free                       0.22418 
_refine.ls_R_factor_R_free_error                 ? 
_refine.ls_R_factor_R_free_error_details         ? 
_refine.ls_percent_reflns_R_free                 5.1 
_refine.ls_number_reflns_R_free                  756 
_refine.ls_number_parameters                     ? 
_refine.ls_number_restraints                     ? 
_refine.occupancy_min                            ? 
_refine.occupancy_max                            ? 
_refine.correlation_coeff_Fo_to_Fc               0.959 
_refine.correlation_coeff_Fo_to_Fc_free          0.948 
_refine.B_iso_mean                               38.101 
_refine.aniso_B[1][1]                            -0.58 
_refine.aniso_B[2][2]                            -0.07 
_refine.aniso_B[3][3]                            0.65 
_refine.aniso_B[1][2]                            0.00 
_refine.aniso_B[1][3]                            0.00 
_refine.aniso_B[2][3]                            0.00 
_refine.solvent_model_details                    MASK 
_refine.solvent_model_param_ksol                 ? 
_refine.solvent_model_param_bsol                 ? 
_refine.pdbx_solvent_vdw_probe_radii             1.20 
_refine.pdbx_solvent_ion_probe_radii             0.80 
_refine.pdbx_solvent_shrinkage_radii             0.80 
_refine.pdbx_ls_cross_valid_method               THROUGHOUT 
_refine.details                                  'HYDROGENS HAVE BEEN ADDED IN THE RIDING POSITIONS' 
_refine.pdbx_starting_model                      ? 
_refine.pdbx_method_to_determine_struct          MAD 
_refine.pdbx_isotropic_thermal_model             ? 
_refine.pdbx_stereochemistry_target_values       'MAXIMUM LIKELIHOOD WITH PHASES' 
_refine.pdbx_stereochem_target_val_spec_case     ? 
_refine.pdbx_R_Free_selection_details            RANDOM 
_refine.pdbx_overall_ESU_R                       0.145 
_refine.pdbx_overall_ESU_R_Free                  0.136 
_refine.overall_SU_ML                            0.104 
_refine.overall_SU_B                             7.589 
_refine.ls_redundancy_reflns_obs                 ? 
_refine.B_iso_min                                ? 
_refine.B_iso_max                                ? 
_refine.overall_SU_R_Cruickshank_DPI             ? 
_refine.overall_SU_R_free                        ? 
_refine.ls_wR_factor_R_free                      ? 
_refine.ls_wR_factor_R_work                      ? 
_refine.overall_FOM_free_R_set                   ? 
_refine.overall_FOM_work_R_set                   ? 
_refine.pdbx_refine_id                           'X-RAY DIFFRACTION' 
_refine.pdbx_TLS_residual_ADP_flag               'LIKELY RESIDUAL' 
_refine.pdbx_diffrn_id                           1 
_refine.pdbx_overall_phase_error                 ? 
_refine.pdbx_overall_SU_R_free_Cruickshank_DPI   ? 
_refine.pdbx_overall_SU_R_Blow_DPI               ? 
_refine.pdbx_overall_SU_R_free_Blow_DPI          ? 
# 
_refine_hist.pdbx_refine_id                   'X-RAY DIFFRACTION' 
_refine_hist.cycle_id                         LAST 
_refine_hist.pdbx_number_atoms_protein        1095 
_refine_hist.pdbx_number_atoms_nucleic_acid   0 
_refine_hist.pdbx_number_atoms_ligand         1 
_refine_hist.number_atoms_solvent             87 
_refine_hist.number_atoms_total               1183 
_refine_hist.d_res_high                       2.05 
_refine_hist.d_res_low                        40.00 
# 
loop_
_refine_ls_restr.type 
_refine_ls_restr.dev_ideal 
_refine_ls_restr.dev_ideal_target 
_refine_ls_restr.weight 
_refine_ls_restr.number 
_refine_ls_restr.pdbx_refine_id 
_refine_ls_restr.pdbx_restraint_function 
r_bond_refined_d             0.020  0.022  ? 1122 'X-RAY DIFFRACTION' ? 
r_bond_other_d               ?      ?      ? ?    'X-RAY DIFFRACTION' ? 
r_angle_refined_deg          2.009  1.973  ? 1510 'X-RAY DIFFRACTION' ? 
r_angle_other_deg            ?      ?      ? ?    'X-RAY DIFFRACTION' ? 
r_dihedral_angle_1_deg       11.653 5.000  ? 140  'X-RAY DIFFRACTION' ? 
r_dihedral_angle_2_deg       34.306 25.577 ? 52   'X-RAY DIFFRACTION' ? 
r_dihedral_angle_3_deg       16.310 15.000 ? 204  'X-RAY DIFFRACTION' ? 
r_dihedral_angle_4_deg       29.645 15.000 ? 3    'X-RAY DIFFRACTION' ? 
r_chiral_restr               0.156  0.200  ? 167  'X-RAY DIFFRACTION' ? 
r_gen_planes_refined         0.008  0.020  ? 840  'X-RAY DIFFRACTION' ? 
r_gen_planes_other           ?      ?      ? ?    'X-RAY DIFFRACTION' ? 
r_nbd_refined                0.228  0.200  ? 486  'X-RAY DIFFRACTION' ? 
r_nbd_other                  ?      ?      ? ?    'X-RAY DIFFRACTION' ? 
r_nbtor_refined              0.308  0.200  ? 752  'X-RAY DIFFRACTION' ? 
r_nbtor_other                ?      ?      ? ?    'X-RAY DIFFRACTION' ? 
r_xyhbond_nbd_refined        0.171  0.200  ? 73   'X-RAY DIFFRACTION' ? 
r_xyhbond_nbd_other          ?      ?      ? ?    'X-RAY DIFFRACTION' ? 
r_metal_ion_refined          ?      ?      ? ?    'X-RAY DIFFRACTION' ? 
r_metal_ion_other            ?      ?      ? ?    'X-RAY DIFFRACTION' ? 
r_symmetry_vdw_refined       0.228  0.200  ? 24   'X-RAY DIFFRACTION' ? 
r_symmetry_vdw_other         ?      ?      ? ?    'X-RAY DIFFRACTION' ? 
r_symmetry_hbond_refined     0.240  0.200  ? 10   'X-RAY DIFFRACTION' ? 
r_symmetry_hbond_other       ?      ?      ? ?    'X-RAY DIFFRACTION' ? 
r_symmetry_metal_ion_refined ?      ?      ? ?    'X-RAY DIFFRACTION' ? 
r_symmetry_metal_ion_other   ?      ?      ? ?    'X-RAY DIFFRACTION' ? 
r_mcbond_it                  1.389  1.500  ? 717  'X-RAY DIFFRACTION' ? 
r_mcbond_other               ?      ?      ? ?    'X-RAY DIFFRACTION' ? 
r_mcangle_it                 1.996  2.000  ? 1112 'X-RAY DIFFRACTION' ? 
r_scbond_it                  2.886  3.000  ? 444  'X-RAY DIFFRACTION' ? 
r_scangle_it                 4.392  4.500  ? 398  'X-RAY DIFFRACTION' ? 
r_rigid_bond_restr           ?      ?      ? ?    'X-RAY DIFFRACTION' ? 
r_sphericity_free            ?      ?      ? ?    'X-RAY DIFFRACTION' ? 
r_sphericity_bonded          ?      ?      ? ?    'X-RAY DIFFRACTION' ? 
# 
_refine_ls_shell.pdbx_total_number_of_bins_used   20 
_refine_ls_shell.d_res_high                       2.05 
_refine_ls_shell.d_res_low                        2.105 
_refine_ls_shell.number_reflns_R_work             1032 
_refine_ls_shell.R_factor_R_work                  0.259 
_refine_ls_shell.percent_reflns_obs               99.28 
_refine_ls_shell.R_factor_R_free                  0.315 
_refine_ls_shell.R_factor_R_free_error            ? 
_refine_ls_shell.percent_reflns_R_free            ? 
_refine_ls_shell.number_reflns_R_free             64 
_refine_ls_shell.number_reflns_all                ? 
_refine_ls_shell.R_factor_all                     ? 
_refine_ls_shell.number_reflns_obs                ? 
_refine_ls_shell.redundancy_reflns_obs            ? 
_refine_ls_shell.pdbx_refine_id                   'X-RAY DIFFRACTION' 
# 
_struct.entry_id                  2IAF 
_struct.title                     
'Crystal structure of a fragment (residues 11 to 161) of L-serine dehydratase from Legionella pneumophila' 
_struct.pdbx_model_details        ? 
_struct.pdbx_CASP_flag            ? 
_struct.pdbx_model_type_details   ? 
# 
_struct_keywords.entry_id        2IAF 
_struct_keywords.pdbx_keywords   'structural genomics, unknown function' 
_struct_keywords.text            
;MCSG, PSI2, MAD, STRUCTURAL GENOMICS, L-serine dehydratase, Protein Structure Initiative, Midwest Center for Structural Genomics, unknown function
;
# 
loop_
_struct_asym.id 
_struct_asym.pdbx_blank_PDB_chainid_flag 
_struct_asym.pdbx_modified 
_struct_asym.entity_id 
_struct_asym.details 
A N N 1 ? 
B N N 2 ? 
C N N 3 ? 
# 
_struct_ref.id                         1 
_struct_ref.db_name                    UNP 
_struct_ref.db_code                    Q5WYB1_LEGPL 
_struct_ref.pdbx_db_accession          Q5WYB1 
_struct_ref.entity_id                  1 
_struct_ref.pdbx_align_begin           11 
_struct_ref.pdbx_db_isoform            ? 
_struct_ref.pdbx_seq_one_letter_code   ? 
# 
_struct_ref_seq.align_id                      1 
_struct_ref_seq.ref_id                        1 
_struct_ref_seq.pdbx_PDB_id_code              2IAF 
_struct_ref_seq.pdbx_strand_id                A 
_struct_ref_seq.seq_align_beg                 1 
_struct_ref_seq.pdbx_seq_align_beg_ins_code   ? 
_struct_ref_seq.seq_align_end                 151 
_struct_ref_seq.pdbx_seq_align_end_ins_code   ? 
_struct_ref_seq.pdbx_db_accession             Q5WYB1 
_struct_ref_seq.db_align_beg                  11 
_struct_ref_seq.pdbx_db_align_beg_ins_code    ? 
_struct_ref_seq.db_align_end                  161 
_struct_ref_seq.pdbx_db_align_end_ins_code    ? 
_struct_ref_seq.pdbx_auth_seq_align_beg       -2 
_struct_ref_seq.pdbx_auth_seq_align_end       148 
# 
loop_
_struct_ref_seq_dif.align_id 
_struct_ref_seq_dif.pdbx_pdb_id_code 
_struct_ref_seq_dif.mon_id 
_struct_ref_seq_dif.pdbx_pdb_strand_id 
_struct_ref_seq_dif.seq_num 
_struct_ref_seq_dif.pdbx_pdb_ins_code 
_struct_ref_seq_dif.pdbx_seq_db_name 
_struct_ref_seq_dif.pdbx_seq_db_accession_code 
_struct_ref_seq_dif.db_mon_id 
_struct_ref_seq_dif.pdbx_seq_db_seq_num 
_struct_ref_seq_dif.details 
_struct_ref_seq_dif.pdbx_auth_seq_num 
_struct_ref_seq_dif.pdbx_ordinal 
1 2IAF MSE A 14  ? UNP Q5WYB1 MET 24  'modified residue' 11  1 
1 2IAF MSE A 74  ? UNP Q5WYB1 MET 84  'modified residue' 71  2 
1 2IAF MSE A 78  ? UNP Q5WYB1 MET 88  'modified residue' 75  3 
1 2IAF MSE A 118 ? UNP Q5WYB1 MET 128 'modified residue' 115 4 
# 
_pdbx_struct_assembly.id                   1 
_pdbx_struct_assembly.details              author_defined_assembly 
_pdbx_struct_assembly.method_details       ? 
_pdbx_struct_assembly.oligomeric_details   monomeric 
_pdbx_struct_assembly.oligomeric_count     1 
# 
_pdbx_struct_assembly_gen.assembly_id       1 
_pdbx_struct_assembly_gen.oper_expression   1 
_pdbx_struct_assembly_gen.asym_id_list      A,B,C 
# 
_pdbx_struct_oper_list.id                   1 
_pdbx_struct_oper_list.type                 'identity operation' 
_pdbx_struct_oper_list.name                 1_555 
_pdbx_struct_oper_list.symmetry_operation   x,y,z 
_pdbx_struct_oper_list.matrix[1][1]         1.0000000000 
_pdbx_struct_oper_list.matrix[1][2]         0.0000000000 
_pdbx_struct_oper_list.matrix[1][3]         0.0000000000 
_pdbx_struct_oper_list.vector[1]            0.0000000000 
_pdbx_struct_oper_list.matrix[2][1]         0.0000000000 
_pdbx_struct_oper_list.matrix[2][2]         1.0000000000 
_pdbx_struct_oper_list.matrix[2][3]         0.0000000000 
_pdbx_struct_oper_list.vector[2]            0.0000000000 
_pdbx_struct_oper_list.matrix[3][1]         0.0000000000 
_pdbx_struct_oper_list.matrix[3][2]         0.0000000000 
_pdbx_struct_oper_list.matrix[3][3]         1.0000000000 
_pdbx_struct_oper_list.vector[3]            0.0000000000 
# 
_struct_biol.id   1 
# 
loop_
_struct_conf.conf_type_id 
_struct_conf.id 
_struct_conf.pdbx_PDB_helix_id 
_struct_conf.beg_label_comp_id 
_struct_conf.beg_label_asym_id 
_struct_conf.beg_label_seq_id 
_struct_conf.pdbx_beg_PDB_ins_code 
_struct_conf.end_label_comp_id 
_struct_conf.end_label_asym_id 
_struct_conf.end_label_seq_id 
_struct_conf.pdbx_end_PDB_ins_code 
_struct_conf.beg_auth_comp_id 
_struct_conf.beg_auth_asym_id 
_struct_conf.beg_auth_seq_id 
_struct_conf.end_auth_comp_id 
_struct_conf.end_auth_asym_id 
_struct_conf.end_auth_seq_id 
_struct_conf.pdbx_PDB_helix_class 
_struct_conf.details 
_struct_conf.pdbx_PDB_helix_length 
HELX_P HELX_P1 1 THR A 10 ? LYS A 27  ? THR A 7  LYS A 24 1 ? 18 
HELX_P HELX_P2 2 GLY A 42 ? THR A 47  ? GLY A 39 THR A 44 1 ? 6  
HELX_P HELX_P3 3 GLY A 52 ? LEU A 61  ? GLY A 49 LEU A 58 1 ? 10 
HELX_P HELX_P4 4 SER A 73 ? ASN A 85  ? SER A 70 ASN A 82 1 ? 13 
HELX_P HELX_P5 5 HIS A 98 ? ASP A 102 ? HIS A 95 ASP A 99 1 ? 5  
# 
_struct_conf_type.id          HELX_P 
_struct_conf_type.criteria    ? 
_struct_conf_type.reference   ? 
# 
loop_
_struct_conn.id 
_struct_conn.conn_type_id 
_struct_conn.pdbx_leaving_atom_flag 
_struct_conn.pdbx_PDB_id 
_struct_conn.ptnr1_label_asym_id 
_struct_conn.ptnr1_label_comp_id 
_struct_conn.ptnr1_label_seq_id 
_struct_conn.ptnr1_label_atom_id 
_struct_conn.pdbx_ptnr1_label_alt_id 
_struct_conn.pdbx_ptnr1_PDB_ins_code 
_struct_conn.pdbx_ptnr1_standard_comp_id 
_struct_conn.ptnr1_symmetry 
_struct_conn.ptnr2_label_asym_id 
_struct_conn.ptnr2_label_comp_id 
_struct_conn.ptnr2_label_seq_id 
_struct_conn.ptnr2_label_atom_id 
_struct_conn.pdbx_ptnr2_label_alt_id 
_struct_conn.pdbx_ptnr2_PDB_ins_code 
_struct_conn.ptnr1_auth_asym_id 
_struct_conn.ptnr1_auth_comp_id 
_struct_conn.ptnr1_auth_seq_id 
_struct_conn.ptnr2_auth_asym_id 
_struct_conn.ptnr2_auth_comp_id 
_struct_conn.ptnr2_auth_seq_id 
_struct_conn.ptnr2_symmetry 
_struct_conn.pdbx_ptnr3_label_atom_id 
_struct_conn.pdbx_ptnr3_label_seq_id 
_struct_conn.pdbx_ptnr3_label_comp_id 
_struct_conn.pdbx_ptnr3_label_asym_id 
_struct_conn.pdbx_ptnr3_label_alt_id 
_struct_conn.pdbx_ptnr3_PDB_ins_code 
_struct_conn.details 
_struct_conn.pdbx_dist_value 
_struct_conn.pdbx_value_order 
_struct_conn.pdbx_role 
covale1 covale both ? A PRO 13  C   ? ? ? 1_555 A MSE 14  N  ? ? A PRO 10  A MSE 11  1_555 ? ? ? ? ? ? ? 1.336 ? ? 
covale2 covale both ? A MSE 14  C   ? ? ? 1_555 A LEU 15  N  ? ? A MSE 11  A LEU 12  1_555 ? ? ? ? ? ? ? 1.342 ? ? 
covale3 covale both ? A SER 73  C   ? ? ? 1_555 A MSE 74  N  ? ? A SER 70  A MSE 71  1_555 ? ? ? ? ? ? ? 1.332 ? ? 
covale4 covale both ? A MSE 74  C   ? ? ? 1_555 A ILE 75  N  ? ? A MSE 71  A ILE 72  1_555 ? ? ? ? ? ? ? 1.332 ? ? 
covale5 covale both ? A ARG 77  C   ? ? ? 1_555 A MSE 78  N  ? ? A ARG 74  A MSE 75  1_555 ? ? ? ? ? ? ? 1.347 ? ? 
covale6 covale both ? A MSE 78  C   ? ? ? 1_555 A HIS 79  N  ? ? A MSE 75  A HIS 76  1_555 ? ? ? ? ? ? ? 1.326 ? ? 
covale7 covale both ? A GLY 117 C   ? ? ? 1_555 A MSE 118 N  ? ? A GLY 114 A MSE 115 1_555 ? ? ? ? ? ? ? 1.321 ? ? 
covale8 covale both ? A MSE 118 C   ? ? ? 1_555 A ARG 119 N  ? ? A MSE 115 A ARG 116 1_555 ? ? ? ? ? ? ? 1.317 ? ? 
metalc1 metalc ?    ? A LEU 82  O   ? ? ? 1_555 B MG  .   MG ? ? A LEU 79  A MG  149 1_555 ? ? ? ? ? ? ? 2.305 ? ? 
metalc2 metalc ?    ? A LEU 82  O   ? ? ? 7_555 B MG  .   MG ? ? A LEU 79  A MG  149 1_555 ? ? ? ? ? ? ? 2.308 ? ? 
metalc3 metalc ?    ? A ASP 83  O   ? ? ? 1_555 B MG  .   MG ? ? A ASP 80  A MG  149 1_555 ? ? ? ? ? ? ? 2.634 ? ? 
metalc4 metalc ?    ? A ASP 83  O   ? ? ? 7_555 B MG  .   MG ? ? A ASP 80  A MG  149 1_555 ? ? ? ? ? ? ? 2.636 ? ? 
metalc5 metalc ?    ? A ASN 85  OD1 ? ? ? 1_555 B MG  .   MG ? ? A ASN 82  A MG  149 1_555 ? ? ? ? ? ? ? 2.303 ? ? 
metalc6 metalc ?    ? A ASN 85  OD1 ? ? ? 7_555 B MG  .   MG ? ? A ASN 82  A MG  149 1_555 ? ? ? ? ? ? ? 2.306 ? ? 
# 
loop_
_struct_conn_type.id 
_struct_conn_type.criteria 
_struct_conn_type.reference 
covale ? ? 
metalc ? ? 
# 
loop_
_pdbx_struct_conn_angle.id 
_pdbx_struct_conn_angle.ptnr1_label_atom_id 
_pdbx_struct_conn_angle.ptnr1_label_alt_id 
_pdbx_struct_conn_angle.ptnr1_label_asym_id 
_pdbx_struct_conn_angle.ptnr1_label_comp_id 
_pdbx_struct_conn_angle.ptnr1_label_seq_id 
_pdbx_struct_conn_angle.ptnr1_auth_atom_id 
_pdbx_struct_conn_angle.ptnr1_auth_asym_id 
_pdbx_struct_conn_angle.ptnr1_auth_comp_id 
_pdbx_struct_conn_angle.ptnr1_auth_seq_id 
_pdbx_struct_conn_angle.ptnr1_PDB_ins_code 
_pdbx_struct_conn_angle.ptnr1_symmetry 
_pdbx_struct_conn_angle.ptnr2_label_atom_id 
_pdbx_struct_conn_angle.ptnr2_label_alt_id 
_pdbx_struct_conn_angle.ptnr2_label_asym_id 
_pdbx_struct_conn_angle.ptnr2_label_comp_id 
_pdbx_struct_conn_angle.ptnr2_label_seq_id 
_pdbx_struct_conn_angle.ptnr2_auth_atom_id 
_pdbx_struct_conn_angle.ptnr2_auth_asym_id 
_pdbx_struct_conn_angle.ptnr2_auth_comp_id 
_pdbx_struct_conn_angle.ptnr2_auth_seq_id 
_pdbx_struct_conn_angle.ptnr2_PDB_ins_code 
_pdbx_struct_conn_angle.ptnr2_symmetry 
_pdbx_struct_conn_angle.ptnr3_label_atom_id 
_pdbx_struct_conn_angle.ptnr3_label_alt_id 
_pdbx_struct_conn_angle.ptnr3_label_asym_id 
_pdbx_struct_conn_angle.ptnr3_label_comp_id 
_pdbx_struct_conn_angle.ptnr3_label_seq_id 
_pdbx_struct_conn_angle.ptnr3_auth_atom_id 
_pdbx_struct_conn_angle.ptnr3_auth_asym_id 
_pdbx_struct_conn_angle.ptnr3_auth_comp_id 
_pdbx_struct_conn_angle.ptnr3_auth_seq_id 
_pdbx_struct_conn_angle.ptnr3_PDB_ins_code 
_pdbx_struct_conn_angle.ptnr3_symmetry 
_pdbx_struct_conn_angle.value 
_pdbx_struct_conn_angle.value_esd 
1  O   ? A LEU 82 ? A LEU 79 ? 1_555 MG ? B MG . ? A MG 149 ? 1_555 O   ? A LEU 82 ? A LEU 79 ? 7_555 75.5  ? 
2  O   ? A LEU 82 ? A LEU 79 ? 1_555 MG ? B MG . ? A MG 149 ? 1_555 O   ? A ASP 83 ? A ASP 80 ? 1_555 85.5  ? 
3  O   ? A LEU 82 ? A LEU 79 ? 7_555 MG ? B MG . ? A MG 149 ? 1_555 O   ? A ASP 83 ? A ASP 80 ? 1_555 102.6 ? 
4  O   ? A LEU 82 ? A LEU 79 ? 1_555 MG ? B MG . ? A MG 149 ? 1_555 O   ? A ASP 83 ? A ASP 80 ? 7_555 102.6 ? 
5  O   ? A LEU 82 ? A LEU 79 ? 7_555 MG ? B MG . ? A MG 149 ? 1_555 O   ? A ASP 83 ? A ASP 80 ? 7_555 85.4  ? 
6  O   ? A ASP 83 ? A ASP 80 ? 1_555 MG ? B MG . ? A MG 149 ? 1_555 O   ? A ASP 83 ? A ASP 80 ? 7_555 169.9 ? 
7  O   ? A LEU 82 ? A LEU 79 ? 1_555 MG ? B MG . ? A MG 149 ? 1_555 OD1 ? A ASN 85 ? A ASN 82 ? 1_555 103.8 ? 
8  O   ? A LEU 82 ? A LEU 79 ? 7_555 MG ? B MG . ? A MG 149 ? 1_555 OD1 ? A ASN 85 ? A ASN 82 ? 1_555 164.4 ? 
9  O   ? A ASP 83 ? A ASP 80 ? 1_555 MG ? B MG . ? A MG 149 ? 1_555 OD1 ? A ASN 85 ? A ASN 82 ? 1_555 92.9  ? 
10 O   ? A ASP 83 ? A ASP 80 ? 7_555 MG ? B MG . ? A MG 149 ? 1_555 OD1 ? A ASN 85 ? A ASN 82 ? 1_555 79.4  ? 
11 O   ? A LEU 82 ? A LEU 79 ? 1_555 MG ? B MG . ? A MG 149 ? 1_555 OD1 ? A ASN 85 ? A ASN 82 ? 7_555 164.4 ? 
12 O   ? A LEU 82 ? A LEU 79 ? 7_555 MG ? B MG . ? A MG 149 ? 1_555 OD1 ? A ASN 85 ? A ASN 82 ? 7_555 103.6 ? 
13 O   ? A ASP 83 ? A ASP 80 ? 1_555 MG ? B MG . ? A MG 149 ? 1_555 OD1 ? A ASN 85 ? A ASN 82 ? 7_555 79.4  ? 
14 O   ? A ASP 83 ? A ASP 80 ? 7_555 MG ? B MG . ? A MG 149 ? 1_555 OD1 ? A ASN 85 ? A ASN 82 ? 7_555 92.8  ? 
15 OD1 ? A ASN 85 ? A ASN 82 ? 1_555 MG ? B MG . ? A MG 149 ? 1_555 OD1 ? A ASN 85 ? A ASN 82 ? 7_555 81.3  ? 
# 
loop_
_pdbx_modification_feature.ordinal 
_pdbx_modification_feature.label_comp_id 
_pdbx_modification_feature.label_asym_id 
_pdbx_modification_feature.label_seq_id 
_pdbx_modification_feature.label_alt_id 
_pdbx_modification_feature.modified_residue_label_comp_id 
_pdbx_modification_feature.modified_residue_label_asym_id 
_pdbx_modification_feature.modified_residue_label_seq_id 
_pdbx_modification_feature.modified_residue_label_alt_id 
_pdbx_modification_feature.auth_comp_id 
_pdbx_modification_feature.auth_asym_id 
_pdbx_modification_feature.auth_seq_id 
_pdbx_modification_feature.PDB_ins_code 
_pdbx_modification_feature.symmetry 
_pdbx_modification_feature.modified_residue_auth_comp_id 
_pdbx_modification_feature.modified_residue_auth_asym_id 
_pdbx_modification_feature.modified_residue_auth_seq_id 
_pdbx_modification_feature.modified_residue_PDB_ins_code 
_pdbx_modification_feature.modified_residue_symmetry 
_pdbx_modification_feature.comp_id_linking_atom 
_pdbx_modification_feature.modified_residue_id_linking_atom 
_pdbx_modification_feature.modified_residue_id 
_pdbx_modification_feature.ref_pcm_id 
_pdbx_modification_feature.ref_comp_id 
_pdbx_modification_feature.type 
_pdbx_modification_feature.category 
1 MSE A 14  ? . . . . MSE A 11  ? 1_555 . . . . . . . MET 1 MSE Selenomethionine 'Named protein modification' 
2 MSE A 74  ? . . . . MSE A 71  ? 1_555 . . . . . . . MET 1 MSE Selenomethionine 'Named protein modification' 
3 MSE A 78  ? . . . . MSE A 75  ? 1_555 . . . . . . . MET 1 MSE Selenomethionine 'Named protein modification' 
4 MSE A 118 ? . . . . MSE A 115 ? 1_555 . . . . . . . MET 1 MSE Selenomethionine 'Named protein modification' 
# 
_struct_mon_prot_cis.pdbx_id                1 
_struct_mon_prot_cis.label_comp_id          GLY 
_struct_mon_prot_cis.label_seq_id           139 
_struct_mon_prot_cis.label_asym_id          A 
_struct_mon_prot_cis.label_alt_id           . 
_struct_mon_prot_cis.pdbx_PDB_ins_code      ? 
_struct_mon_prot_cis.auth_comp_id           GLY 
_struct_mon_prot_cis.auth_seq_id            136 
_struct_mon_prot_cis.auth_asym_id           A 
_struct_mon_prot_cis.pdbx_label_comp_id_2   GLY 
_struct_mon_prot_cis.pdbx_label_seq_id_2    140 
_struct_mon_prot_cis.pdbx_label_asym_id_2   A 
_struct_mon_prot_cis.pdbx_PDB_ins_code_2    ? 
_struct_mon_prot_cis.pdbx_auth_comp_id_2    GLY 
_struct_mon_prot_cis.pdbx_auth_seq_id_2     137 
_struct_mon_prot_cis.pdbx_auth_asym_id_2    A 
_struct_mon_prot_cis.pdbx_PDB_model_num     1 
_struct_mon_prot_cis.pdbx_omega_angle       -24.33 
# 
loop_
_struct_sheet.id 
_struct_sheet.type 
_struct_sheet.number_strands 
_struct_sheet.details 
A ? 5 ? 
B ? 2 ? 
# 
loop_
_struct_sheet_order.sheet_id 
_struct_sheet_order.range_id_1 
_struct_sheet_order.range_id_2 
_struct_sheet_order.offset 
_struct_sheet_order.sense 
A 1 2 ? parallel      
A 2 3 ? anti-parallel 
A 3 4 ? anti-parallel 
A 4 5 ? anti-parallel 
B 1 2 ? anti-parallel 
# 
loop_
_struct_sheet_range.sheet_id 
_struct_sheet_range.id 
_struct_sheet_range.beg_label_comp_id 
_struct_sheet_range.beg_label_asym_id 
_struct_sheet_range.beg_label_seq_id 
_struct_sheet_range.pdbx_beg_PDB_ins_code 
_struct_sheet_range.end_label_comp_id 
_struct_sheet_range.end_label_asym_id 
_struct_sheet_range.end_label_seq_id 
_struct_sheet_range.pdbx_end_PDB_ins_code 
_struct_sheet_range.beg_auth_comp_id 
_struct_sheet_range.beg_auth_asym_id 
_struct_sheet_range.beg_auth_seq_id 
_struct_sheet_range.end_auth_comp_id 
_struct_sheet_range.end_auth_asym_id 
_struct_sheet_range.end_auth_seq_id 
A 1 PHE A 103 ? LEU A 106 ? PHE A 100 LEU A 103 
A 2 ARG A 35  ? TYR A 41  ? ARG A 32  TYR A 38  
A 3 GLY A 117 ? PHE A 123 ? GLY A 114 PHE A 120 
A 4 LEU A 129 ? SER A 137 ? LEU A 126 SER A 134 
A 5 ILE A 143 ? THR A 145 ? ILE A 140 THR A 142 
B 1 LEU A 86  ? LEU A 89  ? LEU A 83  LEU A 86  
B 2 LYS A 93  ? PRO A 96  ? LYS A 90  PRO A 93  
# 
loop_
_pdbx_struct_sheet_hbond.sheet_id 
_pdbx_struct_sheet_hbond.range_id_1 
_pdbx_struct_sheet_hbond.range_id_2 
_pdbx_struct_sheet_hbond.range_1_label_atom_id 
_pdbx_struct_sheet_hbond.range_1_label_comp_id 
_pdbx_struct_sheet_hbond.range_1_label_asym_id 
_pdbx_struct_sheet_hbond.range_1_label_seq_id 
_pdbx_struct_sheet_hbond.range_1_PDB_ins_code 
_pdbx_struct_sheet_hbond.range_1_auth_atom_id 
_pdbx_struct_sheet_hbond.range_1_auth_comp_id 
_pdbx_struct_sheet_hbond.range_1_auth_asym_id 
_pdbx_struct_sheet_hbond.range_1_auth_seq_id 
_pdbx_struct_sheet_hbond.range_2_label_atom_id 
_pdbx_struct_sheet_hbond.range_2_label_comp_id 
_pdbx_struct_sheet_hbond.range_2_label_asym_id 
_pdbx_struct_sheet_hbond.range_2_label_seq_id 
_pdbx_struct_sheet_hbond.range_2_PDB_ins_code 
_pdbx_struct_sheet_hbond.range_2_auth_atom_id 
_pdbx_struct_sheet_hbond.range_2_auth_comp_id 
_pdbx_struct_sheet_hbond.range_2_auth_asym_id 
_pdbx_struct_sheet_hbond.range_2_auth_seq_id 
A 1 2 O LEU A 104 ? O LEU A 101 N LEU A 40  ? N LEU A 37  
A 2 3 N ARG A 35  ? N ARG A 32  O PHE A 123 ? O PHE A 120 
A 3 4 N ALA A 122 ? N ALA A 119 O LEU A 130 ? O LEU A 127 
A 4 5 N TYR A 136 ? N TYR A 133 O THR A 144 ? O THR A 141 
B 1 2 N LEU A 87  ? N LEU A 84  O ILE A 95  ? O ILE A 92  
# 
_struct_site.id                   AC1 
_struct_site.pdbx_evidence_code   Software 
_struct_site.pdbx_auth_asym_id    A 
_struct_site.pdbx_auth_comp_id    MG 
_struct_site.pdbx_auth_seq_id     149 
_struct_site.pdbx_auth_ins_code   ? 
_struct_site.pdbx_num_residues    6 
_struct_site.details              'BINDING SITE FOR RESIDUE MG A 149' 
# 
loop_
_struct_site_gen.id 
_struct_site_gen.site_id 
_struct_site_gen.pdbx_num_res 
_struct_site_gen.label_comp_id 
_struct_site_gen.label_asym_id 
_struct_site_gen.label_seq_id 
_struct_site_gen.pdbx_auth_ins_code 
_struct_site_gen.auth_comp_id 
_struct_site_gen.auth_asym_id 
_struct_site_gen.auth_seq_id 
_struct_site_gen.label_atom_id 
_struct_site_gen.label_alt_id 
_struct_site_gen.symmetry 
_struct_site_gen.details 
1 AC1 6 LEU A 82 ? LEU A 79 . ? 7_555 ? 
2 AC1 6 LEU A 82 ? LEU A 79 . ? 1_555 ? 
3 AC1 6 ASP A 83 ? ASP A 80 . ? 7_555 ? 
4 AC1 6 ASP A 83 ? ASP A 80 . ? 1_555 ? 
5 AC1 6 ASN A 85 ? ASN A 82 . ? 7_555 ? 
6 AC1 6 ASN A 85 ? ASN A 82 . ? 1_555 ? 
# 
_pdbx_entry_details.entry_id                   2IAF 
_pdbx_entry_details.compound_details           ? 
_pdbx_entry_details.source_details             ? 
_pdbx_entry_details.nonpolymer_details         ? 
_pdbx_entry_details.sequence_details           ? 
_pdbx_entry_details.has_ligand_of_interest     ? 
_pdbx_entry_details.has_protein_modification   Y 
# 
_pdbx_validate_close_contact.id               1 
_pdbx_validate_close_contact.PDB_model_num    1 
_pdbx_validate_close_contact.auth_atom_id_1   OD1 
_pdbx_validate_close_contact.auth_asym_id_1   A 
_pdbx_validate_close_contact.auth_comp_id_1   ASN 
_pdbx_validate_close_contact.auth_seq_id_1    85 
_pdbx_validate_close_contact.PDB_ins_code_1   ? 
_pdbx_validate_close_contact.label_alt_id_1   ? 
_pdbx_validate_close_contact.auth_atom_id_2   O 
_pdbx_validate_close_contact.auth_asym_id_2   A 
_pdbx_validate_close_contact.auth_comp_id_2   GLY 
_pdbx_validate_close_contact.auth_seq_id_2    88 
_pdbx_validate_close_contact.PDB_ins_code_2   ? 
_pdbx_validate_close_contact.label_alt_id_2   ? 
_pdbx_validate_close_contact.dist             2.17 
# 
loop_
_pdbx_validate_torsion.id 
_pdbx_validate_torsion.PDB_model_num 
_pdbx_validate_torsion.auth_comp_id 
_pdbx_validate_torsion.auth_asym_id 
_pdbx_validate_torsion.auth_seq_id 
_pdbx_validate_torsion.PDB_ins_code 
_pdbx_validate_torsion.label_alt_id 
_pdbx_validate_torsion.phi 
_pdbx_validate_torsion.psi 
1 1 THR A 7   ? ? -122.53 -51.99  
2 1 LYS A 89  ? ? 54.01   -108.74 
3 1 ASP A 147 ? ? -73.38  21.21   
# 
loop_
_pdbx_validate_peptide_omega.id 
_pdbx_validate_peptide_omega.PDB_model_num 
_pdbx_validate_peptide_omega.auth_comp_id_1 
_pdbx_validate_peptide_omega.auth_asym_id_1 
_pdbx_validate_peptide_omega.auth_seq_id_1 
_pdbx_validate_peptide_omega.PDB_ins_code_1 
_pdbx_validate_peptide_omega.label_alt_id_1 
_pdbx_validate_peptide_omega.auth_comp_id_2 
_pdbx_validate_peptide_omega.auth_asym_id_2 
_pdbx_validate_peptide_omega.auth_seq_id_2 
_pdbx_validate_peptide_omega.PDB_ins_code_2 
_pdbx_validate_peptide_omega.label_alt_id_2 
_pdbx_validate_peptide_omega.omega 
1 1 SER A 4   ? ? SER A 5   ? ? 43.93  
2 1 SER A 5   ? ? HIS A 6   ? ? 144.31 
3 1 GLY A 88  ? ? LYS A 89  ? ? 110.29 
4 1 ILE A 135 ? ? GLY A 136 ? ? 130.64 
# 
_pdbx_SG_project.id                    1 
_pdbx_SG_project.project_name          'PSI, Protein Structure Initiative' 
_pdbx_SG_project.full_name_of_center   'Midwest Center for Structural Genomics' 
_pdbx_SG_project.initial_of_center     MCSG 
# 
loop_
_pdbx_struct_mod_residue.id 
_pdbx_struct_mod_residue.label_asym_id 
_pdbx_struct_mod_residue.label_comp_id 
_pdbx_struct_mod_residue.label_seq_id 
_pdbx_struct_mod_residue.auth_asym_id 
_pdbx_struct_mod_residue.auth_comp_id 
_pdbx_struct_mod_residue.auth_seq_id 
_pdbx_struct_mod_residue.PDB_ins_code 
_pdbx_struct_mod_residue.parent_comp_id 
_pdbx_struct_mod_residue.details 
1 A MSE 14  A MSE 11  ? MET SELENOMETHIONINE 
2 A MSE 74  A MSE 71  ? MET SELENOMETHIONINE 
3 A MSE 78  A MSE 75  ? MET SELENOMETHIONINE 
4 A MSE 118 A MSE 115 ? MET SELENOMETHIONINE 
# 
loop_
_pdbx_struct_special_symmetry.id 
_pdbx_struct_special_symmetry.PDB_model_num 
_pdbx_struct_special_symmetry.auth_asym_id 
_pdbx_struct_special_symmetry.auth_comp_id 
_pdbx_struct_special_symmetry.auth_seq_id 
_pdbx_struct_special_symmetry.PDB_ins_code 
_pdbx_struct_special_symmetry.label_asym_id 
_pdbx_struct_special_symmetry.label_comp_id 
_pdbx_struct_special_symmetry.label_seq_id 
1 1 A MG  149 ? B MG  . 
2 1 A HOH 197 ? C HOH . 
3 1 A HOH 204 ? C HOH . 
# 
loop_
_pdbx_refine_tls.id 
_pdbx_refine_tls.details 
_pdbx_refine_tls.method 
_pdbx_refine_tls.origin_x 
_pdbx_refine_tls.origin_y 
_pdbx_refine_tls.origin_z 
_pdbx_refine_tls.T[1][1] 
_pdbx_refine_tls.T[2][2] 
_pdbx_refine_tls.T[3][3] 
_pdbx_refine_tls.T[1][2] 
_pdbx_refine_tls.T[1][3] 
_pdbx_refine_tls.T[2][3] 
_pdbx_refine_tls.L[1][1] 
_pdbx_refine_tls.L[2][2] 
_pdbx_refine_tls.L[3][3] 
_pdbx_refine_tls.L[1][2] 
_pdbx_refine_tls.L[1][3] 
_pdbx_refine_tls.L[2][3] 
_pdbx_refine_tls.S[1][1] 
_pdbx_refine_tls.S[1][2] 
_pdbx_refine_tls.S[1][3] 
_pdbx_refine_tls.S[2][1] 
_pdbx_refine_tls.S[2][2] 
_pdbx_refine_tls.S[2][3] 
_pdbx_refine_tls.S[3][1] 
_pdbx_refine_tls.S[3][2] 
_pdbx_refine_tls.S[3][3] 
_pdbx_refine_tls.pdbx_refine_id 
1  ? refined -0.3672 7.7990   -9.4581  0.1916  0.1160  0.0408  -0.1061 0.1592 0.0629  37.4659 22.0202 21.9599 -1.9418 -8.5377  -11.0568 -0.1953 1.9104  2.1140  -1.5362 0.1111  -0.9991 0.9737  -1.1051 0.0841  'X-RAY DIFFRACTION' 
2  ? refined 5.4675  -0.1164  -3.0363  0.2223  0.0409  0.1250  -0.0129 0.2343 -0.0336 9.3785  6.4373  3.3419  -1.0648 1.0316   -4.6329  -0.3115 0.2998  0.0505  -0.9210 -0.1637 -1.1054 0.8054  0.3110  0.4752  'X-RAY DIFFRACTION' 
3  ? refined 12.6699 -5.8297  5.0787   0.0818  0.0636  0.2864  0.2066  0.2024 0.0458  7.1093  9.1694  25.1215 -0.5189 4.1462   -14.7011 -0.1727 -0.0058 -0.2696 -0.7398 -0.4989 -1.1716 1.0851  1.3394  0.6716  'X-RAY DIFFRACTION' 
4  ? refined 3.7795  -10.9557 7.2489   0.3459  0.0038  0.0782  0.0687  0.1720 0.0280  7.3283  6.6917  4.6588  0.1605  -0.6002  -1.0898  -0.1836 -0.0263 -0.2835 -0.7365 -0.3037 -0.3845 1.1118  0.0494  0.4873  'X-RAY DIFFRACTION' 
5  ? refined -5.8839 7.4037   1.4398   0.0896  0.0912  0.1217  -0.1093 0.0624 -0.0322 3.1336  6.3625  2.2684  -2.6932 2.4089   -2.6291  -0.1564 0.0672  0.2669  -0.3450 0.0202  -0.1440 0.4378  -0.2559 0.1363  'X-RAY DIFFRACTION' 
6  ? refined -6.4968 0.5307   -6.3569  0.3693  0.0241  0.0453  -0.1043 0.0072 0.0024  4.3342  19.3978 4.7230  -9.1622 -1.2283  2.9562   -0.0274 0.1763  -0.3881 -1.2885 -0.0934 1.0022  0.2592  -0.2943 0.1207  'X-RAY DIFFRACTION' 
7  ? refined 3.6499  -5.2410  -7.9120  0.5209  -0.1118 -0.0474 -0.0112 0.2867 -0.0744 13.9794 9.7757  15.9438 3.4565  -9.7521  -11.4415 -0.1928 -0.0998 0.1028  -1.4432 0.0947  -0.9063 1.5309  0.2017  0.0981  'X-RAY DIFFRACTION' 
8  ? refined -3.6656 -5.5707  -12.6691 0.5690  -0.1116 -0.1876 -0.0793 0.0808 -0.1228 32.8064 1.1875  23.3197 5.5407  -17.6327 -4.8450  -0.7538 0.8308  1.4757  -1.5341 0.3543  -0.3138 2.2338  -0.1597 0.3994  'X-RAY DIFFRACTION' 
9  ? refined -4.9953 -11.4119 -3.7906  0.4821  -0.0790 -0.0598 -0.0649 0.0266 -0.0825 7.4261  2.3981  2.2890  2.0195  0.5392   -1.8930  -0.1361 0.0920  -0.4330 -0.7167 0.0346  -0.0849 0.5948  -0.0351 0.1016  'X-RAY DIFFRACTION' 
10 ? refined -5.9411 -8.5653  2.9941   0.3485  0.0198  -0.0139 -0.1320 0.0512 -0.0351 5.7792  6.6193  0.3791  -4.2149 0.4930   0.1044   0.2222  -0.0657 -0.0462 -0.8645 -0.0234 0.0316  0.3425  -0.1418 -0.1987 'X-RAY DIFFRACTION' 
11 ? refined -4.8329 11.4934  4.1324   -0.0173 0.0628  0.1604  -0.0850 0.0179 -0.0448 10.0836 5.5676  4.2815  2.5350  -3.7342  -2.1704  0.1094  -0.2358 0.5799  -0.2524 -0.0326 -0.1767 -0.0148 -0.1787 -0.0768 'X-RAY DIFFRACTION' 
12 ? refined 1.0497  -4.1091  10.5790  0.1489  0.0523  0.1165  -0.0397 0.0535 -0.0376 1.8826  0.1419  3.0790  -0.0616 0.7598   0.5980   -0.0187 -0.1814 0.0198  -0.1241 -0.0966 -0.5577 0.4451  0.3412  0.1154  'X-RAY DIFFRACTION' 
13 ? refined 5.3962  3.6288   6.5211   0.0323  0.0724  0.2191  -0.0621 0.0713 -0.0357 1.1311  4.7712  6.4117  -1.3751 0.8126   -4.7159  0.0170  -0.1989 0.3704  -0.2029 -0.1109 -0.5376 0.2632  0.2413  0.0939  'X-RAY DIFFRACTION' 
14 ? refined 6.2057  11.2663  -6.6500  0.1767  -0.0501 0.3440  -0.1054 0.1299 0.0831  15.9563 5.9987  28.8225 -9.6393 7.0278   -2.1203  -0.1024 0.8145  0.3172  -1.3055 -0.5087 0.0113  0.0057  0.6751  0.6112  'X-RAY DIFFRACTION' 
15 ? refined 10.8945 12.5866  3.9209   -0.1157 -0.0070 0.3997  -0.0425 0.0952 0.0315  14.1629 20.0866 13.7040 6.8803  2.5179   -3.3897  0.1384  -0.0767 0.5843  0.1347  -0.1861 -1.6291 0.1973  0.0458  0.0477  'X-RAY DIFFRACTION' 
# 
loop_
_pdbx_refine_tls_group.id 
_pdbx_refine_tls_group.refine_tls_id 
_pdbx_refine_tls_group.beg_auth_asym_id 
_pdbx_refine_tls_group.beg_auth_seq_id 
_pdbx_refine_tls_group.beg_label_asym_id 
_pdbx_refine_tls_group.beg_label_seq_id 
_pdbx_refine_tls_group.end_auth_asym_id 
_pdbx_refine_tls_group.end_auth_seq_id 
_pdbx_refine_tls_group.end_label_asym_id 
_pdbx_refine_tls_group.end_label_seq_id 
_pdbx_refine_tls_group.selection 
_pdbx_refine_tls_group.pdbx_refine_id 
_pdbx_refine_tls_group.selection_details 
1  1  A 4   A 7   A 9   A 12  ? 'X-RAY DIFFRACTION' ? 
2  2  A 10  A 13  A 18  A 21  ? 'X-RAY DIFFRACTION' ? 
3  3  A 19  A 22  A 26  A 29  ? 'X-RAY DIFFRACTION' ? 
4  4  A 27  A 30  A 33  A 36  ? 'X-RAY DIFFRACTION' ? 
5  5  A 34  A 37  A 44  A 47  ? 'X-RAY DIFFRACTION' ? 
6  6  A 45  A 48  A 57  A 60  ? 'X-RAY DIFFRACTION' ? 
7  7  A 58  A 61  A 63  A 66  ? 'X-RAY DIFFRACTION' ? 
8  8  A 64  A 67  A 74  A 77  ? 'X-RAY DIFFRACTION' ? 
9  9  A 75  A 78  A 89  A 92  ? 'X-RAY DIFFRACTION' ? 
10 10 A 90  A 93  A 100 A 103 ? 'X-RAY DIFFRACTION' ? 
11 11 A 101 A 104 A 114 A 117 ? 'X-RAY DIFFRACTION' ? 
12 12 A 115 A 118 A 126 A 129 ? 'X-RAY DIFFRACTION' ? 
13 13 A 127 A 130 A 133 A 136 ? 'X-RAY DIFFRACTION' ? 
14 14 A 134 A 137 A 140 A 143 ? 'X-RAY DIFFRACTION' ? 
15 15 A 141 A 144 A 148 A 151 ? 'X-RAY DIFFRACTION' ? 
# 
_pdbx_database_remark.id     300 
_pdbx_database_remark.text   
;BIOMOLECULE: 1
THIS ENTRY CONTAINS THE CRYSTALLOGRAPHIC ASYMMETRIC UNIT
WHICH CONSISTS OF 1 CHAIN(S). THE BIOLOGICAL UNIT IS
UNKNOWN.
;
# 
loop_
_pdbx_unobs_or_zero_occ_residues.id 
_pdbx_unobs_or_zero_occ_residues.PDB_model_num 
_pdbx_unobs_or_zero_occ_residues.polymer_flag 
_pdbx_unobs_or_zero_occ_residues.occupancy_flag 
_pdbx_unobs_or_zero_occ_residues.auth_asym_id 
_pdbx_unobs_or_zero_occ_residues.auth_comp_id 
_pdbx_unobs_or_zero_occ_residues.auth_seq_id 
_pdbx_unobs_or_zero_occ_residues.PDB_ins_code 
_pdbx_unobs_or_zero_occ_residues.label_asym_id 
_pdbx_unobs_or_zero_occ_residues.label_comp_id 
_pdbx_unobs_or_zero_occ_residues.label_seq_id 
1  1 Y 1 A ILE -2 ? A ILE 1  
2  1 Y 1 A GLY -1 ? A GLY 2  
3  1 Y 1 A ILE 0  ? A ILE 3  
4  1 Y 1 A GLY 1  ? A GLY 4  
5  1 Y 1 A PRO 2  ? A PRO 5  
6  1 Y 1 A SER 3  ? A SER 6  
7  1 Y 1 A THR 65 ? A THR 68 
8  1 Y 1 A VAL 66 ? A VAL 69 
9  1 Y 1 A ASP 67 ? A ASP 70 
10 1 Y 1 A PRO 68 ? A PRO 71 
11 1 Y 1 A ALA 69 ? A ALA 72 
# 
loop_
_chem_comp_atom.comp_id 
_chem_comp_atom.atom_id 
_chem_comp_atom.type_symbol 
_chem_comp_atom.pdbx_aromatic_flag 
_chem_comp_atom.pdbx_stereo_config 
_chem_comp_atom.pdbx_ordinal 
ALA N    N  N N 1   
ALA CA   C  N S 2   
ALA C    C  N N 3   
ALA O    O  N N 4   
ALA CB   C  N N 5   
ALA OXT  O  N N 6   
ALA H    H  N N 7   
ALA H2   H  N N 8   
ALA HA   H  N N 9   
ALA HB1  H  N N 10  
ALA HB2  H  N N 11  
ALA HB3  H  N N 12  
ALA HXT  H  N N 13  
ARG N    N  N N 14  
ARG CA   C  N S 15  
ARG C    C  N N 16  
ARG O    O  N N 17  
ARG CB   C  N N 18  
ARG CG   C  N N 19  
ARG CD   C  N N 20  
ARG NE   N  N N 21  
ARG CZ   C  N N 22  
ARG NH1  N  N N 23  
ARG NH2  N  N N 24  
ARG OXT  O  N N 25  
ARG H    H  N N 26  
ARG H2   H  N N 27  
ARG HA   H  N N 28  
ARG HB2  H  N N 29  
ARG HB3  H  N N 30  
ARG HG2  H  N N 31  
ARG HG3  H  N N 32  
ARG HD2  H  N N 33  
ARG HD3  H  N N 34  
ARG HE   H  N N 35  
ARG HH11 H  N N 36  
ARG HH12 H  N N 37  
ARG HH21 H  N N 38  
ARG HH22 H  N N 39  
ARG HXT  H  N N 40  
ASN N    N  N N 41  
ASN CA   C  N S 42  
ASN C    C  N N 43  
ASN O    O  N N 44  
ASN CB   C  N N 45  
ASN CG   C  N N 46  
ASN OD1  O  N N 47  
ASN ND2  N  N N 48  
ASN OXT  O  N N 49  
ASN H    H  N N 50  
ASN H2   H  N N 51  
ASN HA   H  N N 52  
ASN HB2  H  N N 53  
ASN HB3  H  N N 54  
ASN HD21 H  N N 55  
ASN HD22 H  N N 56  
ASN HXT  H  N N 57  
ASP N    N  N N 58  
ASP CA   C  N S 59  
ASP C    C  N N 60  
ASP O    O  N N 61  
ASP CB   C  N N 62  
ASP CG   C  N N 63  
ASP OD1  O  N N 64  
ASP OD2  O  N N 65  
ASP OXT  O  N N 66  
ASP H    H  N N 67  
ASP H2   H  N N 68  
ASP HA   H  N N 69  
ASP HB2  H  N N 70  
ASP HB3  H  N N 71  
ASP HD2  H  N N 72  
ASP HXT  H  N N 73  
GLN N    N  N N 74  
GLN CA   C  N S 75  
GLN C    C  N N 76  
GLN O    O  N N 77  
GLN CB   C  N N 78  
GLN CG   C  N N 79  
GLN CD   C  N N 80  
GLN OE1  O  N N 81  
GLN NE2  N  N N 82  
GLN OXT  O  N N 83  
GLN H    H  N N 84  
GLN H2   H  N N 85  
GLN HA   H  N N 86  
GLN HB2  H  N N 87  
GLN HB3  H  N N 88  
GLN HG2  H  N N 89  
GLN HG3  H  N N 90  
GLN HE21 H  N N 91  
GLN HE22 H  N N 92  
GLN HXT  H  N N 93  
GLU N    N  N N 94  
GLU CA   C  N S 95  
GLU C    C  N N 96  
GLU O    O  N N 97  
GLU CB   C  N N 98  
GLU CG   C  N N 99  
GLU CD   C  N N 100 
GLU OE1  O  N N 101 
GLU OE2  O  N N 102 
GLU OXT  O  N N 103 
GLU H    H  N N 104 
GLU H2   H  N N 105 
GLU HA   H  N N 106 
GLU HB2  H  N N 107 
GLU HB3  H  N N 108 
GLU HG2  H  N N 109 
GLU HG3  H  N N 110 
GLU HE2  H  N N 111 
GLU HXT  H  N N 112 
GLY N    N  N N 113 
GLY CA   C  N N 114 
GLY C    C  N N 115 
GLY O    O  N N 116 
GLY OXT  O  N N 117 
GLY H    H  N N 118 
GLY H2   H  N N 119 
GLY HA2  H  N N 120 
GLY HA3  H  N N 121 
GLY HXT  H  N N 122 
HIS N    N  N N 123 
HIS CA   C  N S 124 
HIS C    C  N N 125 
HIS O    O  N N 126 
HIS CB   C  N N 127 
HIS CG   C  Y N 128 
HIS ND1  N  Y N 129 
HIS CD2  C  Y N 130 
HIS CE1  C  Y N 131 
HIS NE2  N  Y N 132 
HIS OXT  O  N N 133 
HIS H    H  N N 134 
HIS H2   H  N N 135 
HIS HA   H  N N 136 
HIS HB2  H  N N 137 
HIS HB3  H  N N 138 
HIS HD1  H  N N 139 
HIS HD2  H  N N 140 
HIS HE1  H  N N 141 
HIS HE2  H  N N 142 
HIS HXT  H  N N 143 
HOH O    O  N N 144 
HOH H1   H  N N 145 
HOH H2   H  N N 146 
ILE N    N  N N 147 
ILE CA   C  N S 148 
ILE C    C  N N 149 
ILE O    O  N N 150 
ILE CB   C  N S 151 
ILE CG1  C  N N 152 
ILE CG2  C  N N 153 
ILE CD1  C  N N 154 
ILE OXT  O  N N 155 
ILE H    H  N N 156 
ILE H2   H  N N 157 
ILE HA   H  N N 158 
ILE HB   H  N N 159 
ILE HG12 H  N N 160 
ILE HG13 H  N N 161 
ILE HG21 H  N N 162 
ILE HG22 H  N N 163 
ILE HG23 H  N N 164 
ILE HD11 H  N N 165 
ILE HD12 H  N N 166 
ILE HD13 H  N N 167 
ILE HXT  H  N N 168 
LEU N    N  N N 169 
LEU CA   C  N S 170 
LEU C    C  N N 171 
LEU O    O  N N 172 
LEU CB   C  N N 173 
LEU CG   C  N N 174 
LEU CD1  C  N N 175 
LEU CD2  C  N N 176 
LEU OXT  O  N N 177 
LEU H    H  N N 178 
LEU H2   H  N N 179 
LEU HA   H  N N 180 
LEU HB2  H  N N 181 
LEU HB3  H  N N 182 
LEU HG   H  N N 183 
LEU HD11 H  N N 184 
LEU HD12 H  N N 185 
LEU HD13 H  N N 186 
LEU HD21 H  N N 187 
LEU HD22 H  N N 188 
LEU HD23 H  N N 189 
LEU HXT  H  N N 190 
LYS N    N  N N 191 
LYS CA   C  N S 192 
LYS C    C  N N 193 
LYS O    O  N N 194 
LYS CB   C  N N 195 
LYS CG   C  N N 196 
LYS CD   C  N N 197 
LYS CE   C  N N 198 
LYS NZ   N  N N 199 
LYS OXT  O  N N 200 
LYS H    H  N N 201 
LYS H2   H  N N 202 
LYS HA   H  N N 203 
LYS HB2  H  N N 204 
LYS HB3  H  N N 205 
LYS HG2  H  N N 206 
LYS HG3  H  N N 207 
LYS HD2  H  N N 208 
LYS HD3  H  N N 209 
LYS HE2  H  N N 210 
LYS HE3  H  N N 211 
LYS HZ1  H  N N 212 
LYS HZ2  H  N N 213 
LYS HZ3  H  N N 214 
LYS HXT  H  N N 215 
MET N    N  N N 216 
MET CA   C  N S 217 
MET C    C  N N 218 
MET O    O  N N 219 
MET CB   C  N N 220 
MET CG   C  N N 221 
MET SD   S  N N 222 
MET CE   C  N N 223 
MET OXT  O  N N 224 
MET H    H  N N 225 
MET H2   H  N N 226 
MET HA   H  N N 227 
MET HB2  H  N N 228 
MET HB3  H  N N 229 
MET HG2  H  N N 230 
MET HG3  H  N N 231 
MET HE1  H  N N 232 
MET HE2  H  N N 233 
MET HE3  H  N N 234 
MET HXT  H  N N 235 
MG  MG   MG N N 236 
MSE N    N  N N 237 
MSE CA   C  N S 238 
MSE C    C  N N 239 
MSE O    O  N N 240 
MSE OXT  O  N N 241 
MSE CB   C  N N 242 
MSE CG   C  N N 243 
MSE SE   SE N N 244 
MSE CE   C  N N 245 
MSE H    H  N N 246 
MSE H2   H  N N 247 
MSE HA   H  N N 248 
MSE HXT  H  N N 249 
MSE HB2  H  N N 250 
MSE HB3  H  N N 251 
MSE HG2  H  N N 252 
MSE HG3  H  N N 253 
MSE HE1  H  N N 254 
MSE HE2  H  N N 255 
MSE HE3  H  N N 256 
PHE N    N  N N 257 
PHE CA   C  N S 258 
PHE C    C  N N 259 
PHE O    O  N N 260 
PHE CB   C  N N 261 
PHE CG   C  Y N 262 
PHE CD1  C  Y N 263 
PHE CD2  C  Y N 264 
PHE CE1  C  Y N 265 
PHE CE2  C  Y N 266 
PHE CZ   C  Y N 267 
PHE OXT  O  N N 268 
PHE H    H  N N 269 
PHE H2   H  N N 270 
PHE HA   H  N N 271 
PHE HB2  H  N N 272 
PHE HB3  H  N N 273 
PHE HD1  H  N N 274 
PHE HD2  H  N N 275 
PHE HE1  H  N N 276 
PHE HE2  H  N N 277 
PHE HZ   H  N N 278 
PHE HXT  H  N N 279 
PRO N    N  N N 280 
PRO CA   C  N S 281 
PRO C    C  N N 282 
PRO O    O  N N 283 
PRO CB   C  N N 284 
PRO CG   C  N N 285 
PRO CD   C  N N 286 
PRO OXT  O  N N 287 
PRO H    H  N N 288 
PRO HA   H  N N 289 
PRO HB2  H  N N 290 
PRO HB3  H  N N 291 
PRO HG2  H  N N 292 
PRO HG3  H  N N 293 
PRO HD2  H  N N 294 
PRO HD3  H  N N 295 
PRO HXT  H  N N 296 
SER N    N  N N 297 
SER CA   C  N S 298 
SER C    C  N N 299 
SER O    O  N N 300 
SER CB   C  N N 301 
SER OG   O  N N 302 
SER OXT  O  N N 303 
SER H    H  N N 304 
SER H2   H  N N 305 
SER HA   H  N N 306 
SER HB2  H  N N 307 
SER HB3  H  N N 308 
SER HG   H  N N 309 
SER HXT  H  N N 310 
THR N    N  N N 311 
THR CA   C  N S 312 
THR C    C  N N 313 
THR O    O  N N 314 
THR CB   C  N R 315 
THR OG1  O  N N 316 
THR CG2  C  N N 317 
THR OXT  O  N N 318 
THR H    H  N N 319 
THR H2   H  N N 320 
THR HA   H  N N 321 
THR HB   H  N N 322 
THR HG1  H  N N 323 
THR HG21 H  N N 324 
THR HG22 H  N N 325 
THR HG23 H  N N 326 
THR HXT  H  N N 327 
TYR N    N  N N 328 
TYR CA   C  N S 329 
TYR C    C  N N 330 
TYR O    O  N N 331 
TYR CB   C  N N 332 
TYR CG   C  Y N 333 
TYR CD1  C  Y N 334 
TYR CD2  C  Y N 335 
TYR CE1  C  Y N 336 
TYR CE2  C  Y N 337 
TYR CZ   C  Y N 338 
TYR OH   O  N N 339 
TYR OXT  O  N N 340 
TYR H    H  N N 341 
TYR H2   H  N N 342 
TYR HA   H  N N 343 
TYR HB2  H  N N 344 
TYR HB3  H  N N 345 
TYR HD1  H  N N 346 
TYR HD2  H  N N 347 
TYR HE1  H  N N 348 
TYR HE2  H  N N 349 
TYR HH   H  N N 350 
TYR HXT  H  N N 351 
VAL N    N  N N 352 
VAL CA   C  N S 353 
VAL C    C  N N 354 
VAL O    O  N N 355 
VAL CB   C  N N 356 
VAL CG1  C  N N 357 
VAL CG2  C  N N 358 
VAL OXT  O  N N 359 
VAL H    H  N N 360 
VAL H2   H  N N 361 
VAL HA   H  N N 362 
VAL HB   H  N N 363 
VAL HG11 H  N N 364 
VAL HG12 H  N N 365 
VAL HG13 H  N N 366 
VAL HG21 H  N N 367 
VAL HG22 H  N N 368 
VAL HG23 H  N N 369 
VAL HXT  H  N N 370 
# 
loop_
_chem_comp_bond.comp_id 
_chem_comp_bond.atom_id_1 
_chem_comp_bond.atom_id_2 
_chem_comp_bond.value_order 
_chem_comp_bond.pdbx_aromatic_flag 
_chem_comp_bond.pdbx_stereo_config 
_chem_comp_bond.pdbx_ordinal 
ALA N   CA   sing N N 1   
ALA N   H    sing N N 2   
ALA N   H2   sing N N 3   
ALA CA  C    sing N N 4   
ALA CA  CB   sing N N 5   
ALA CA  HA   sing N N 6   
ALA C   O    doub N N 7   
ALA C   OXT  sing N N 8   
ALA CB  HB1  sing N N 9   
ALA CB  HB2  sing N N 10  
ALA CB  HB3  sing N N 11  
ALA OXT HXT  sing N N 12  
ARG N   CA   sing N N 13  
ARG N   H    sing N N 14  
ARG N   H2   sing N N 15  
ARG CA  C    sing N N 16  
ARG CA  CB   sing N N 17  
ARG CA  HA   sing N N 18  
ARG C   O    doub N N 19  
ARG C   OXT  sing N N 20  
ARG CB  CG   sing N N 21  
ARG CB  HB2  sing N N 22  
ARG CB  HB3  sing N N 23  
ARG CG  CD   sing N N 24  
ARG CG  HG2  sing N N 25  
ARG CG  HG3  sing N N 26  
ARG CD  NE   sing N N 27  
ARG CD  HD2  sing N N 28  
ARG CD  HD3  sing N N 29  
ARG NE  CZ   sing N N 30  
ARG NE  HE   sing N N 31  
ARG CZ  NH1  sing N N 32  
ARG CZ  NH2  doub N N 33  
ARG NH1 HH11 sing N N 34  
ARG NH1 HH12 sing N N 35  
ARG NH2 HH21 sing N N 36  
ARG NH2 HH22 sing N N 37  
ARG OXT HXT  sing N N 38  
ASN N   CA   sing N N 39  
ASN N   H    sing N N 40  
ASN N   H2   sing N N 41  
ASN CA  C    sing N N 42  
ASN CA  CB   sing N N 43  
ASN CA  HA   sing N N 44  
ASN C   O    doub N N 45  
ASN C   OXT  sing N N 46  
ASN CB  CG   sing N N 47  
ASN CB  HB2  sing N N 48  
ASN CB  HB3  sing N N 49  
ASN CG  OD1  doub N N 50  
ASN CG  ND2  sing N N 51  
ASN ND2 HD21 sing N N 52  
ASN ND2 HD22 sing N N 53  
ASN OXT HXT  sing N N 54  
ASP N   CA   sing N N 55  
ASP N   H    sing N N 56  
ASP N   H2   sing N N 57  
ASP CA  C    sing N N 58  
ASP CA  CB   sing N N 59  
ASP CA  HA   sing N N 60  
ASP C   O    doub N N 61  
ASP C   OXT  sing N N 62  
ASP CB  CG   sing N N 63  
ASP CB  HB2  sing N N 64  
ASP CB  HB3  sing N N 65  
ASP CG  OD1  doub N N 66  
ASP CG  OD2  sing N N 67  
ASP OD2 HD2  sing N N 68  
ASP OXT HXT  sing N N 69  
GLN N   CA   sing N N 70  
GLN N   H    sing N N 71  
GLN N   H2   sing N N 72  
GLN CA  C    sing N N 73  
GLN CA  CB   sing N N 74  
GLN CA  HA   sing N N 75  
GLN C   O    doub N N 76  
GLN C   OXT  sing N N 77  
GLN CB  CG   sing N N 78  
GLN CB  HB2  sing N N 79  
GLN CB  HB3  sing N N 80  
GLN CG  CD   sing N N 81  
GLN CG  HG2  sing N N 82  
GLN CG  HG3  sing N N 83  
GLN CD  OE1  doub N N 84  
GLN CD  NE2  sing N N 85  
GLN NE2 HE21 sing N N 86  
GLN NE2 HE22 sing N N 87  
GLN OXT HXT  sing N N 88  
GLU N   CA   sing N N 89  
GLU N   H    sing N N 90  
GLU N   H2   sing N N 91  
GLU CA  C    sing N N 92  
GLU CA  CB   sing N N 93  
GLU CA  HA   sing N N 94  
GLU C   O    doub N N 95  
GLU C   OXT  sing N N 96  
GLU CB  CG   sing N N 97  
GLU CB  HB2  sing N N 98  
GLU CB  HB3  sing N N 99  
GLU CG  CD   sing N N 100 
GLU CG  HG2  sing N N 101 
GLU CG  HG3  sing N N 102 
GLU CD  OE1  doub N N 103 
GLU CD  OE2  sing N N 104 
GLU OE2 HE2  sing N N 105 
GLU OXT HXT  sing N N 106 
GLY N   CA   sing N N 107 
GLY N   H    sing N N 108 
GLY N   H2   sing N N 109 
GLY CA  C    sing N N 110 
GLY CA  HA2  sing N N 111 
GLY CA  HA3  sing N N 112 
GLY C   O    doub N N 113 
GLY C   OXT  sing N N 114 
GLY OXT HXT  sing N N 115 
HIS N   CA   sing N N 116 
HIS N   H    sing N N 117 
HIS N   H2   sing N N 118 
HIS CA  C    sing N N 119 
HIS CA  CB   sing N N 120 
HIS CA  HA   sing N N 121 
HIS C   O    doub N N 122 
HIS C   OXT  sing N N 123 
HIS CB  CG   sing N N 124 
HIS CB  HB2  sing N N 125 
HIS CB  HB3  sing N N 126 
HIS CG  ND1  sing Y N 127 
HIS CG  CD2  doub Y N 128 
HIS ND1 CE1  doub Y N 129 
HIS ND1 HD1  sing N N 130 
HIS CD2 NE2  sing Y N 131 
HIS CD2 HD2  sing N N 132 
HIS CE1 NE2  sing Y N 133 
HIS CE1 HE1  sing N N 134 
HIS NE2 HE2  sing N N 135 
HIS OXT HXT  sing N N 136 
HOH O   H1   sing N N 137 
HOH O   H2   sing N N 138 
ILE N   CA   sing N N 139 
ILE N   H    sing N N 140 
ILE N   H2   sing N N 141 
ILE CA  C    sing N N 142 
ILE CA  CB   sing N N 143 
ILE CA  HA   sing N N 144 
ILE C   O    doub N N 145 
ILE C   OXT  sing N N 146 
ILE CB  CG1  sing N N 147 
ILE CB  CG2  sing N N 148 
ILE CB  HB   sing N N 149 
ILE CG1 CD1  sing N N 150 
ILE CG1 HG12 sing N N 151 
ILE CG1 HG13 sing N N 152 
ILE CG2 HG21 sing N N 153 
ILE CG2 HG22 sing N N 154 
ILE CG2 HG23 sing N N 155 
ILE CD1 HD11 sing N N 156 
ILE CD1 HD12 sing N N 157 
ILE CD1 HD13 sing N N 158 
ILE OXT HXT  sing N N 159 
LEU N   CA   sing N N 160 
LEU N   H    sing N N 161 
LEU N   H2   sing N N 162 
LEU CA  C    sing N N 163 
LEU CA  CB   sing N N 164 
LEU CA  HA   sing N N 165 
LEU C   O    doub N N 166 
LEU C   OXT  sing N N 167 
LEU CB  CG   sing N N 168 
LEU CB  HB2  sing N N 169 
LEU CB  HB3  sing N N 170 
LEU CG  CD1  sing N N 171 
LEU CG  CD2  sing N N 172 
LEU CG  HG   sing N N 173 
LEU CD1 HD11 sing N N 174 
LEU CD1 HD12 sing N N 175 
LEU CD1 HD13 sing N N 176 
LEU CD2 HD21 sing N N 177 
LEU CD2 HD22 sing N N 178 
LEU CD2 HD23 sing N N 179 
LEU OXT HXT  sing N N 180 
LYS N   CA   sing N N 181 
LYS N   H    sing N N 182 
LYS N   H2   sing N N 183 
LYS CA  C    sing N N 184 
LYS CA  CB   sing N N 185 
LYS CA  HA   sing N N 186 
LYS C   O    doub N N 187 
LYS C   OXT  sing N N 188 
LYS CB  CG   sing N N 189 
LYS CB  HB2  sing N N 190 
LYS CB  HB3  sing N N 191 
LYS CG  CD   sing N N 192 
LYS CG  HG2  sing N N 193 
LYS CG  HG3  sing N N 194 
LYS CD  CE   sing N N 195 
LYS CD  HD2  sing N N 196 
LYS CD  HD3  sing N N 197 
LYS CE  NZ   sing N N 198 
LYS CE  HE2  sing N N 199 
LYS CE  HE3  sing N N 200 
LYS NZ  HZ1  sing N N 201 
LYS NZ  HZ2  sing N N 202 
LYS NZ  HZ3  sing N N 203 
LYS OXT HXT  sing N N 204 
MET N   CA   sing N N 205 
MET N   H    sing N N 206 
MET N   H2   sing N N 207 
MET CA  C    sing N N 208 
MET CA  CB   sing N N 209 
MET CA  HA   sing N N 210 
MET C   O    doub N N 211 
MET C   OXT  sing N N 212 
MET CB  CG   sing N N 213 
MET CB  HB2  sing N N 214 
MET CB  HB3  sing N N 215 
MET CG  SD   sing N N 216 
MET CG  HG2  sing N N 217 
MET CG  HG3  sing N N 218 
MET SD  CE   sing N N 219 
MET CE  HE1  sing N N 220 
MET CE  HE2  sing N N 221 
MET CE  HE3  sing N N 222 
MET OXT HXT  sing N N 223 
MSE N   CA   sing N N 224 
MSE N   H    sing N N 225 
MSE N   H2   sing N N 226 
MSE CA  C    sing N N 227 
MSE CA  CB   sing N N 228 
MSE CA  HA   sing N N 229 
MSE C   O    doub N N 230 
MSE C   OXT  sing N N 231 
MSE OXT HXT  sing N N 232 
MSE CB  CG   sing N N 233 
MSE CB  HB2  sing N N 234 
MSE CB  HB3  sing N N 235 
MSE CG  SE   sing N N 236 
MSE CG  HG2  sing N N 237 
MSE CG  HG3  sing N N 238 
MSE SE  CE   sing N N 239 
MSE CE  HE1  sing N N 240 
MSE CE  HE2  sing N N 241 
MSE CE  HE3  sing N N 242 
PHE N   CA   sing N N 243 
PHE N   H    sing N N 244 
PHE N   H2   sing N N 245 
PHE CA  C    sing N N 246 
PHE CA  CB   sing N N 247 
PHE CA  HA   sing N N 248 
PHE C   O    doub N N 249 
PHE C   OXT  sing N N 250 
PHE CB  CG   sing N N 251 
PHE CB  HB2  sing N N 252 
PHE CB  HB3  sing N N 253 
PHE CG  CD1  doub Y N 254 
PHE CG  CD2  sing Y N 255 
PHE CD1 CE1  sing Y N 256 
PHE CD1 HD1  sing N N 257 
PHE CD2 CE2  doub Y N 258 
PHE CD2 HD2  sing N N 259 
PHE CE1 CZ   doub Y N 260 
PHE CE1 HE1  sing N N 261 
PHE CE2 CZ   sing Y N 262 
PHE CE2 HE2  sing N N 263 
PHE CZ  HZ   sing N N 264 
PHE OXT HXT  sing N N 265 
PRO N   CA   sing N N 266 
PRO N   CD   sing N N 267 
PRO N   H    sing N N 268 
PRO CA  C    sing N N 269 
PRO CA  CB   sing N N 270 
PRO CA  HA   sing N N 271 
PRO C   O    doub N N 272 
PRO C   OXT  sing N N 273 
PRO CB  CG   sing N N 274 
PRO CB  HB2  sing N N 275 
PRO CB  HB3  sing N N 276 
PRO CG  CD   sing N N 277 
PRO CG  HG2  sing N N 278 
PRO CG  HG3  sing N N 279 
PRO CD  HD2  sing N N 280 
PRO CD  HD3  sing N N 281 
PRO OXT HXT  sing N N 282 
SER N   CA   sing N N 283 
SER N   H    sing N N 284 
SER N   H2   sing N N 285 
SER CA  C    sing N N 286 
SER CA  CB   sing N N 287 
SER CA  HA   sing N N 288 
SER C   O    doub N N 289 
SER C   OXT  sing N N 290 
SER CB  OG   sing N N 291 
SER CB  HB2  sing N N 292 
SER CB  HB3  sing N N 293 
SER OG  HG   sing N N 294 
SER OXT HXT  sing N N 295 
THR N   CA   sing N N 296 
THR N   H    sing N N 297 
THR N   H2   sing N N 298 
THR CA  C    sing N N 299 
THR CA  CB   sing N N 300 
THR CA  HA   sing N N 301 
THR C   O    doub N N 302 
THR C   OXT  sing N N 303 
THR CB  OG1  sing N N 304 
THR CB  CG2  sing N N 305 
THR CB  HB   sing N N 306 
THR OG1 HG1  sing N N 307 
THR CG2 HG21 sing N N 308 
THR CG2 HG22 sing N N 309 
THR CG2 HG23 sing N N 310 
THR OXT HXT  sing N N 311 
TYR N   CA   sing N N 312 
TYR N   H    sing N N 313 
TYR N   H2   sing N N 314 
TYR CA  C    sing N N 315 
TYR CA  CB   sing N N 316 
TYR CA  HA   sing N N 317 
TYR C   O    doub N N 318 
TYR C   OXT  sing N N 319 
TYR CB  CG   sing N N 320 
TYR CB  HB2  sing N N 321 
TYR CB  HB3  sing N N 322 
TYR CG  CD1  doub Y N 323 
TYR CG  CD2  sing Y N 324 
TYR CD1 CE1  sing Y N 325 
TYR CD1 HD1  sing N N 326 
TYR CD2 CE2  doub Y N 327 
TYR CD2 HD2  sing N N 328 
TYR CE1 CZ   doub Y N 329 
TYR CE1 HE1  sing N N 330 
TYR CE2 CZ   sing Y N 331 
TYR CE2 HE2  sing N N 332 
TYR CZ  OH   sing N N 333 
TYR OH  HH   sing N N 334 
TYR OXT HXT  sing N N 335 
VAL N   CA   sing N N 336 
VAL N   H    sing N N 337 
VAL N   H2   sing N N 338 
VAL CA  C    sing N N 339 
VAL CA  CB   sing N N 340 
VAL CA  HA   sing N N 341 
VAL C   O    doub N N 342 
VAL C   OXT  sing N N 343 
VAL CB  CG1  sing N N 344 
VAL CB  CG2  sing N N 345 
VAL CB  HB   sing N N 346 
VAL CG1 HG11 sing N N 347 
VAL CG1 HG12 sing N N 348 
VAL CG1 HG13 sing N N 349 
VAL CG2 HG21 sing N N 350 
VAL CG2 HG22 sing N N 351 
VAL CG2 HG23 sing N N 352 
VAL OXT HXT  sing N N 353 
# 
_atom_sites.entry_id                    2IAF 
_atom_sites.fract_transf_matrix[1][1]   0.00863243 
_atom_sites.fract_transf_matrix[1][2]   -0.01048508 
_atom_sites.fract_transf_matrix[1][3]   -0.01143765 
_atom_sites.fract_transf_matrix[2][1]   0.00018910 
_atom_sites.fract_transf_matrix[2][2]   0.00966359 
_atom_sites.fract_transf_matrix[2][3]   -0.00871605 
_atom_sites.fract_transf_matrix[3][1]   0.00808038 
_atom_sites.fract_transf_matrix[3][2]   0.00292445 
_atom_sites.fract_transf_matrix[3][3]   0.00341768 
_atom_sites.fract_transf_vector[1]      0.229995 
_atom_sites.fract_transf_vector[2]      0.318697 
_atom_sites.fract_transf_vector[3]      0.149972 
# 
loop_
_atom_type.symbol 
C  
MG 
N  
O  
SE 
# 
loop_
_atom_site.group_PDB 
_atom_site.id 
_atom_site.type_symbol 
_atom_site.label_atom_id 
_atom_site.label_alt_id 
_atom_site.label_comp_id 
_atom_site.label_asym_id 
_atom_site.label_entity_id 
_atom_site.label_seq_id 
_atom_site.pdbx_PDB_ins_code 
_atom_site.Cartn_x 
_atom_site.Cartn_y 
_atom_site.Cartn_z 
_atom_site.occupancy 
_atom_site.B_iso_or_equiv 
_atom_site.pdbx_formal_charge 
_atom_site.auth_seq_id 
_atom_site.auth_comp_id 
_atom_site.auth_asym_id 
_atom_site.auth_atom_id 
_atom_site.pdbx_PDB_model_num 
ATOM   1    N  N   . SER A 1 7   ? -1.086  8.136   -12.257 1.00 62.42 ? 4   SER A N   1 
ATOM   2    C  CA  . SER A 1 7   ? -0.972  9.580   -12.588 1.00 62.63 ? 4   SER A CA  1 
ATOM   3    C  C   . SER A 1 7   ? 0.385   10.187  -12.158 1.00 62.68 ? 4   SER A C   1 
ATOM   4    O  O   . SER A 1 7   ? 1.254   10.427  -13.024 1.00 62.94 ? 4   SER A O   1 
ATOM   5    C  CB  . SER A 1 7   ? -2.143  10.405  -11.996 1.00 62.96 ? 4   SER A CB  1 
ATOM   6    O  OG  . SER A 1 7   ? -3.414  9.807   -12.222 1.00 62.75 ? 4   SER A OG  1 
ATOM   7    N  N   . SER A 1 8   ? 0.647   10.303  -10.848 1.00 61.74 ? 5   SER A N   1 
ATOM   8    C  CA  . SER A 1 8   ? 0.363   9.244   -9.890  1.00 61.33 ? 5   SER A CA  1 
ATOM   9    C  C   . SER A 1 8   ? -0.610  9.405   -8.691  1.00 59.94 ? 5   SER A C   1 
ATOM   10   O  O   . SER A 1 8   ? -0.241  9.743   -7.523  1.00 60.02 ? 5   SER A O   1 
ATOM   11   C  CB  . SER A 1 8   ? 1.676   8.699   -9.382  1.00 61.46 ? 5   SER A CB  1 
ATOM   12   O  OG  . SER A 1 8   ? 2.353   9.686   -8.634  1.00 64.65 ? 5   SER A OG  1 
ATOM   13   N  N   . HIS A 1 9   ? -1.857  9.114   -9.012  1.00 57.17 ? 6   HIS A N   1 
ATOM   14   C  CA  . HIS A 1 9   ? -2.704  8.474   -8.063  1.00 54.83 ? 6   HIS A CA  1 
ATOM   15   C  C   . HIS A 1 9   ? -2.680  6.973   -8.430  1.00 52.36 ? 6   HIS A C   1 
ATOM   16   O  O   . HIS A 1 9   ? -3.346  6.172   -7.811  1.00 51.57 ? 6   HIS A O   1 
ATOM   17   C  CB  . HIS A 1 9   ? -4.065  9.170   -7.993  1.00 54.91 ? 6   HIS A CB  1 
ATOM   18   C  CG  . HIS A 1 9   ? -3.975  10.560  -7.419  1.00 55.26 ? 6   HIS A CG  1 
ATOM   19   N  ND1 . HIS A 1 9   ? -5.041  11.200  -6.822  1.00 54.84 ? 6   HIS A ND1 1 
ATOM   20   C  CD2 . HIS A 1 9   ? -2.930  11.427  -7.344  1.00 54.26 ? 6   HIS A CD2 1 
ATOM   21   C  CE1 . HIS A 1 9   ? -4.663  12.402  -6.417  1.00 54.02 ? 6   HIS A CE1 1 
ATOM   22   N  NE2 . HIS A 1 9   ? -3.385  12.561  -6.716  1.00 54.92 ? 6   HIS A NE2 1 
ATOM   23   N  N   . THR A 1 10  ? -1.839  6.625   -9.407  1.00 49.39 ? 7   THR A N   1 
ATOM   24   C  CA  . THR A 1 10  ? -1.523  5.226   -9.685  1.00 47.05 ? 7   THR A CA  1 
ATOM   25   C  C   . THR A 1 10  ? -0.020  4.882   -9.606  1.00 44.62 ? 7   THR A C   1 
ATOM   26   O  O   . THR A 1 10  ? 0.334   3.956   -8.881  1.00 44.38 ? 7   THR A O   1 
ATOM   27   C  CB  . THR A 1 10  ? -2.159  4.693   -10.997 1.00 46.72 ? 7   THR A CB  1 
ATOM   28   O  OG1 . THR A 1 10  ? -1.349  5.070   -12.096 1.00 49.01 ? 7   THR A OG1 1 
ATOM   29   C  CG2 . THR A 1 10  ? -3.564  5.247   -11.208 1.00 47.24 ? 7   THR A CG2 1 
ATOM   30   N  N   . VAL A 1 11  ? 0.848   5.626   -10.305 1.00 42.25 ? 8   VAL A N   1 
ATOM   31   C  CA  . VAL A 1 11  ? 2.280   5.302   -10.414 1.00 39.76 ? 8   VAL A CA  1 
ATOM   32   C  C   . VAL A 1 11  ? 2.967   5.415   -9.038  1.00 38.11 ? 8   VAL A C   1 
ATOM   33   O  O   . VAL A 1 11  ? 3.610   4.483   -8.583  1.00 38.58 ? 8   VAL A O   1 
ATOM   34   C  CB  . VAL A 1 11  ? 3.041   6.200   -11.457 1.00 39.13 ? 8   VAL A CB  1 
ATOM   35   C  CG1 . VAL A 1 11  ? 4.552   6.027   -11.339 1.00 40.24 ? 8   VAL A CG1 1 
ATOM   36   C  CG2 . VAL A 1 11  ? 2.597   5.936   -12.916 1.00 39.46 ? 8   VAL A CG2 1 
ATOM   37   N  N   . GLY A 1 12  ? 2.862   6.567   -8.387  1.00 36.84 ? 9   GLY A N   1 
ATOM   38   C  CA  . GLY A 1 12  ? 3.476   6.781   -7.055  1.00 35.17 ? 9   GLY A CA  1 
ATOM   39   C  C   . GLY A 1 12  ? 2.981   5.718   -6.051  1.00 34.73 ? 9   GLY A C   1 
ATOM   40   O  O   . GLY A 1 12  ? 3.823   5.087   -5.360  1.00 35.26 ? 9   GLY A O   1 
ATOM   41   N  N   . PRO A 1 13  ? 1.638   5.557   -5.906  1.00 33.00 ? 10  PRO A N   1 
ATOM   42   C  CA  . PRO A 1 13  ? 1.130   4.489   -5.000  1.00 33.70 ? 10  PRO A CA  1 
ATOM   43   C  C   . PRO A 1 13  ? 1.720   3.095   -5.283  1.00 34.74 ? 10  PRO A C   1 
ATOM   44   O  O   . PRO A 1 13  ? 2.144   2.416   -4.335  1.00 33.99 ? 10  PRO A O   1 
ATOM   45   C  CB  . PRO A 1 13  ? -0.411  4.552   -5.170  1.00 32.97 ? 10  PRO A CB  1 
ATOM   46   C  CG  . PRO A 1 13  ? -0.612  6.087   -5.381  1.00 31.74 ? 10  PRO A CG  1 
ATOM   47   C  CD  . PRO A 1 13  ? 0.524   6.357   -6.438  1.00 32.29 ? 10  PRO A CD  1 
HETATM 48   N  N   . MSE A 1 14  ? 1.801   2.705   -6.559  1.00 35.20 ? 11  MSE A N   1 
HETATM 49   C  CA  . MSE A 1 14  ? 2.401   1.444   -6.890  1.00 38.81 ? 11  MSE A CA  1 
HETATM 50   C  C   . MSE A 1 14  ? 3.854   1.349   -6.423  1.00 36.41 ? 11  MSE A C   1 
HETATM 51   O  O   . MSE A 1 14  ? 4.256   0.316   -5.873  1.00 36.54 ? 11  MSE A O   1 
HETATM 52   C  CB  . MSE A 1 14  ? 2.264   1.147   -8.385  1.00 37.33 ? 11  MSE A CB  1 
HETATM 53   C  CG  . MSE A 1 14  ? 2.458   -0.284  -8.715  1.00 41.60 ? 11  MSE A CG  1 
HETATM 54   SE SE  . MSE A 1 14  ? 2.007   -0.670  -10.598 1.00 52.44 ? 11  MSE A SE  1 
HETATM 55   C  CE  . MSE A 1 14  ? 0.690   0.787   -10.939 1.00 45.78 ? 11  MSE A CE  1 
ATOM   56   N  N   . LEU A 1 15  ? 4.637   2.417   -6.641  1.00 35.17 ? 12  LEU A N   1 
ATOM   57   C  CA  . LEU A 1 15  ? 6.031   2.479   -6.223  1.00 33.45 ? 12  LEU A CA  1 
ATOM   58   C  C   . LEU A 1 15  ? 6.203   2.435   -4.706  1.00 32.97 ? 12  LEU A C   1 
ATOM   59   O  O   . LEU A 1 15  ? 7.171   1.867   -4.206  1.00 33.45 ? 12  LEU A O   1 
ATOM   60   C  CB  . LEU A 1 15  ? 6.727   3.761   -6.774  1.00 33.05 ? 12  LEU A CB  1 
ATOM   61   C  CG  . LEU A 1 15  ? 6.983   3.826   -8.277  1.00 32.83 ? 12  LEU A CG  1 
ATOM   62   C  CD1 . LEU A 1 15  ? 7.533   5.214   -8.735  1.00 33.08 ? 12  LEU A CD1 1 
ATOM   63   C  CD2 . LEU A 1 15  ? 7.935   2.704   -8.676  1.00 32.51 ? 12  LEU A CD2 1 
ATOM   64   N  N   . ALA A 1 16  ? 5.282   3.061   -3.978  1.00 30.98 ? 13  ALA A N   1 
ATOM   65   C  CA  . ALA A 1 16  ? 5.278   2.999   -2.530  1.00 30.43 ? 13  ALA A CA  1 
ATOM   66   C  C   . ALA A 1 16  ? 5.050   1.539   -2.062  1.00 30.52 ? 13  ALA A C   1 
ATOM   67   O  O   . ALA A 1 16  ? 5.713   1.086   -1.157  1.00 30.86 ? 13  ALA A O   1 
ATOM   68   C  CB  . ALA A 1 16  ? 4.187   3.985   -1.921  1.00 29.08 ? 13  ALA A CB  1 
ATOM   69   N  N   . ALA A 1 17  ? 4.142   0.815   -2.699  1.00 30.87 ? 14  ALA A N   1 
ATOM   70   C  CA  . ALA A 1 17  ? 3.887   -0.611  -2.372  1.00 31.90 ? 14  ALA A CA  1 
ATOM   71   C  C   . ALA A 1 17  ? 5.151   -1.472  -2.615  1.00 32.63 ? 14  ALA A C   1 
ATOM   72   O  O   . ALA A 1 17  ? 5.525   -2.315  -1.788  1.00 33.79 ? 14  ALA A O   1 
ATOM   73   C  CB  . ALA A 1 17  ? 2.768   -1.107  -3.208  1.00 30.88 ? 14  ALA A CB  1 
ATOM   74   N  N   . ASN A 1 18  ? 5.840   -1.201  -3.719  1.00 33.45 ? 15  ASN A N   1 
ATOM   75   C  CA  . ASN A 1 18  ? 7.081   -1.881  -4.067  1.00 33.35 ? 15  ASN A CA  1 
ATOM   76   C  C   . ASN A 1 18  ? 8.139   -1.616  -3.019  1.00 33.48 ? 15  ASN A C   1 
ATOM   77   O  O   . ASN A 1 18  ? 8.768   -2.548  -2.528  1.00 34.77 ? 15  ASN A O   1 
ATOM   78   C  CB  . ASN A 1 18  ? 7.628   -1.387  -5.394  1.00 33.37 ? 15  ASN A CB  1 
ATOM   79   C  CG  . ASN A 1 18  ? 6.813   -1.807  -6.573  1.00 34.29 ? 15  ASN A CG  1 
ATOM   80   O  OD1 . ASN A 1 18  ? 6.962   -1.231  -7.657  1.00 36.75 ? 15  ASN A OD1 1 
ATOM   81   N  ND2 . ASN A 1 18  ? 5.959   -2.812  -6.402  1.00 30.69 ? 15  ASN A ND2 1 
ATOM   82   N  N   . ALA A 1 19  ? 8.339   -0.343  -2.702  1.00 32.66 ? 16  ALA A N   1 
ATOM   83   C  CA  . ALA A 1 19  ? 9.196   0.093   -1.611  1.00 32.15 ? 16  ALA A CA  1 
ATOM   84   C  C   . ALA A 1 19  ? 8.869   -0.576  -0.265  1.00 31.73 ? 16  ALA A C   1 
ATOM   85   O  O   . ALA A 1 19  ? 9.776   -0.995  0.438   1.00 31.88 ? 16  ALA A O   1 
ATOM   86   C  CB  . ALA A 1 19  ? 9.123   1.587   -1.474  1.00 31.05 ? 16  ALA A CB  1 
ATOM   87   N  N   . PHE A 1 20  ? 7.584   -0.647  0.113   1.00 32.06 ? 17  PHE A N   1 
ATOM   88   C  CA  . PHE A 1 20  ? 7.207   -1.278  1.364   1.00 31.75 ? 17  PHE A CA  1 
ATOM   89   C  C   . PHE A 1 20  ? 7.665   -2.740  1.357   1.00 32.10 ? 17  PHE A C   1 
ATOM   90   O  O   . PHE A 1 20  ? 8.216   -3.231  2.345   1.00 32.20 ? 17  PHE A O   1 
ATOM   91   C  CB  . PHE A 1 20  ? 5.697   -1.182  1.641   1.00 30.74 ? 17  PHE A CB  1 
ATOM   92   C  CG  . PHE A 1 20  ? 5.330   -1.628  3.047   1.00 31.85 ? 17  PHE A CG  1 
ATOM   93   C  CD1 . PHE A 1 20  ? 5.825   -0.936  4.158   1.00 27.39 ? 17  PHE A CD1 1 
ATOM   94   C  CD2 . PHE A 1 20  ? 4.563   -2.785  3.254   1.00 32.28 ? 17  PHE A CD2 1 
ATOM   95   C  CE1 . PHE A 1 20  ? 5.509   -1.330  5.453   1.00 30.18 ? 17  PHE A CE1 1 
ATOM   96   C  CE2 . PHE A 1 20  ? 4.239   -3.197  4.539   1.00 30.71 ? 17  PHE A CE2 1 
ATOM   97   C  CZ  . PHE A 1 20  ? 4.700   -2.471  5.654   1.00 30.53 ? 17  PHE A CZ  1 
ATOM   98   N  N   . LEU A 1 21  ? 7.428   -3.430  0.250   1.00 33.04 ? 18  LEU A N   1 
ATOM   99   C  CA  . LEU A 1 21  ? 7.900   -4.828  0.101   1.00 35.41 ? 18  LEU A CA  1 
ATOM   100  C  C   . LEU A 1 21  ? 9.422   -4.965  0.318   1.00 36.21 ? 18  LEU A C   1 
ATOM   101  O  O   . LEU A 1 21  ? 9.891   -5.866  1.018   1.00 35.57 ? 18  LEU A O   1 
ATOM   102  C  CB  . LEU A 1 21  ? 7.511   -5.392  -1.275  1.00 34.51 ? 18  LEU A CB  1 
ATOM   103  C  CG  . LEU A 1 21  ? 6.040   -5.639  -1.552  1.00 33.42 ? 18  LEU A CG  1 
ATOM   104  C  CD1 . LEU A 1 21  ? 5.937   -6.240  -2.965  1.00 31.41 ? 18  LEU A CD1 1 
ATOM   105  C  CD2 . LEU A 1 21  ? 5.371   -6.572  -0.474  1.00 30.79 ? 18  LEU A CD2 1 
ATOM   106  N  N   . GLN A 1 22  ? 10.178  -4.027  -0.244  1.00 38.33 ? 19  GLN A N   1 
ATOM   107  C  CA  . GLN A 1 22  ? 11.641  -4.050  -0.145  1.00 40.40 ? 19  GLN A CA  1 
ATOM   108  C  C   . GLN A 1 22  ? 12.080  -3.706  1.283   1.00 40.60 ? 19  GLN A C   1 
ATOM   109  O  O   . GLN A 1 22  ? 13.081  -4.239  1.765   1.00 40.88 ? 19  GLN A O   1 
ATOM   110  C  CB  . GLN A 1 22  ? 12.298  -3.145  -1.221  1.00 40.54 ? 19  GLN A CB  1 
ATOM   111  C  CG  . GLN A 1 22  ? 13.840  -3.119  -1.193  1.00 46.91 ? 19  GLN A CG  1 
ATOM   112  C  CD  . GLN A 1 22  ? 14.553  -4.501  -1.458  1.00 53.41 ? 19  GLN A CD  1 
ATOM   113  O  OE1 . GLN A 1 22  ? 13.920  -5.533  -1.743  1.00 55.18 ? 19  GLN A OE1 1 
ATOM   114  N  NE2 . GLN A 1 22  ? 15.886  -4.490  -1.378  1.00 55.71 ? 19  GLN A NE2 1 
ATOM   115  N  N   . LEU A 1 23  ? 11.314  -2.861  1.974   1.00 40.04 ? 20  LEU A N   1 
ATOM   116  C  CA  . LEU A 1 23  ? 11.567  -2.574  3.376   1.00 40.84 ? 20  LEU A CA  1 
ATOM   117  C  C   . LEU A 1 23  ? 11.396  -3.839  4.242   1.00 41.77 ? 20  LEU A C   1 
ATOM   118  O  O   . LEU A 1 23  ? 12.219  -4.128  5.118   1.00 42.48 ? 20  LEU A O   1 
ATOM   119  C  CB  . LEU A 1 23  ? 10.663  -1.416  3.867   1.00 40.39 ? 20  LEU A CB  1 
ATOM   120  C  CG  . LEU A 1 23  ? 10.857  -0.868  5.287   1.00 41.05 ? 20  LEU A CG  1 
ATOM   121  C  CD1 . LEU A 1 23  ? 12.245  -0.270  5.475   1.00 42.39 ? 20  LEU A CD1 1 
ATOM   122  C  CD2 . LEU A 1 23  ? 9.766   0.182   5.665   1.00 40.79 ? 20  LEU A CD2 1 
ATOM   123  N  N   . LEU A 1 24  ? 10.344  -4.608  3.979   1.00 42.91 ? 21  LEU A N   1 
ATOM   124  C  CA  . LEU A 1 24  ? 10.123  -5.846  4.705   1.00 43.72 ? 21  LEU A CA  1 
ATOM   125  C  C   . LEU A 1 24  ? 11.319  -6.807  4.550   1.00 45.25 ? 21  LEU A C   1 
ATOM   126  O  O   . LEU A 1 24  ? 11.671  -7.507  5.500   1.00 45.35 ? 21  LEU A O   1 
ATOM   127  C  CB  . LEU A 1 24  ? 8.830   -6.520  4.247   1.00 43.56 ? 21  LEU A CB  1 
ATOM   128  C  CG  . LEU A 1 24  ? 7.487   -5.840  4.523   1.00 42.12 ? 21  LEU A CG  1 
ATOM   129  C  CD1 . LEU A 1 24  ? 6.390   -6.694  3.929   1.00 40.69 ? 21  LEU A CD1 1 
ATOM   130  C  CD2 . LEU A 1 24  ? 7.305   -5.643  6.006   1.00 41.56 ? 21  LEU A CD2 1 
ATOM   131  N  N   . GLU A 1 25  ? 11.948  -6.820  3.375   1.00 46.51 ? 22  GLU A N   1 
ATOM   132  C  CA  . GLU A 1 25  ? 13.109  -7.706  3.153   1.00 48.34 ? 22  GLU A CA  1 
ATOM   133  C  C   . GLU A 1 25  ? 14.329  -7.131  3.816   1.00 48.93 ? 22  GLU A C   1 
ATOM   134  O  O   . GLU A 1 25  ? 15.022  -7.823  4.536   1.00 49.59 ? 22  GLU A O   1 
ATOM   135  C  CB  . GLU A 1 25  ? 13.399  -7.925  1.672   1.00 48.21 ? 22  GLU A CB  1 
ATOM   136  C  CG  . GLU A 1 25  ? 12.210  -8.371  0.860   1.00 51.34 ? 22  GLU A CG  1 
ATOM   137  C  CD  . GLU A 1 25  ? 11.946  -9.877  0.887   1.00 55.45 ? 22  GLU A CD  1 
ATOM   138  O  OE1 . GLU A 1 25  ? 12.610  -10.645 1.636   1.00 58.76 ? 22  GLU A OE1 1 
ATOM   139  O  OE2 . GLU A 1 25  ? 11.059  -10.302 0.117   1.00 56.61 ? 22  GLU A OE2 1 
ATOM   140  N  N   . GLN A 1 26  ? 14.586  -5.852  3.583   1.00 49.94 ? 23  GLN A N   1 
ATOM   141  C  CA  . GLN A 1 26  ? 15.709  -5.161  4.207   1.00 50.82 ? 23  GLN A CA  1 
ATOM   142  C  C   . GLN A 1 26  ? 15.680  -5.302  5.743   1.00 50.30 ? 23  GLN A C   1 
ATOM   143  O  O   . GLN A 1 26  ? 16.733  -5.398  6.373   1.00 50.45 ? 23  GLN A O   1 
ATOM   144  C  CB  . GLN A 1 26  ? 15.697  -3.702  3.752   1.00 51.45 ? 23  GLN A CB  1 
ATOM   145  C  CG  . GLN A 1 26  ? 16.889  -2.837  4.141   1.00 56.57 ? 23  GLN A CG  1 
ATOM   146  C  CD  . GLN A 1 26  ? 16.502  -1.753  5.169   1.00 62.42 ? 23  GLN A CD  1 
ATOM   147  O  OE1 . GLN A 1 26  ? 17.047  -1.732  6.288   1.00 64.93 ? 23  GLN A OE1 1 
ATOM   148  N  NE2 . GLN A 1 26  ? 15.557  -0.848  4.792   1.00 60.85 ? 23  GLN A NE2 1 
ATOM   149  N  N   . LYS A 1 27  ? 14.481  -5.369  6.330   1.00 49.59 ? 24  LYS A N   1 
ATOM   150  C  CA  . LYS A 1 27  ? 14.309  -5.527  7.798   1.00 48.65 ? 24  LYS A CA  1 
ATOM   151  C  C   . LYS A 1 27  ? 14.152  -6.986  8.308   1.00 48.00 ? 24  LYS A C   1 
ATOM   152  O  O   . LYS A 1 27  ? 13.998  -7.215  9.513   1.00 46.59 ? 24  LYS A O   1 
ATOM   153  C  CB  . LYS A 1 27  ? 13.117  -4.692  8.287   1.00 48.77 ? 24  LYS A CB  1 
ATOM   154  C  CG  . LYS A 1 27  ? 13.253  -3.200  8.163   1.00 49.80 ? 24  LYS A CG  1 
ATOM   155  C  CD  . LYS A 1 27  ? 14.365  -2.657  9.027   1.00 51.05 ? 24  LYS A CD  1 
ATOM   156  C  CE  . LYS A 1 27  ? 14.377  -1.147  8.987   1.00 52.15 ? 24  LYS A CE  1 
ATOM   157  N  NZ  . LYS A 1 27  ? 15.743  -0.590  9.224   1.00 53.66 ? 24  LYS A NZ  1 
ATOM   158  N  N   . ASN A 1 28  ? 14.214  -7.952  7.393   1.00 47.26 ? 25  ASN A N   1 
ATOM   159  C  CA  . ASN A 1 28  ? 13.886  -9.349  7.678   1.00 47.61 ? 25  ASN A CA  1 
ATOM   160  C  C   . ASN A 1 28  ? 12.532  -9.570  8.380   1.00 46.97 ? 25  ASN A C   1 
ATOM   161  O  O   . ASN A 1 28  ? 12.396  -10.417 9.291   1.00 46.49 ? 25  ASN A O   1 
ATOM   162  C  CB  . ASN A 1 28  ? 15.017  -10.070 8.430   1.00 48.08 ? 25  ASN A CB  1 
ATOM   163  C  CG  . ASN A 1 28  ? 14.934  -11.566 8.271   1.00 51.02 ? 25  ASN A CG  1 
ATOM   164  O  OD1 . ASN A 1 28  ? 15.446  -12.331 9.083   1.00 55.16 ? 25  ASN A OD1 1 
ATOM   165  N  ND2 . ASN A 1 28  ? 14.294  -11.999 7.199   1.00 54.51 ? 25  ASN A ND2 1 
ATOM   166  N  N   . LEU A 1 29  ? 11.528  -8.824  7.930   1.00 46.00 ? 26  LEU A N   1 
ATOM   167  C  CA  . LEU A 1 29  ? 10.199  -8.946  8.488   1.00 45.29 ? 26  LEU A CA  1 
ATOM   168  C  C   . LEU A 1 29  ? 9.226   -9.613  7.533   1.00 44.62 ? 26  LEU A C   1 
ATOM   169  O  O   . LEU A 1 29  ? 8.068   -9.845  7.885   1.00 45.49 ? 26  LEU A O   1 
ATOM   170  C  CB  . LEU A 1 29  ? 9.687   -7.571  8.907   1.00 44.78 ? 26  LEU A CB  1 
ATOM   171  C  CG  . LEU A 1 29  ? 10.456  -6.941  10.074  1.00 46.73 ? 26  LEU A CG  1 
ATOM   172  C  CD1 . LEU A 1 29  ? 10.095  -5.468  10.221  1.00 46.55 ? 26  LEU A CD1 1 
ATOM   173  C  CD2 . LEU A 1 29  ? 10.221  -7.679  11.397  1.00 47.43 ? 26  LEU A CD2 1 
ATOM   174  N  N   . PHE A 1 30  ? 9.668   -9.922  6.316   1.00 43.29 ? 27  PHE A N   1 
ATOM   175  C  CA  . PHE A 1 30  ? 8.786   -10.563 5.351   1.00 41.80 ? 27  PHE A CA  1 
ATOM   176  C  C   . PHE A 1 30  ? 8.254   -11.938 5.819   1.00 42.73 ? 27  PHE A C   1 
ATOM   177  O  O   . PHE A 1 30  ? 7.057   -12.217 5.703   1.00 43.18 ? 27  PHE A O   1 
ATOM   178  C  CB  . PHE A 1 30  ? 9.471   -10.702 3.999   1.00 41.19 ? 27  PHE A CB  1 
ATOM   179  C  CG  . PHE A 1 30  ? 8.571   -11.234 2.941   1.00 39.39 ? 27  PHE A CG  1 
ATOM   180  C  CD1 . PHE A 1 30  ? 7.798   -10.363 2.186   1.00 39.85 ? 27  PHE A CD1 1 
ATOM   181  C  CD2 . PHE A 1 30  ? 8.462   -12.600 2.722   1.00 39.28 ? 27  PHE A CD2 1 
ATOM   182  C  CE1 . PHE A 1 30  ? 6.938   -10.845 1.231   1.00 41.17 ? 27  PHE A CE1 1 
ATOM   183  C  CE2 . PHE A 1 30  ? 7.606   -13.106 1.761   1.00 39.73 ? 27  PHE A CE2 1 
ATOM   184  C  CZ  . PHE A 1 30  ? 6.830   -12.227 1.016   1.00 39.14 ? 27  PHE A CZ  1 
ATOM   185  N  N   . ASP A 1 31  ? 9.134   -12.807 6.320   1.00 42.58 ? 28  ASP A N   1 
ATOM   186  C  CA  . ASP A 1 31  ? 8.716   -14.127 6.759   1.00 42.40 ? 28  ASP A CA  1 
ATOM   187  C  C   . ASP A 1 31  ? 7.761   -14.073 7.927   1.00 41.90 ? 28  ASP A C   1 
ATOM   188  O  O   . ASP A 1 31  ? 6.888   -14.940 8.054   1.00 41.73 ? 28  ASP A O   1 
ATOM   189  C  CB  . ASP A 1 31  ? 9.924   -14.976 7.106   1.00 42.85 ? 28  ASP A CB  1 
ATOM   190  C  CG  . ASP A 1 31  ? 10.705  -15.390 5.881   1.00 45.18 ? 28  ASP A CG  1 
ATOM   191  O  OD1 . ASP A 1 31  ? 10.085  -15.549 4.791   1.00 44.85 ? 28  ASP A OD1 1 
ATOM   192  O  OD2 . ASP A 1 31  ? 11.946  -15.545 6.021   1.00 46.04 ? 28  ASP A OD2 1 
ATOM   193  N  N   . LYS A 1 32  ? 7.910   -13.066 8.788   1.00 41.32 ? 29  LYS A N   1 
ATOM   194  C  CA  . LYS A 1 32  ? 6.980   -12.922 9.920   1.00 40.71 ? 29  LYS A CA  1 
ATOM   195  C  C   . LYS A 1 32  ? 5.604   -12.326 9.540   1.00 39.53 ? 29  LYS A C   1 
ATOM   196  O  O   . LYS A 1 32  ? 4.642   -12.475 10.303  1.00 39.28 ? 29  LYS A O   1 
ATOM   197  C  CB  . LYS A 1 32  ? 7.605   -12.077 11.039  1.00 40.98 ? 29  LYS A CB  1 
ATOM   198  C  CG  . LYS A 1 32  ? 8.707   -12.760 11.884  1.00 42.75 ? 29  LYS A CG  1 
ATOM   199  C  CD  . LYS A 1 32  ? 9.488   -11.689 12.676  1.00 44.30 ? 29  LYS A CD  1 
ATOM   200  C  CE  . LYS A 1 32  ? 9.730   -12.078 14.141  1.00 50.60 ? 29  LYS A CE  1 
ATOM   201  N  NZ  . LYS A 1 32  ? 11.004  -12.845 14.374  1.00 50.24 ? 29  LYS A NZ  1 
ATOM   202  N  N   . THR A 1 33  ? 5.520   -11.626 8.393   1.00 38.26 ? 30  THR A N   1 
ATOM   203  C  CA  . THR A 1 33  ? 4.295   -10.941 7.962   1.00 36.28 ? 30  THR A CA  1 
ATOM   204  C  C   . THR A 1 33  ? 3.162   -11.907 7.587   1.00 35.66 ? 30  THR A C   1 
ATOM   205  O  O   . THR A 1 33  ? 3.310   -12.726 6.665   1.00 34.60 ? 30  THR A O   1 
ATOM   206  C  CB  . THR A 1 33  ? 4.559   -9.947  6.794   1.00 36.35 ? 30  THR A CB  1 
ATOM   207  O  OG1 . THR A 1 33  ? 5.406   -8.913  7.266   1.00 37.39 ? 30  THR A OG1 1 
ATOM   208  C  CG2 . THR A 1 33  ? 3.274   -9.274  6.334   1.00 34.79 ? 30  THR A CG2 1 
ATOM   209  N  N   . GLN A 1 34  ? 2.019   -11.751 8.267   1.00 34.37 ? 31  GLN A N   1 
ATOM   210  C  CA  . GLN A 1 34  ? 0.821   -12.527 7.964   1.00 34.70 ? 31  GLN A CA  1 
ATOM   211  C  C   . GLN A 1 34  ? -0.360  -11.661 7.537   1.00 33.23 ? 31  GLN A C   1 
ATOM   212  O  O   . GLN A 1 34  ? -1.403  -12.161 7.093   1.00 32.64 ? 31  GLN A O   1 
ATOM   213  C  CB  . GLN A 1 34  ? 0.466   -13.459 9.149   1.00 34.52 ? 31  GLN A CB  1 
ATOM   214  C  CG  . GLN A 1 34  ? 1.352   -14.686 9.200   1.00 39.96 ? 31  GLN A CG  1 
ATOM   215  C  CD  . GLN A 1 34  ? 1.347   -15.508 7.866   1.00 47.39 ? 31  GLN A CD  1 
ATOM   216  O  OE1 . GLN A 1 34  ? 0.316   -15.600 7.153   1.00 46.14 ? 31  GLN A OE1 1 
ATOM   217  N  NE2 . GLN A 1 34  ? 2.507   -16.111 7.536   1.00 48.81 ? 31  GLN A NE2 1 
ATOM   218  N  N   . ARG A 1 35  ? -0.187  -10.347 7.669   1.00 32.49 ? 32  ARG A N   1 
ATOM   219  C  CA  . ARG A 1 35  ? -1.261  -9.391  7.351   1.00 31.37 ? 32  ARG A CA  1 
ATOM   220  C  C   . ARG A 1 35  ? -0.635  -8.071  6.988   1.00 30.98 ? 32  ARG A C   1 
ATOM   221  O  O   . ARG A 1 35  ? 0.321   -7.664  7.629   1.00 31.92 ? 32  ARG A O   1 
ATOM   222  C  CB  . ARG A 1 35  ? -2.184  -9.192  8.559   1.00 30.16 ? 32  ARG A CB  1 
ATOM   223  C  CG  . ARG A 1 35  ? -3.287  -8.173  8.328   1.00 30.23 ? 32  ARG A CG  1 
ATOM   224  C  CD  . ARG A 1 35  ? -4.233  -8.034  9.545   1.00 30.58 ? 32  ARG A CD  1 
ATOM   225  N  NE  . ARG A 1 35  ? -5.120  -6.920  9.263   1.00 27.84 ? 32  ARG A NE  1 
ATOM   226  C  CZ  . ARG A 1 35  ? -5.308  -5.824  9.978   1.00 26.49 ? 32  ARG A CZ  1 
ATOM   227  N  NH1 . ARG A 1 35  ? -4.787  -5.710  11.211  1.00 21.74 ? 32  ARG A NH1 1 
ATOM   228  N  NH2 . ARG A 1 35  ? -6.146  -4.877  9.480   1.00 21.74 ? 32  ARG A NH2 1 
ATOM   229  N  N   . VAL A 1 36  ? -1.187  -7.393  5.983   1.00 30.66 ? 33  VAL A N   1 
ATOM   230  C  CA  . VAL A 1 36  ? -0.821  -5.999  5.712   1.00 29.63 ? 33  VAL A CA  1 
ATOM   231  C  C   . VAL A 1 36  ? -2.065  -5.114  5.733   1.00 28.49 ? 33  VAL A C   1 
ATOM   232  O  O   . VAL A 1 36  ? -3.169  -5.594  5.495   1.00 28.63 ? 33  VAL A O   1 
ATOM   233  C  CB  . VAL A 1 36  ? -0.082  -5.814  4.360   1.00 29.95 ? 33  VAL A CB  1 
ATOM   234  C  CG1 . VAL A 1 36  ? 1.201   -6.685  4.311   1.00 27.89 ? 33  VAL A CG1 1 
ATOM   235  C  CG2 . VAL A 1 36  ? -1.047  -6.094  3.227   1.00 32.09 ? 33  VAL A CG2 1 
ATOM   236  N  N   . LYS A 1 37  ? -1.880  -3.828  6.039   1.00 26.35 ? 34  LYS A N   1 
ATOM   237  C  CA  . LYS A 1 37  ? -2.957  -2.876  6.063   1.00 24.62 ? 34  LYS A CA  1 
ATOM   238  C  C   . LYS A 1 37  ? -2.438  -1.628  5.341   1.00 24.74 ? 34  LYS A C   1 
ATOM   239  O  O   . LYS A 1 37  ? -1.275  -1.236  5.512   1.00 24.64 ? 34  LYS A O   1 
ATOM   240  C  CB  . LYS A 1 37  ? -3.326  -2.530  7.502   1.00 24.26 ? 34  LYS A CB  1 
ATOM   241  C  CG  . LYS A 1 37  ? -4.303  -1.396  7.634   1.00 23.46 ? 34  LYS A CG  1 
ATOM   242  C  CD  . LYS A 1 37  ? -4.916  -1.286  9.060   1.00 27.64 ? 34  LYS A CD  1 
ATOM   243  C  CE  . LYS A 1 37  ? -3.982  -0.590  9.967   1.00 31.54 ? 34  LYS A CE  1 
ATOM   244  N  NZ  . LYS A 1 37  ? -4.699  0.003   11.190  1.00 33.39 ? 34  LYS A NZ  1 
ATOM   245  N  N   . VAL A 1 38  ? -3.297  -1.008  4.532   1.00 23.69 ? 35  VAL A N   1 
ATOM   246  C  CA  . VAL A 1 38  ? -2.917  0.217   3.852   1.00 22.23 ? 35  VAL A CA  1 
ATOM   247  C  C   . VAL A 1 38  ? -4.024  1.224   4.229   1.00 22.94 ? 35  VAL A C   1 
ATOM   248  O  O   . VAL A 1 38  ? -5.235  0.924   4.233   1.00 21.50 ? 35  VAL A O   1 
ATOM   249  C  CB  . VAL A 1 38  ? -2.888  0.057   2.335   1.00 23.25 ? 35  VAL A CB  1 
ATOM   250  C  CG1 . VAL A 1 38  ? -2.425  1.355   1.650   1.00 24.14 ? 35  VAL A CG1 1 
ATOM   251  C  CG2 . VAL A 1 38  ? -1.967  -1.132  1.929   1.00 22.41 ? 35  VAL A CG2 1 
ATOM   252  N  N   . GLU A 1 39  ? -3.567  2.417   4.572   1.00 22.58 ? 36  GLU A N   1 
ATOM   253  C  CA  . GLU A 1 39  ? -4.435  3.544   4.869   1.00 23.54 ? 36  GLU A CA  1 
ATOM   254  C  C   . GLU A 1 39  ? -4.078  4.651   3.889   1.00 23.74 ? 36  GLU A C   1 
ATOM   255  O  O   . GLU A 1 39  ? -2.893  5.051   3.807   1.00 23.10 ? 36  GLU A O   1 
ATOM   256  C  CB  . GLU A 1 39  ? -4.190  4.011   6.312   1.00 20.13 ? 36  GLU A CB  1 
ATOM   257  C  CG  . GLU A 1 39  ? -4.564  2.954   7.310   1.00 23.87 ? 36  GLU A CG  1 
ATOM   258  C  CD  . GLU A 1 39  ? -4.021  3.243   8.683   1.00 30.48 ? 36  GLU A CD  1 
ATOM   259  O  OE1 . GLU A 1 39  ? -2.787  3.122   8.900   1.00 29.77 ? 36  GLU A OE1 1 
ATOM   260  O  OE2 . GLU A 1 39  ? -4.823  3.639   9.538   1.00 30.54 ? 36  GLU A OE2 1 
ATOM   261  N  N   . LEU A 1 40  ? -5.105  5.168   3.213   1.00 24.22 ? 37  LEU A N   1 
ATOM   262  C  CA  . LEU A 1 40  ? -4.979  6.333   2.275   1.00 23.17 ? 37  LEU A CA  1 
ATOM   263  C  C   . LEU A 1 40  ? -5.536  7.584   2.914   1.00 23.41 ? 37  LEU A C   1 
ATOM   264  O  O   . LEU A 1 40  ? -6.554  7.540   3.649   1.00 21.83 ? 37  LEU A O   1 
ATOM   265  C  CB  . LEU A 1 40  ? -5.735  6.058   0.978   1.00 23.37 ? 37  LEU A CB  1 
ATOM   266  C  CG  . LEU A 1 40  ? -5.341  4.786   0.223   1.00 24.78 ? 37  LEU A CG  1 
ATOM   267  C  CD1 . LEU A 1 40  ? -6.085  4.768   -1.128  1.00 22.92 ? 37  LEU A CD1 1 
ATOM   268  C  CD2 . LEU A 1 40  ? -3.759  4.848   -0.006  1.00 21.85 ? 37  LEU A CD2 1 
ATOM   269  N  N   . TYR A 1 41  ? -4.843  8.707   2.670   1.00 22.62 ? 38  TYR A N   1 
ATOM   270  C  CA  . TYR A 1 41  ? -5.190  9.981   3.244   1.00 22.70 ? 38  TYR A CA  1 
ATOM   271  C  C   . TYR A 1 41  ? -5.428  11.030  2.156   1.00 24.27 ? 38  TYR A C   1 
ATOM   272  O  O   . TYR A 1 41  ? -5.051  10.828  0.982   1.00 23.53 ? 38  TYR A O   1 
ATOM   273  C  CB  . TYR A 1 41  ? -4.083  10.500  4.218   1.00 23.42 ? 38  TYR A CB  1 
ATOM   274  C  CG  . TYR A 1 41  ? -3.982  9.637   5.453   1.00 23.35 ? 38  TYR A CG  1 
ATOM   275  C  CD1 . TYR A 1 41  ? -4.654  10.000  6.623   1.00 23.62 ? 38  TYR A CD1 1 
ATOM   276  C  CD2 . TYR A 1 41  ? -3.249  8.425   5.434   1.00 24.58 ? 38  TYR A CD2 1 
ATOM   277  C  CE1 . TYR A 1 41  ? -4.573  9.165   7.799   1.00 24.90 ? 38  TYR A CE1 1 
ATOM   278  C  CE2 . TYR A 1 41  ? -3.155  7.594   6.577   1.00 23.62 ? 38  TYR A CE2 1 
ATOM   279  C  CZ  . TYR A 1 41  ? -3.836  7.972   7.743   1.00 26.52 ? 38  TYR A CZ  1 
ATOM   280  O  OH  . TYR A 1 41  ? -3.737  7.173   8.870   1.00 28.52 ? 38  TYR A OH  1 
ATOM   281  N  N   . GLY A 1 42  ? -6.101  12.121  2.563   1.00 23.87 ? 39  GLY A N   1 
ATOM   282  C  CA  . GLY A 1 42  ? -6.193  13.311  1.749   1.00 27.10 ? 39  GLY A CA  1 
ATOM   283  C  C   . GLY A 1 42  ? -6.663  12.959  0.356   1.00 28.02 ? 39  GLY A C   1 
ATOM   284  O  O   . GLY A 1 42  ? -7.657  12.241  0.192   1.00 28.22 ? 39  GLY A O   1 
ATOM   285  N  N   A SER A 1 43  ? -5.921  13.465  -0.626  0.50 27.59 ? 40  SER A N   1 
ATOM   286  N  N   B SER A 1 43  ? -5.957  13.476  -0.650  0.50 27.86 ? 40  SER A N   1 
ATOM   287  C  CA  A SER A 1 43  ? -6.242  13.348  -2.031  0.50 27.84 ? 40  SER A CA  1 
ATOM   288  C  CA  B SER A 1 43  ? -6.374  13.312  -2.030  0.50 28.26 ? 40  SER A CA  1 
ATOM   289  C  C   A SER A 1 43  ? -6.285  11.917  -2.516  0.50 28.35 ? 40  SER A C   1 
ATOM   290  C  C   B SER A 1 43  ? -6.382  11.862  -2.450  0.50 28.68 ? 40  SER A C   1 
ATOM   291  O  O   A SER A 1 43  ? -7.079  11.593  -3.391  0.50 28.06 ? 40  SER A O   1 
ATOM   292  O  O   B SER A 1 43  ? -7.243  11.472  -3.236  0.50 28.19 ? 40  SER A O   1 
ATOM   293  C  CB  A SER A 1 43  ? -5.225  14.148  -2.860  0.50 27.79 ? 40  SER A CB  1 
ATOM   294  C  CB  B SER A 1 43  ? -5.486  14.093  -3.007  0.50 28.82 ? 40  SER A CB  1 
ATOM   295  O  OG  A SER A 1 43  ? -5.609  15.507  -2.875  0.50 26.84 ? 40  SER A OG  1 
ATOM   296  O  OG  B SER A 1 43  ? -5.907  13.793  -4.334  0.50 28.56 ? 40  SER A OG  1 
ATOM   297  N  N   . LEU A 1 44  ? -5.433  11.057  -1.954  1.00 28.61 ? 41  LEU A N   1 
ATOM   298  C  CA  . LEU A 1 44  ? -5.472  9.620   -2.300  1.00 28.22 ? 41  LEU A CA  1 
ATOM   299  C  C   . LEU A 1 44  ? -6.760  8.975   -1.778  1.00 28.88 ? 41  LEU A C   1 
ATOM   300  O  O   . LEU A 1 44  ? -7.334  8.119   -2.452  1.00 28.93 ? 41  LEU A O   1 
ATOM   301  C  CB  . LEU A 1 44  ? -4.212  8.842   -1.832  1.00 28.13 ? 41  LEU A CB  1 
ATOM   302  C  CG  . LEU A 1 44  ? -2.876  9.329   -2.425  1.00 26.10 ? 41  LEU A CG  1 
ATOM   303  C  CD1 . LEU A 1 44  ? -1.744  8.585   -1.735  1.00 27.70 ? 41  LEU A CD1 1 
ATOM   304  C  CD2 . LEU A 1 44  ? -2.792  9.180   -3.954  1.00 24.52 ? 41  LEU A CD2 1 
ATOM   305  N  N   . ALA A 1 45  ? -7.204  9.353   -0.587  1.00 27.85 ? 42  ALA A N   1 
ATOM   306  C  CA  . ALA A 1 45  ? -8.382  8.716   0.013   1.00 29.43 ? 42  ALA A CA  1 
ATOM   307  C  C   . ALA A 1 45  ? -9.624  9.176   -0.748  1.00 31.42 ? 42  ALA A C   1 
ATOM   308  O  O   . ALA A 1 45  ? -10.571 8.416   -0.893  1.00 30.97 ? 42  ALA A O   1 
ATOM   309  C  CB  . ALA A 1 45  ? -8.508  9.112   1.472   1.00 27.46 ? 42  ALA A CB  1 
ATOM   310  N  N   . LEU A 1 46  ? -9.626  10.450  -1.167  1.00 33.22 ? 43  LEU A N   1 
ATOM   311  C  CA  . LEU A 1 46  ? -10.791 11.079  -1.820  1.00 36.66 ? 43  LEU A CA  1 
ATOM   312  C  C   . LEU A 1 46  ? -11.062 10.533  -3.194  1.00 38.02 ? 43  LEU A C   1 
ATOM   313  O  O   . LEU A 1 46  ? -12.148 10.659  -3.702  1.00 39.25 ? 43  LEU A O   1 
ATOM   314  C  CB  . LEU A 1 46  ? -10.646 12.596  -1.878  1.00 36.15 ? 43  LEU A CB  1 
ATOM   315  C  CG  . LEU A 1 46  ? -11.013 13.212  -0.529  1.00 40.18 ? 43  LEU A CG  1 
ATOM   316  C  CD1 . LEU A 1 46  ? -10.379 14.639  -0.316  1.00 47.76 ? 43  LEU A CD1 1 
ATOM   317  C  CD2 . LEU A 1 46  ? -12.577 13.180  -0.345  1.00 40.62 ? 43  LEU A CD2 1 
ATOM   318  N  N   . THR A 1 47  ? -10.077 9.910   -3.801  1.00 40.18 ? 44  THR A N   1 
ATOM   319  C  CA  . THR A 1 47  ? -10.355 9.137   -4.985  1.00 42.05 ? 44  THR A CA  1 
ATOM   320  C  C   . THR A 1 47  ? -11.516 8.080   -4.839  1.00 43.18 ? 44  THR A C   1 
ATOM   321  O  O   . THR A 1 47  ? -12.390 7.941   -5.736  1.00 43.19 ? 44  THR A O   1 
ATOM   322  C  CB  . THR A 1 47  ? -9.071  8.544   -5.536  1.00 42.46 ? 44  THR A CB  1 
ATOM   323  O  OG1 . THR A 1 47  ? -9.331  8.126   -6.877  1.00 47.27 ? 44  THR A OG1 1 
ATOM   324  C  CG2 . THR A 1 47  ? -8.577  7.358   -4.712  1.00 38.70 ? 44  THR A CG2 1 
ATOM   325  N  N   . GLY A 1 48  ? -11.544 7.354   -3.721  1.00 44.20 ? 45  GLY A N   1 
ATOM   326  C  CA  . GLY A 1 48  ? -12.554 6.294   -3.516  1.00 45.37 ? 45  GLY A CA  1 
ATOM   327  C  C   . GLY A 1 48  ? -12.309 4.925   -4.159  1.00 46.42 ? 45  GLY A C   1 
ATOM   328  O  O   . GLY A 1 48  ? -11.519 4.789   -5.125  1.00 46.33 ? 45  GLY A O   1 
ATOM   329  N  N   . LYS A 1 49  ? -13.004 3.912   -3.622  1.00 47.54 ? 46  LYS A N   1 
ATOM   330  C  CA  . LYS A 1 49  ? -12.911 2.502   -4.104  1.00 48.72 ? 46  LYS A CA  1 
ATOM   331  C  C   . LYS A 1 49  ? -13.137 2.365   -5.614  1.00 49.57 ? 46  LYS A C   1 
ATOM   332  O  O   . LYS A 1 49  ? -14.043 3.014   -6.183  1.00 49.87 ? 46  LYS A O   1 
ATOM   333  C  CB  . LYS A 1 49  ? -13.861 1.557   -3.329  1.00 48.64 ? 46  LYS A CB  1 
ATOM   334  C  CG  . LYS A 1 49  ? -13.288 1.063   -2.015  1.00 48.49 ? 46  LYS A CG  1 
ATOM   335  C  CD  . LYS A 1 49  ? -14.356 0.825   -0.976  1.00 50.84 ? 46  LYS A CD  1 
ATOM   336  C  CE  . LYS A 1 49  ? -14.919 -0.551  -1.078  1.00 49.87 ? 46  LYS A CE  1 
ATOM   337  N  NZ  . LYS A 1 49  ? -16.230 -0.618  -0.331  1.00 54.19 ? 46  LYS A NZ  1 
ATOM   338  N  N   . GLY A 1 50  ? -12.299 1.525   -6.240  1.00 50.22 ? 47  GLY A N   1 
ATOM   339  C  CA  . GLY A 1 50  ? -12.258 1.308   -7.706  1.00 50.30 ? 47  GLY A CA  1 
ATOM   340  C  C   . GLY A 1 50  ? -11.983 2.523   -8.609  1.00 50.48 ? 47  GLY A C   1 
ATOM   341  O  O   . GLY A 1 50  ? -12.530 2.571   -9.746  1.00 50.15 ? 47  GLY A O   1 
ATOM   342  N  N   . HIS A 1 51  ? -11.167 3.498   -8.134  1.00 49.32 ? 48  HIS A N   1 
ATOM   343  C  CA  . HIS A 1 51  ? -10.716 4.625   -8.996  1.00 49.11 ? 48  HIS A CA  1 
ATOM   344  C  C   . HIS A 1 51  ? -9.179  4.719   -9.275  1.00 47.02 ? 48  HIS A C   1 
ATOM   345  O  O   . HIS A 1 51  ? -8.634  5.793   -9.572  1.00 47.67 ? 48  HIS A O   1 
ATOM   346  C  CB  . HIS A 1 51  ? -11.342 5.952   -8.545  1.00 50.10 ? 48  HIS A CB  1 
ATOM   347  C  CG  . HIS A 1 51  ? -12.841 5.921   -8.552  1.00 55.02 ? 48  HIS A CG  1 
ATOM   348  N  ND1 . HIS A 1 51  ? -13.598 6.149   -7.419  1.00 59.61 ? 48  HIS A ND1 1 
ATOM   349  C  CD2 . HIS A 1 51  ? -13.723 5.629   -9.545  1.00 58.11 ? 48  HIS A CD2 1 
ATOM   350  C  CE1 . HIS A 1 51  ? -14.884 6.025   -7.723  1.00 61.19 ? 48  HIS A CE1 1 
ATOM   351  N  NE2 . HIS A 1 51  ? -14.986 5.707   -9.005  1.00 59.53 ? 48  HIS A NE2 1 
ATOM   352  N  N   . GLY A 1 52  ? -8.509  3.568   -9.199  1.00 44.00 ? 49  GLY A N   1 
ATOM   353  C  CA  . GLY A 1 52  ? -7.121  3.460   -9.587  1.00 40.10 ? 49  GLY A CA  1 
ATOM   354  C  C   . GLY A 1 52  ? -6.145  3.159   -8.459  1.00 36.94 ? 49  GLY A C   1 
ATOM   355  O  O   . GLY A 1 52  ? -5.316  2.263   -8.583  1.00 35.34 ? 49  GLY A O   1 
ATOM   356  N  N   . THR A 1 53  ? -6.233  3.923   -7.372  1.00 35.13 ? 50  THR A N   1 
ATOM   357  C  CA  . THR A 1 53  ? -5.212  3.879   -6.321  1.00 33.27 ? 50  THR A CA  1 
ATOM   358  C  C   . THR A 1 53  ? -5.221  2.546   -5.601  1.00 32.52 ? 50  THR A C   1 
ATOM   359  O  O   . THR A 1 53  ? -4.157  2.000   -5.317  1.00 32.34 ? 50  THR A O   1 
ATOM   360  C  CB  . THR A 1 53  ? -5.307  5.070   -5.342  1.00 33.50 ? 50  THR A CB  1 
ATOM   361  O  OG1 . THR A 1 53  ? -5.372  6.294   -6.103  1.00 33.18 ? 50  THR A OG1 1 
ATOM   362  C  CG2 . THR A 1 53  ? -4.076  5.119   -4.420  1.00 30.49 ? 50  THR A CG2 1 
ATOM   363  N  N   . ASP A 1 54  ? -6.415  2.025   -5.309  1.00 33.38 ? 51  ASP A N   1 
ATOM   364  C  CA  . ASP A 1 54  ? -6.563  0.688   -4.735  1.00 33.94 ? 51  ASP A CA  1 
ATOM   365  C  C   . ASP A 1 54  ? -5.990  -0.405  -5.654  1.00 33.30 ? 51  ASP A C   1 
ATOM   366  O  O   . ASP A 1 54  ? -5.149  -1.182  -5.206  1.00 32.72 ? 51  ASP A O   1 
ATOM   367  C  CB  . ASP A 1 54  ? -8.006  0.389   -4.253  1.00 34.09 ? 51  ASP A CB  1 
ATOM   368  C  CG  . ASP A 1 54  ? -9.074  0.591   -5.327  1.00 36.23 ? 51  ASP A CG  1 
ATOM   369  O  OD1 . ASP A 1 54  ? -8.768  0.911   -6.510  1.00 35.95 ? 51  ASP A OD1 1 
ATOM   370  O  OD2 . ASP A 1 54  ? -10.266 0.360   -4.974  1.00 37.88 ? 51  ASP A OD2 1 
ATOM   371  N  N   . LYS A 1 55  ? -6.375  -0.436  -6.932  1.00 32.86 ? 52  LYS A N   1 
ATOM   372  C  CA  . LYS A 1 55  ? -5.768  -1.447  -7.796  1.00 33.33 ? 52  LYS A CA  1 
ATOM   373  C  C   . LYS A 1 55  ? -4.269  -1.262  -7.928  1.00 32.57 ? 52  LYS A C   1 
ATOM   374  O  O   . LYS A 1 55  ? -3.558  -2.256  -7.991  1.00 32.12 ? 52  LYS A O   1 
ATOM   375  C  CB  . LYS A 1 55  ? -6.424  -1.563  -9.185  1.00 34.18 ? 52  LYS A CB  1 
ATOM   376  C  CG  . LYS A 1 55  ? -6.112  -0.417  -10.150 1.00 36.58 ? 52  LYS A CG  1 
ATOM   377  C  CD  . LYS A 1 55  ? -6.628  -0.711  -11.546 1.00 35.83 ? 52  LYS A CD  1 
ATOM   378  C  CE  . LYS A 1 55  ? -6.413  0.485   -12.464 1.00 41.10 ? 52  LYS A CE  1 
ATOM   379  N  NZ  . LYS A 1 55  ? -7.639  1.309   -12.642 1.00 42.29 ? 52  LYS A NZ  1 
ATOM   380  N  N   . ALA A 1 56  ? -3.782  -0.004  -7.993  1.00 32.11 ? 53  ALA A N   1 
ATOM   381  C  CA  . ALA A 1 56  ? -2.348  0.250   -8.166  1.00 31.17 ? 53  ALA A CA  1 
ATOM   382  C  C   . ALA A 1 56  ? -1.567  -0.348  -6.963  1.00 30.59 ? 53  ALA A C   1 
ATOM   383  O  O   . ALA A 1 56  ? -0.558  -1.067  -7.152  1.00 30.68 ? 53  ALA A O   1 
ATOM   384  C  CB  . ALA A 1 56  ? -2.062  1.759   -8.321  1.00 30.39 ? 53  ALA A CB  1 
ATOM   385  N  N   . ILE A 1 57  ? -2.053  -0.089  -5.751  1.00 28.94 ? 54  ILE A N   1 
ATOM   386  C  CA  . ILE A 1 57  ? -1.381  -0.551  -4.525  1.00 28.35 ? 54  ILE A CA  1 
ATOM   387  C  C   . ILE A 1 57  ? -1.438  -2.077  -4.347  1.00 29.08 ? 54  ILE A C   1 
ATOM   388  O  O   . ILE A 1 57  ? -0.447  -2.694  -3.983  1.00 29.92 ? 54  ILE A O   1 
ATOM   389  C  CB  . ILE A 1 57  ? -1.964  0.198   -3.288  1.00 28.37 ? 54  ILE A CB  1 
ATOM   390  C  CG1 . ILE A 1 57  ? -1.530  1.665   -3.342  1.00 28.80 ? 54  ILE A CG1 1 
ATOM   391  C  CG2 . ILE A 1 57  ? -1.571  -0.462  -1.981  1.00 28.53 ? 54  ILE A CG2 1 
ATOM   392  C  CD1 . ILE A 1 57  ? -2.032  2.509   -2.256  1.00 26.98 ? 54  ILE A CD1 1 
ATOM   393  N  N   . LEU A 1 58  ? -2.601  -2.682  -4.587  1.00 29.57 ? 55  LEU A N   1 
ATOM   394  C  CA  . LEU A 1 58  ? -2.769  -4.107  -4.373  1.00 30.62 ? 55  LEU A CA  1 
ATOM   395  C  C   . LEU A 1 58  ? -1.870  -4.861  -5.378  1.00 31.70 ? 55  LEU A C   1 
ATOM   396  O  O   . LEU A 1 58  ? -1.180  -5.800  -4.999  1.00 33.39 ? 55  LEU A O   1 
ATOM   397  C  CB  . LEU A 1 58  ? -4.229  -4.510  -4.520  1.00 30.28 ? 55  LEU A CB  1 
ATOM   398  C  CG  . LEU A 1 58  ? -5.081  -4.069  -3.335  1.00 32.00 ? 55  LEU A CG  1 
ATOM   399  C  CD1 . LEU A 1 58  ? -6.536  -4.277  -3.698  1.00 34.72 ? 55  LEU A CD1 1 
ATOM   400  C  CD2 . LEU A 1 58  ? -4.674  -4.812  -1.992  1.00 28.39 ? 55  LEU A CD2 1 
ATOM   401  N  N   . ASN A 1 59  ? -1.835  -4.417  -6.627  1.00 31.83 ? 56  ASN A N   1 
ATOM   402  C  CA  . ASN A 1 59  ? -0.888  -4.992  -7.605  1.00 33.10 ? 56  ASN A CA  1 
ATOM   403  C  C   . ASN A 1 59  ? 0.577   -4.755  -7.253  1.00 32.99 ? 56  ASN A C   1 
ATOM   404  O  O   . ASN A 1 59  ? 1.363   -5.685  -7.346  1.00 31.91 ? 56  ASN A O   1 
ATOM   405  C  CB  . ASN A 1 59  ? -1.222  -4.526  -9.045  1.00 32.49 ? 56  ASN A CB  1 
ATOM   406  C  CG  . ASN A 1 59  ? -2.470  -5.190  -9.558  1.00 33.33 ? 56  ASN A CG  1 
ATOM   407  O  OD1 . ASN A 1 59  ? -3.572  -4.636  -9.482  1.00 36.26 ? 56  ASN A OD1 1 
ATOM   408  N  ND2 . ASN A 1 59  ? -2.329  -6.407  -10.005 1.00 27.84 ? 56  ASN A ND2 1 
ATOM   409  N  N   . GLY A 1 60  ? 0.932   -3.524  -6.839  1.00 32.57 ? 57  GLY A N   1 
ATOM   410  C  CA  . GLY A 1 60  ? 2.268   -3.257  -6.298  1.00 32.78 ? 57  GLY A CA  1 
ATOM   411  C  C   . GLY A 1 60  ? 2.738   -4.089  -5.088  1.00 33.44 ? 57  GLY A C   1 
ATOM   412  O  O   . GLY A 1 60  ? 3.935   -4.347  -4.955  1.00 32.26 ? 57  GLY A O   1 
ATOM   413  N  N   . LEU A 1 61  ? 1.815   -4.446  -4.175  1.00 34.94 ? 58  LEU A N   1 
ATOM   414  C  CA  . LEU A 1 61  ? 2.113   -5.336  -3.024  1.00 34.89 ? 58  LEU A CA  1 
ATOM   415  C  C   . LEU A 1 61  ? 2.345   -6.782  -3.454  1.00 36.24 ? 58  LEU A C   1 
ATOM   416  O  O   . LEU A 1 61  ? 2.790   -7.615  -2.640  1.00 36.76 ? 58  LEU A O   1 
ATOM   417  C  CB  . LEU A 1 61  ? 1.021   -5.289  -1.944  1.00 34.99 ? 58  LEU A CB  1 
ATOM   418  C  CG  . LEU A 1 61  ? 0.961   -3.986  -1.141  1.00 30.74 ? 58  LEU A CG  1 
ATOM   419  C  CD1 . LEU A 1 61  ? -0.315  -3.939  -0.261  1.00 30.71 ? 58  LEU A CD1 1 
ATOM   420  C  CD2 . LEU A 1 61  ? 2.229   -3.780  -0.268  1.00 29.95 ? 58  LEU A CD2 1 
ATOM   421  N  N   . GLU A 1 62  ? 1.969   -7.085  -4.697  1.00 37.72 ? 59  GLU A N   1 
ATOM   422  C  CA  . GLU A 1 62  ? 2.323   -8.349  -5.339  1.00 39.68 ? 59  GLU A CA  1 
ATOM   423  C  C   . GLU A 1 62  ? 3.558   -8.218  -6.239  1.00 40.18 ? 59  GLU A C   1 
ATOM   424  O  O   . GLU A 1 62  ? 3.873   -9.130  -7.040  1.00 40.06 ? 59  GLU A O   1 
ATOM   425  C  CB  . GLU A 1 62  ? 1.126   -8.926  -6.096  1.00 39.53 ? 59  GLU A CB  1 
ATOM   426  C  CG  . GLU A 1 62  ? -0.084  -9.157  -5.179  1.00 39.93 ? 59  GLU A CG  1 
ATOM   427  C  CD  . GLU A 1 62  ? -1.137  -10.021 -5.856  1.00 41.67 ? 59  GLU A CD  1 
ATOM   428  O  OE1 . GLU A 1 62  ? -1.200  -10.008 -7.103  1.00 43.16 ? 59  GLU A OE1 1 
ATOM   429  O  OE2 . GLU A 1 62  ? -1.900  -10.709 -5.160  1.00 39.51 ? 59  GLU A OE2 1 
ATOM   430  N  N   . ASN A 1 63  ? 4.311   -7.138  -6.046  1.00 39.66 ? 60  ASN A N   1 
ATOM   431  C  CA  . ASN A 1 63  ? 5.554   -6.888  -6.823  1.00 42.14 ? 60  ASN A CA  1 
ATOM   432  C  C   . ASN A 1 63  ? 5.390   -6.525  -8.299  1.00 42.97 ? 60  ASN A C   1 
ATOM   433  O  O   . ASN A 1 63  ? 6.335   -6.688  -9.076  1.00 44.22 ? 60  ASN A O   1 
ATOM   434  C  CB  . ASN A 1 63  ? 6.629   -7.998  -6.653  1.00 40.96 ? 60  ASN A CB  1 
ATOM   435  C  CG  . ASN A 1 63  ? 7.759   -7.573  -5.716  1.00 40.85 ? 60  ASN A CG  1 
ATOM   436  O  OD1 . ASN A 1 63  ? 8.048   -6.387  -5.574  1.00 41.60 ? 60  ASN A OD1 1 
ATOM   437  N  ND2 . ASN A 1 63  ? 8.357   -8.526  -5.034  1.00 38.98 ? 60  ASN A ND2 1 
ATOM   438  N  N   . LYS A 1 64  ? 4.226   -6.010  -8.693  1.00 44.49 ? 61  LYS A N   1 
ATOM   439  C  CA  . LYS A 1 64  ? 4.127   -5.362  -10.024 1.00 44.82 ? 61  LYS A CA  1 
ATOM   440  C  C   . LYS A 1 64  ? 4.675   -3.962  -9.921  1.00 45.64 ? 61  LYS A C   1 
ATOM   441  O  O   . LYS A 1 64  ? 4.469   -3.274  -8.897  1.00 45.19 ? 61  LYS A O   1 
ATOM   442  C  CB  . LYS A 1 64  ? 2.699   -5.340  -10.584 1.00 44.62 ? 61  LYS A CB  1 
ATOM   443  C  CG  . LYS A 1 64  ? 2.010   -6.689  -10.545 1.00 44.08 ? 61  LYS A CG  1 
ATOM   444  C  CD  . LYS A 1 64  ? 2.623   -7.728  -11.558 1.00 46.55 ? 61  LYS A CD  1 
ATOM   445  C  CE  . LYS A 1 64  ? 1.715   -8.966  -11.539 1.00 50.92 ? 61  LYS A CE  1 
ATOM   446  N  NZ  . LYS A 1 64  ? 0.334   -8.513  -11.992 1.00 52.62 ? 61  LYS A NZ  1 
ATOM   447  N  N   . ALA A 1 65  ? 5.390   -3.555  -10.983 1.00 46.47 ? 62  ALA A N   1 
ATOM   448  C  CA  . ALA A 1 65  ? 6.063   -2.255  -11.052 1.00 47.60 ? 62  ALA A CA  1 
ATOM   449  C  C   . ALA A 1 65  ? 5.436   -1.390  -12.167 1.00 47.97 ? 62  ALA A C   1 
ATOM   450  O  O   . ALA A 1 65  ? 4.926   -1.945  -13.123 1.00 47.64 ? 62  ALA A O   1 
ATOM   451  C  CB  . ALA A 1 65  ? 7.547   -2.465  -11.280 1.00 47.73 ? 62  ALA A CB  1 
ATOM   452  N  N   . PRO A 1 66  ? 5.417   -0.038  -12.016 1.00 48.83 ? 63  PRO A N   1 
ATOM   453  C  CA  . PRO A 1 66  ? 4.815   0.824   -13.058 1.00 49.86 ? 63  PRO A CA  1 
ATOM   454  C  C   . PRO A 1 66  ? 5.401   0.619   -14.469 1.00 49.96 ? 63  PRO A C   1 
ATOM   455  O  O   . PRO A 1 66  ? 4.617   0.474   -15.406 1.00 50.20 ? 63  PRO A O   1 
ATOM   456  C  CB  . PRO A 1 66  ? 5.099   2.242   -12.562 1.00 49.96 ? 63  PRO A CB  1 
ATOM   457  C  CG  . PRO A 1 66  ? 5.282   2.108   -11.131 1.00 49.03 ? 63  PRO A CG  1 
ATOM   458  C  CD  . PRO A 1 66  ? 5.935   0.771   -10.903 1.00 48.66 ? 63  PRO A CD  1 
ATOM   459  N  N   . GLU A 1 67  ? 6.743   0.584   -14.598 1.00 50.68 ? 64  GLU A N   1 
ATOM   460  C  CA  . GLU A 1 67  ? 7.476   0.348   -15.873 1.00 50.94 ? 64  GLU A CA  1 
ATOM   461  C  C   . GLU A 1 67  ? 7.204   -1.060  -16.379 1.00 51.24 ? 64  GLU A C   1 
ATOM   462  O  O   . GLU A 1 67  ? 6.510   -1.228  -17.373 1.00 51.65 ? 64  GLU A O   1 
ATOM   463  C  CB  . GLU A 1 67  ? 9.010   0.532   -15.730 1.00 51.16 ? 64  GLU A CB  1 
ATOM   464  C  CG  . GLU A 1 67  ? 9.538   1.633   -14.737 1.00 52.77 ? 64  GLU A CG  1 
ATOM   465  C  CD  . GLU A 1 67  ? 9.206   1.361   -13.217 1.00 54.63 ? 64  GLU A CD  1 
ATOM   466  O  OE1 . GLU A 1 67  ? 8.880   0.203   -12.860 1.00 53.81 ? 64  GLU A OE1 1 
ATOM   467  O  OE2 . GLU A 1 67  ? 9.276   2.308   -12.381 1.00 53.39 ? 64  GLU A OE2 1 
ATOM   468  N  N   . SER A 1 73  ? -4.964  -5.858  -17.027 1.00 49.28 ? 70  SER A N   1 
ATOM   469  C  CA  . SER A 1 73  ? -4.796  -6.921  -16.007 1.00 52.56 ? 70  SER A CA  1 
ATOM   470  C  C   . SER A 1 73  ? -4.989  -6.528  -14.504 1.00 52.77 ? 70  SER A C   1 
ATOM   471  O  O   . SER A 1 73  ? -5.312  -7.370  -13.660 1.00 54.59 ? 70  SER A O   1 
ATOM   472  C  CB  . SER A 1 73  ? -3.420  -7.574  -16.147 1.00 52.61 ? 70  SER A CB  1 
ATOM   473  O  OG  . SER A 1 73  ? -2.508  -7.032  -15.210 1.00 50.33 ? 70  SER A OG  1 
HETATM 474  N  N   . MSE A 1 74  ? -4.778  -5.253  -14.179 1.00 52.56 ? 71  MSE A N   1 
HETATM 475  C  CA  . MSE A 1 74  ? -4.775  -4.765  -12.820 1.00 52.03 ? 71  MSE A CA  1 
HETATM 476  C  C   . MSE A 1 74  ? -6.150  -4.901  -12.151 1.00 52.23 ? 71  MSE A C   1 
HETATM 477  O  O   . MSE A 1 74  ? -6.247  -5.200  -10.938 1.00 50.24 ? 71  MSE A O   1 
HETATM 478  C  CB  . MSE A 1 74  ? -4.282  -3.306  -12.797 1.00 50.98 ? 71  MSE A CB  1 
HETATM 479  C  CG  . MSE A 1 74  ? -2.789  -3.150  -13.059 1.00 50.27 ? 71  MSE A CG  1 
HETATM 480  SE SE  . MSE A 1 74  ? -2.247  -1.449  -12.855 1.00 54.07 ? 71  MSE A SE  1 
HETATM 481  C  CE  . MSE A 1 74  ? -1.085  -1.782  -11.581 1.00 54.21 ? 71  MSE A CE  1 
ATOM   482  N  N   . ILE A 1 75  ? -7.209  -4.697  -12.932 1.00 52.16 ? 72  ILE A N   1 
ATOM   483  C  CA  . ILE A 1 75  ? -8.536  -4.670  -12.360 1.00 54.04 ? 72  ILE A CA  1 
ATOM   484  C  C   . ILE A 1 75  ? -9.161  -6.084  -12.126 1.00 54.62 ? 72  ILE A C   1 
ATOM   485  O  O   . ILE A 1 75  ? -9.661  -6.374  -11.014 1.00 55.33 ? 72  ILE A O   1 
ATOM   486  C  CB  . ILE A 1 75  ? -9.468  -3.552  -12.934 1.00 53.89 ? 72  ILE A CB  1 
ATOM   487  C  CG1 . ILE A 1 75  ? -10.893 -4.044  -13.063 1.00 55.13 ? 72  ILE A CG1 1 
ATOM   488  C  CG2 . ILE A 1 75  ? -8.974  -2.950  -14.245 1.00 56.13 ? 72  ILE A CG2 1 
ATOM   489  C  CD1 . ILE A 1 75  ? -11.853 -2.912  -12.928 1.00 60.11 ? 72  ILE A CD1 1 
ATOM   490  N  N   . PRO A 1 76  ? -9.101  -6.967  -13.136 1.00 55.89 ? 73  PRO A N   1 
ATOM   491  C  CA  . PRO A 1 76  ? -9.363  -8.392  -12.777 1.00 55.90 ? 73  PRO A CA  1 
ATOM   492  C  C   . PRO A 1 76  ? -8.544  -8.884  -11.514 1.00 56.04 ? 73  PRO A C   1 
ATOM   493  O  O   . PRO A 1 76  ? -9.126  -9.478  -10.563 1.00 59.12 ? 73  PRO A O   1 
ATOM   494  C  CB  . PRO A 1 76  ? -9.021  -9.192  -14.052 1.00 55.92 ? 73  PRO A CB  1 
ATOM   495  C  CG  . PRO A 1 76  ? -8.393  -8.152  -14.981 1.00 56.36 ? 73  PRO A CG  1 
ATOM   496  C  CD  . PRO A 1 76  ? -8.862  -6.797  -14.582 1.00 54.74 ? 73  PRO A CD  1 
ATOM   497  N  N   . ARG A 1 77  ? -7.237  -8.583  -11.454 1.00 52.90 ? 74  ARG A N   1 
ATOM   498  C  CA  . ARG A 1 77  ? -6.417  -9.107  -10.374 1.00 49.65 ? 74  ARG A CA  1 
ATOM   499  C  C   . ARG A 1 77  ? -6.860  -8.540  -9.026  1.00 48.61 ? 74  ARG A C   1 
ATOM   500  O  O   . ARG A 1 77  ? -6.930  -9.268  -8.014  1.00 50.21 ? 74  ARG A O   1 
ATOM   501  C  CB  . ARG A 1 77  ? -4.943  -8.850  -10.630 1.00 49.50 ? 74  ARG A CB  1 
ATOM   502  C  CG  . ARG A 1 77  ? -4.031  -9.396  -9.507  1.00 49.78 ? 74  ARG A CG  1 
ATOM   503  C  CD  . ARG A 1 77  ? -4.243  -10.937 -9.396  1.00 45.45 ? 74  ARG A CD  1 
ATOM   504  N  NE  . ARG A 1 77  ? -3.533  -11.443 -8.215  1.00 42.30 ? 74  ARG A NE  1 
ATOM   505  C  CZ  . ARG A 1 77  ? -4.020  -12.405 -7.420  1.00 44.84 ? 74  ARG A CZ  1 
ATOM   506  N  NH1 . ARG A 1 77  ? -3.297  -12.787 -6.346  1.00 40.35 ? 74  ARG A NH1 1 
ATOM   507  N  NH2 . ARG A 1 77  ? -5.223  -13.000 -7.698  1.00 46.27 ? 74  ARG A NH2 1 
HETATM 508  N  N   . MSE A 1 78  ? -7.221  -7.243  -9.000  1.00 42.40 ? 75  MSE A N   1 
HETATM 509  C  CA  . MSE A 1 78  ? -7.832  -6.711  -7.796  1.00 38.14 ? 75  MSE A CA  1 
HETATM 510  C  C   . MSE A 1 78  ? -9.045  -7.562  -7.429  1.00 37.58 ? 75  MSE A C   1 
HETATM 511  O  O   . MSE A 1 78  ? -9.213  -7.930  -6.276  1.00 36.84 ? 75  MSE A O   1 
HETATM 512  C  CB  . MSE A 1 78  ? -8.203  -5.205  -7.905  1.00 38.14 ? 75  MSE A CB  1 
HETATM 513  C  CG  . MSE A 1 78  ? -8.985  -4.643  -6.701  1.00 36.90 ? 75  MSE A CG  1 
HETATM 514  SE SE  . MSE A 1 78  ? -9.046  -2.864  -6.683  1.00 30.34 ? 75  MSE A SE  1 
HETATM 515  C  CE  . MSE A 1 78  ? -10.156 -2.541  -8.044  1.00 35.97 ? 75  MSE A CE  1 
ATOM   516  N  N   . HIS A 1 79  ? -9.892  -7.837  -8.411  1.00 36.71 ? 76  HIS A N   1 
ATOM   517  C  CA  . HIS A 1 79  ? -11.120 -8.585  -8.215  1.00 37.21 ? 76  HIS A CA  1 
ATOM   518  C  C   . HIS A 1 79  ? -10.849 -9.963  -7.628  1.00 36.02 ? 76  HIS A C   1 
ATOM   519  O  O   . HIS A 1 79  ? -11.581 -10.389 -6.751  1.00 36.08 ? 76  HIS A O   1 
ATOM   520  C  CB  . HIS A 1 79  ? -11.943 -8.710  -9.513  1.00 37.09 ? 76  HIS A CB  1 
ATOM   521  C  CG  . HIS A 1 79  ? -12.734 -7.489  -9.847  1.00 38.09 ? 76  HIS A CG  1 
ATOM   522  N  ND1 . HIS A 1 79  ? -13.910 -7.533  -10.561 1.00 39.57 ? 76  HIS A ND1 1 
ATOM   523  C  CD2 . HIS A 1 79  ? -12.544 -6.189  -9.526  1.00 41.12 ? 76  HIS A CD2 1 
ATOM   524  C  CE1 . HIS A 1 79  ? -14.373 -6.308  -10.727 1.00 36.92 ? 76  HIS A CE1 1 
ATOM   525  N  NE2 . HIS A 1 79  ? -13.577 -5.474  -10.088 1.00 41.59 ? 76  HIS A NE2 1 
ATOM   526  N  N   . GLU A 1 80  ? -9.804  -10.633 -8.109  1.00 35.83 ? 77  GLU A N   1 
ATOM   527  C  CA  . GLU A 1 80  ? -9.428  -11.960 -7.620  1.00 35.91 ? 77  GLU A CA  1 
ATOM   528  C  C   . GLU A 1 80  ? -8.891  -11.922 -6.162  1.00 35.38 ? 77  GLU A C   1 
ATOM   529  O  O   . GLU A 1 80  ? -9.140  -12.841 -5.363  1.00 34.50 ? 77  GLU A O   1 
ATOM   530  C  CB  . GLU A 1 80  ? -8.355  -12.511 -8.505  1.00 35.64 ? 77  GLU A CB  1 
ATOM   531  C  CG  . GLU A 1 80  ? -8.870  -12.910 -9.888  1.00 40.72 ? 77  GLU A CG  1 
ATOM   532  C  CD  . GLU A 1 80  ? -7.763  -13.260 -10.862 1.00 44.84 ? 77  GLU A CD  1 
ATOM   533  O  OE1 . GLU A 1 80  ? -6.576  -13.331 -10.445 1.00 44.63 ? 77  GLU A OE1 1 
ATOM   534  O  OE2 . GLU A 1 80  ? -8.095  -13.483 -12.061 1.00 50.17 ? 77  GLU A OE2 1 
ATOM   535  N  N   . ILE A 1 81  ? -8.094  -10.902 -5.843  1.00 34.88 ? 78  ILE A N   1 
ATOM   536  C  CA  . ILE A 1 81  ? -7.631  -10.709 -4.479  1.00 33.43 ? 78  ILE A CA  1 
ATOM   537  C  C   . ILE A 1 81  ? -8.840  -10.499 -3.549  1.00 33.94 ? 78  ILE A C   1 
ATOM   538  O  O   . ILE A 1 81  ? -8.846  -11.027 -2.464  1.00 34.85 ? 78  ILE A O   1 
ATOM   539  C  CB  . ILE A 1 81  ? -6.628  -9.505  -4.372  1.00 34.51 ? 78  ILE A CB  1 
ATOM   540  C  CG1 . ILE A 1 81  ? -5.340  -9.804  -5.175  1.00 32.83 ? 78  ILE A CG1 1 
ATOM   541  C  CG2 . ILE A 1 81  ? -6.366  -9.097  -2.858  1.00 31.38 ? 78  ILE A CG2 1 
ATOM   542  C  CD1 . ILE A 1 81  ? -4.558  -8.580  -5.608  1.00 32.88 ? 78  ILE A CD1 1 
ATOM   543  N  N   . LEU A 1 82  ? -9.843  -9.707  -3.943  1.00 32.32 ? 79  LEU A N   1 
ATOM   544  C  CA  . LEU A 1 82  ? -10.982 -9.433  -3.070  1.00 31.63 ? 79  LEU A CA  1 
ATOM   545  C  C   . LEU A 1 82  ? -11.895 -10.653 -2.965  1.00 31.23 ? 79  LEU A C   1 
ATOM   546  O  O   . LEU A 1 82  ? -12.315 -11.064 -1.855  1.00 30.81 ? 79  LEU A O   1 
ATOM   547  C  CB  . LEU A 1 82  ? -11.776 -8.240  -3.584  1.00 32.37 ? 79  LEU A CB  1 
ATOM   548  C  CG  . LEU A 1 82  ? -11.084 -6.868  -3.493  1.00 31.33 ? 79  LEU A CG  1 
ATOM   549  C  CD1 . LEU A 1 82  ? -12.041 -5.898  -4.195  1.00 35.09 ? 79  LEU A CD1 1 
ATOM   550  C  CD2 . LEU A 1 82  ? -10.930 -6.485  -2.104  1.00 31.59 ? 79  LEU A CD2 1 
ATOM   551  N  N   . ASP A 1 83  ? -12.164 -11.268 -4.112  1.00 29.34 ? 80  ASP A N   1 
ATOM   552  C  CA  . ASP A 1 83  ? -12.920 -12.552 -4.126  1.00 28.31 ? 80  ASP A CA  1 
ATOM   553  C  C   . ASP A 1 83  ? -12.280 -13.678 -3.253  1.00 28.40 ? 80  ASP A C   1 
ATOM   554  O  O   . ASP A 1 83  ? -12.970 -14.316 -2.404  1.00 28.24 ? 80  ASP A O   1 
ATOM   555  C  CB  . ASP A 1 83  ? -13.121 -13.040 -5.593  1.00 27.85 ? 80  ASP A CB  1 
ATOM   556  C  CG  . ASP A 1 83  ? -14.088 -14.177 -5.694  1.00 28.91 ? 80  ASP A CG  1 
ATOM   557  O  OD1 . ASP A 1 83  ? -15.155 -14.094 -5.022  1.00 28.48 ? 80  ASP A OD1 1 
ATOM   558  O  OD2 . ASP A 1 83  ? -13.817 -15.137 -6.500  1.00 33.16 ? 80  ASP A OD2 1 
ATOM   559  N  N   . SER A 1 84  ? -10.986 -13.944 -3.456  1.00 28.04 ? 81  SER A N   1 
ATOM   560  C  CA  . SER A 1 84  ? -10.314 -15.063 -2.740  1.00 27.80 ? 81  SER A CA  1 
ATOM   561  C  C   . SER A 1 84  ? -9.913  -14.689 -1.300  1.00 27.79 ? 81  SER A C   1 
ATOM   562  O  O   . SER A 1 84  ? -9.664  -15.571 -0.488  1.00 27.94 ? 81  SER A O   1 
ATOM   563  C  CB  . SER A 1 84  ? -9.056  -15.532 -3.517  1.00 26.50 ? 81  SER A CB  1 
ATOM   564  O  OG  . SER A 1 84  ? -8.156  -14.396 -3.540  1.00 26.48 ? 81  SER A OG  1 
ATOM   565  N  N   . ASN A 1 85  ? -9.723  -13.389 -1.023  1.00 28.05 ? 82  ASN A N   1 
ATOM   566  C  CA  . ASN A 1 85  ? -9.205  -12.878 0.259   1.00 28.60 ? 82  ASN A CA  1 
ATOM   567  C  C   . ASN A 1 85  ? -7.797  -13.369 0.464   1.00 29.29 ? 82  ASN A C   1 
ATOM   568  O  O   . ASN A 1 85  ? -7.380  -13.693 1.563   1.00 27.52 ? 82  ASN A O   1 
ATOM   569  C  CB  . ASN A 1 85  ? -10.100 -13.265 1.442   1.00 28.27 ? 82  ASN A CB  1 
ATOM   570  C  CG  . ASN A 1 85  ? -11.465 -12.636 1.349   1.00 31.73 ? 82  ASN A CG  1 
ATOM   571  O  OD1 . ASN A 1 85  ? -12.450 -13.302 0.995   1.00 32.16 ? 82  ASN A OD1 1 
ATOM   572  N  ND2 . ASN A 1 85  ? -11.537 -11.325 1.591   1.00 27.23 ? 82  ASN A ND2 1 
ATOM   573  N  N   . LEU A 1 86  ? -7.087  -13.505 -0.653  1.00 31.40 ? 83  LEU A N   1 
ATOM   574  C  CA  . LEU A 1 86  ? -5.659  -13.845 -0.629  1.00 32.89 ? 83  LEU A CA  1 
ATOM   575  C  C   . LEU A 1 86  ? -4.851  -12.842 -1.418  1.00 33.68 ? 83  LEU A C   1 
ATOM   576  O  O   . LEU A 1 86  ? -5.131  -12.618 -2.632  1.00 33.46 ? 83  LEU A O   1 
ATOM   577  C  CB  . LEU A 1 86  ? -5.387  -15.256 -1.209  1.00 31.13 ? 83  LEU A CB  1 
ATOM   578  C  CG  . LEU A 1 86  ? -6.011  -16.363 -0.352  1.00 31.50 ? 83  LEU A CG  1 
ATOM   579  C  CD1 . LEU A 1 86  ? -6.068  -17.691 -1.181  1.00 36.02 ? 83  LEU A CD1 1 
ATOM   580  C  CD2 . LEU A 1 86  ? -5.318  -16.521 1.056   1.00 33.15 ? 83  LEU A CD2 1 
ATOM   581  N  N   . LEU A 1 87  ? -3.830  -12.303 -0.760  1.00 34.11 ? 84  LEU A N   1 
ATOM   582  C  CA  . LEU A 1 87  ? -2.891  -11.374 -1.402  1.00 34.80 ? 84  LEU A CA  1 
ATOM   583  C  C   . LEU A 1 87  ? -1.578  -12.098 -1.521  1.00 35.48 ? 84  LEU A C   1 
ATOM   584  O  O   . LEU A 1 87  ? -1.037  -12.619 -0.555  1.00 35.69 ? 84  LEU A O   1 
ATOM   585  C  CB  . LEU A 1 87  ? -2.692  -10.104 -0.539  1.00 35.76 ? 84  LEU A CB  1 
ATOM   586  C  CG  . LEU A 1 87  ? -1.752  -8.996  -1.049  1.00 34.51 ? 84  LEU A CG  1 
ATOM   587  C  CD1 . LEU A 1 87  ? -2.266  -8.363  -2.333  1.00 34.68 ? 84  LEU A CD1 1 
ATOM   588  C  CD2 . LEU A 1 87  ? -1.581  -7.946  0.087   1.00 33.77 ? 84  LEU A CD2 1 
ATOM   589  N  N   . ASN A 1 88  ? -1.063  -12.133 -2.733  1.00 36.18 ? 85  ASN A N   1 
ATOM   590  C  CA  . ASN A 1 88  ? 0.184   -12.808 -2.988  1.00 37.37 ? 85  ASN A CA  1 
ATOM   591  C  C   . ASN A 1 88  ? 1.351   -11.863 -2.755  1.00 37.53 ? 85  ASN A C   1 
ATOM   592  O  O   . ASN A 1 88  ? 1.912   -11.264 -3.701  1.00 36.64 ? 85  ASN A O   1 
ATOM   593  C  CB  . ASN A 1 88  ? 0.157   -13.333 -4.418  1.00 38.10 ? 85  ASN A CB  1 
ATOM   594  C  CG  . ASN A 1 88  ? 1.213   -14.326 -4.675  1.00 39.96 ? 85  ASN A CG  1 
ATOM   595  O  OD1 . ASN A 1 88  ? 1.978   -14.724 -3.770  1.00 44.78 ? 85  ASN A OD1 1 
ATOM   596  N  ND2 . ASN A 1 88  ? 1.288   -14.754 -5.924  1.00 39.89 ? 85  ASN A ND2 1 
ATOM   597  N  N   . LEU A 1 89  ? 1.733   -11.741 -1.488  1.00 37.80 ? 86  LEU A N   1 
ATOM   598  C  CA  . LEU A 1 89  ? 2.693   -10.765 -1.003  1.00 38.01 ? 86  LEU A CA  1 
ATOM   599  C  C   . LEU A 1 89  ? 4.071   -10.919 -1.628  1.00 37.90 ? 86  LEU A C   1 
ATOM   600  O  O   . LEU A 1 89  ? 4.768   -11.866 -1.365  1.00 36.67 ? 86  LEU A O   1 
ATOM   601  C  CB  . LEU A 1 89  ? 2.819   -10.878 0.523   1.00 37.00 ? 86  LEU A CB  1 
ATOM   602  C  CG  . LEU A 1 89  ? 2.916   -9.725  1.513   1.00 39.71 ? 86  LEU A CG  1 
ATOM   603  C  CD1 . LEU A 1 89  ? 4.147   -9.761  2.334   1.00 39.23 ? 86  LEU A CD1 1 
ATOM   604  C  CD2 . LEU A 1 89  ? 2.679   -8.387  0.947   1.00 33.54 ? 86  LEU A CD2 1 
ATOM   605  N  N   . ALA A 1 90  ? 4.471   -9.952  -2.430  1.00 37.95 ? 87  ALA A N   1 
ATOM   606  C  CA  . ALA A 1 90  ? 5.794   -9.915  -3.013  1.00 38.94 ? 87  ALA A CA  1 
ATOM   607  C  C   . ALA A 1 90  ? 6.094   -10.906 -4.141  1.00 40.84 ? 87  ALA A C   1 
ATOM   608  O  O   . ALA A 1 90  ? 7.213   -11.026 -4.569  1.00 41.86 ? 87  ALA A O   1 
ATOM   609  C  CB  . ALA A 1 90  ? 6.826   -9.970  -1.975  1.00 37.87 ? 87  ALA A CB  1 
ATOM   610  N  N   . GLY A 1 91  ? 5.093   -11.618 -4.610  1.00 42.47 ? 88  GLY A N   1 
ATOM   611  C  CA  . GLY A 1 91  ? 5.356   -12.816 -5.384  1.00 46.99 ? 88  GLY A CA  1 
ATOM   612  C  C   . GLY A 1 91  ? 4.887   -14.171 -4.893  1.00 47.18 ? 88  GLY A C   1 
ATOM   613  O  O   . GLY A 1 91  ? 3.722   -14.478 -5.030  1.00 49.03 ? 88  GLY A O   1 
ATOM   614  N  N   . LYS A 1 92  ? 5.819   -15.003 -4.434  1.00 47.65 ? 89  LYS A N   1 
ATOM   615  C  CA  . LYS A 1 92  ? 6.005   -15.411 -3.037  1.00 46.56 ? 89  LYS A CA  1 
ATOM   616  C  C   . LYS A 1 92  ? 4.837   -16.010 -2.239  1.00 46.24 ? 89  LYS A C   1 
ATOM   617  O  O   . LYS A 1 92  ? 4.430   -17.126 -2.492  1.00 46.87 ? 89  LYS A O   1 
ATOM   618  C  CB  . LYS A 1 92  ? 6.746   -14.372 -2.241  1.00 46.64 ? 89  LYS A CB  1 
ATOM   619  C  CG  . LYS A 1 92  ? 8.230   -14.441 -2.354  1.00 45.20 ? 89  LYS A CG  1 
ATOM   620  C  CD  . LYS A 1 92  ? 8.825   -13.269 -1.671  1.00 45.11 ? 89  LYS A CD  1 
ATOM   621  C  CE  . LYS A 1 92  ? 10.280  -13.223 -1.824  1.00 47.92 ? 89  LYS A CE  1 
ATOM   622  N  NZ  . LYS A 1 92  ? 10.874  -12.381 -0.800  1.00 50.27 ? 89  LYS A NZ  1 
ATOM   623  N  N   . LYS A 1 93  ? 4.307   -15.254 -1.281  1.00 44.89 ? 90  LYS A N   1 
ATOM   624  C  CA  . LYS A 1 93  ? 3.586   -15.792 -0.135  1.00 43.37 ? 90  LYS A CA  1 
ATOM   625  C  C   . LYS A 1 93  ? 2.170   -15.243 -0.013  1.00 42.49 ? 90  LYS A C   1 
ATOM   626  O  O   . LYS A 1 93  ? 1.986   -14.059 0.151   1.00 41.39 ? 90  LYS A O   1 
ATOM   627  C  CB  . LYS A 1 93  ? 4.390   -15.528 1.126   1.00 43.37 ? 90  LYS A CB  1 
ATOM   628  C  CG  . LYS A 1 93  ? 3.612   -15.246 2.361   1.00 44.35 ? 90  LYS A CG  1 
ATOM   629  C  CD  . LYS A 1 93  ? 4.482   -14.531 3.358   1.00 43.68 ? 90  LYS A CD  1 
ATOM   630  C  CE  . LYS A 1 93  ? 4.242   -15.000 4.755   1.00 46.84 ? 90  LYS A CE  1 
ATOM   631  N  NZ  . LYS A 1 93  ? 5.252   -14.516 5.693   1.00 48.23 ? 90  LYS A NZ  1 
ATOM   632  N  N   . GLU A 1 94  ? 1.179   -16.121 -0.113  1.00 40.32 ? 91  GLU A N   1 
ATOM   633  C  CA  . GLU A 1 94  ? -0.224  -15.776 -0.012  1.00 39.75 ? 91  GLU A CA  1 
ATOM   634  C  C   . GLU A 1 94  ? -0.610  -15.523 1.442   1.00 37.49 ? 91  GLU A C   1 
ATOM   635  O  O   . GLU A 1 94  ? -0.377  -16.372 2.313   1.00 37.94 ? 91  GLU A O   1 
ATOM   636  C  CB  . GLU A 1 94  ? -1.095  -16.868 -0.569  1.00 39.77 ? 91  GLU A CB  1 
ATOM   637  C  CG  . GLU A 1 94  ? -0.777  -17.142 -1.973  1.00 47.58 ? 91  GLU A CG  1 
ATOM   638  C  CD  . GLU A 1 94  ? -2.019  -17.437 -2.821  1.00 55.46 ? 91  GLU A CD  1 
ATOM   639  O  OE1 . GLU A 1 94  ? -2.660  -18.496 -2.594  1.00 53.10 ? 91  GLU A OE1 1 
ATOM   640  O  OE2 . GLU A 1 94  ? -2.326  -16.593 -3.723  1.00 60.99 ? 91  GLU A OE2 1 
ATOM   641  N  N   . ILE A 1 95  ? -1.219  -14.364 1.698   1.00 34.78 ? 92  ILE A N   1 
ATOM   642  C  CA  . ILE A 1 95  ? -1.723  -14.039 3.049   1.00 31.79 ? 92  ILE A CA  1 
ATOM   643  C  C   . ILE A 1 95  ? -3.208  -13.651 3.001   1.00 30.62 ? 92  ILE A C   1 
ATOM   644  O  O   . ILE A 1 95  ? -3.670  -13.129 1.979   1.00 30.81 ? 92  ILE A O   1 
ATOM   645  C  CB  . ILE A 1 95  ? -0.860  -12.876 3.725   1.00 32.81 ? 92  ILE A CB  1 
ATOM   646  C  CG1 . ILE A 1 95  ? -0.890  -11.575 2.902   1.00 31.05 ? 92  ILE A CG1 1 
ATOM   647  C  CG2 . ILE A 1 95  ? 0.608   -13.329 3.955   1.00 32.11 ? 92  ILE A CG2 1 
ATOM   648  C  CD1 . ILE A 1 95  ? -0.208  -10.386 3.623   1.00 29.35 ? 92  ILE A CD1 1 
ATOM   649  N  N   . PRO A 1 96  ? -3.953  -13.880 4.091   1.00 29.72 ? 93  PRO A N   1 
ATOM   650  C  CA  . PRO A 1 96  ? -5.312  -13.391 4.095   1.00 29.83 ? 93  PRO A CA  1 
ATOM   651  C  C   . PRO A 1 96  ? -5.354  -11.879 3.909   1.00 30.20 ? 93  PRO A C   1 
ATOM   652  O  O   . PRO A 1 96  ? -4.510  -11.152 4.458   1.00 29.78 ? 93  PRO A O   1 
ATOM   653  C  CB  . PRO A 1 96  ? -5.829  -13.762 5.496   1.00 29.77 ? 93  PRO A CB  1 
ATOM   654  C  CG  . PRO A 1 96  ? -4.977  -15.038 5.886   1.00 30.79 ? 93  PRO A CG  1 
ATOM   655  C  CD  . PRO A 1 96  ? -3.607  -14.578 5.355   1.00 29.59 ? 93  PRO A CD  1 
ATOM   656  N  N   . PHE A 1 97  ? -6.334  -11.433 3.126   1.00 28.87 ? 94  PHE A N   1 
ATOM   657  C  CA  . PHE A 1 97  ? -6.522  -10.032 2.882   1.00 28.67 ? 94  PHE A CA  1 
ATOM   658  C  C   . PHE A 1 97  ? -8.009  -9.765  2.942   1.00 27.56 ? 94  PHE A C   1 
ATOM   659  O  O   . PHE A 1 97  ? -8.797  -10.435 2.258   1.00 25.47 ? 94  PHE A O   1 
ATOM   660  C  CB  . PHE A 1 97  ? -5.984  -9.658  1.490   1.00 28.62 ? 94  PHE A CB  1 
ATOM   661  C  CG  . PHE A 1 97  ? -6.227  -8.233  1.160   1.00 30.39 ? 94  PHE A CG  1 
ATOM   662  C  CD1 . PHE A 1 97  ? -5.400  -7.253  1.687   1.00 24.44 ? 94  PHE A CD1 1 
ATOM   663  C  CD2 . PHE A 1 97  ? -7.361  -7.859  0.406   1.00 28.61 ? 94  PHE A CD2 1 
ATOM   664  C  CE1 . PHE A 1 97  ? -5.650  -5.881  1.445   1.00 28.38 ? 94  PHE A CE1 1 
ATOM   665  C  CE2 . PHE A 1 97  ? -7.637  -6.489  0.188   1.00 30.27 ? 94  PHE A CE2 1 
ATOM   666  C  CZ  . PHE A 1 97  ? -6.765  -5.517  0.683   1.00 25.80 ? 94  PHE A CZ  1 
ATOM   667  N  N   . HIS A 1 98  ? -8.409  -8.795  3.748   1.00 25.18 ? 95  HIS A N   1 
ATOM   668  C  CA  . HIS A 1 98  ? -9.809  -8.446  3.838   1.00 25.90 ? 95  HIS A CA  1 
ATOM   669  C  C   . HIS A 1 98  ? -9.876  -6.940  3.647   1.00 26.44 ? 95  HIS A C   1 
ATOM   670  O  O   . HIS A 1 98  ? -9.354  -6.203  4.458   1.00 27.24 ? 95  HIS A O   1 
ATOM   671  C  CB  . HIS A 1 98  ? -10.381 -8.877  5.184   1.00 25.69 ? 95  HIS A CB  1 
ATOM   672  C  CG  . HIS A 1 98  ? -10.425 -10.375 5.334   1.00 27.26 ? 95  HIS A CG  1 
ATOM   673  N  ND1 . HIS A 1 98  ? -9.314  -11.125 5.676   1.00 27.25 ? 95  HIS A ND1 1 
ATOM   674  C  CD2 . HIS A 1 98  ? -11.407 -11.262 5.061   1.00 24.85 ? 95  HIS A CD2 1 
ATOM   675  C  CE1 . HIS A 1 98  ? -9.622  -12.409 5.619   1.00 27.75 ? 95  HIS A CE1 1 
ATOM   676  N  NE2 . HIS A 1 98  ? -10.887 -12.520 5.260   1.00 26.97 ? 95  HIS A NE2 1 
ATOM   677  N  N   . GLU A 1 99  ? -10.480 -6.493  2.554   1.00 25.57 ? 96  GLU A N   1 
ATOM   678  C  CA  . GLU A 1 99  ? -10.555 -5.079  2.252   1.00 25.94 ? 96  GLU A CA  1 
ATOM   679  C  C   . GLU A 1 99  ? -11.136 -4.230  3.407   1.00 25.51 ? 96  GLU A C   1 
ATOM   680  O  O   . GLU A 1 99  ? -10.629 -3.140  3.722   1.00 24.91 ? 96  GLU A O   1 
ATOM   681  C  CB  . GLU A 1 99  ? -11.378 -4.861  0.996   1.00 24.97 ? 96  GLU A CB  1 
ATOM   682  C  CG  . GLU A 1 99  ? -11.095 -3.443  0.504   1.00 28.30 ? 96  GLU A CG  1 
ATOM   683  C  CD  . GLU A 1 99  ? -11.945 -3.024  -0.678  1.00 35.70 ? 96  GLU A CD  1 
ATOM   684  O  OE1 . GLU A 1 99  ? -13.195 -3.283  -0.689  1.00 39.54 ? 96  GLU A OE1 1 
ATOM   685  O  OE2 . GLU A 1 99  ? -11.328 -2.425  -1.580  1.00 41.05 ? 96  GLU A OE2 1 
ATOM   686  N  N   . ALA A 1 100 ? -12.190 -4.752  4.025   1.00 25.42 ? 97  ALA A N   1 
ATOM   687  C  CA  . ALA A 1 100 ? -12.930 -4.083  5.088   1.00 25.97 ? 97  ALA A CA  1 
ATOM   688  C  C   . ALA A 1 100 ? -12.017 -3.648  6.230   1.00 26.38 ? 97  ALA A C   1 
ATOM   689  O  O   . ALA A 1 100 ? -12.247 -2.585  6.798   1.00 29.36 ? 97  ALA A O   1 
ATOM   690  C  CB  . ALA A 1 100 ? -14.103 -5.002  5.603   1.00 26.54 ? 97  ALA A CB  1 
ATOM   691  N  N   . THR A 1 101 ? -10.976 -4.433  6.550   1.00 25.25 ? 98  THR A N   1 
ATOM   692  C  CA  . THR A 1 101 ? -10.070 -4.081  7.662   1.00 24.96 ? 98  THR A CA  1 
ATOM   693  C  C   . THR A 1 101 ? -8.666  -3.627  7.190   1.00 25.81 ? 98  THR A C   1 
ATOM   694  O  O   . THR A 1 101 ? -7.951  -2.963  7.964   1.00 25.27 ? 98  THR A O   1 
ATOM   695  C  CB  . THR A 1 101 ? -9.877  -5.285  8.667   1.00 24.99 ? 98  THR A CB  1 
ATOM   696  O  OG1 . THR A 1 101 ? -9.359  -6.420  7.949   1.00 23.23 ? 98  THR A OG1 1 
ATOM   697  C  CG2 . THR A 1 101 ? -11.219 -5.666  9.443   1.00 22.14 ? 98  THR A CG2 1 
ATOM   698  N  N   . ASP A 1 102 ? -8.300  -4.015  5.962   1.00 25.16 ? 99  ASP A N   1 
ATOM   699  C  CA  . ASP A 1 102 ? -6.909  -3.931  5.447   1.00 26.37 ? 99  ASP A CA  1 
ATOM   700  C  C   . ASP A 1 102 ? -6.645  -2.856  4.401   1.00 26.19 ? 99  ASP A C   1 
ATOM   701  O  O   . ASP A 1 102 ? -5.484  -2.641  4.008   1.00 26.93 ? 99  ASP A O   1 
ATOM   702  C  CB  . ASP A 1 102 ? -6.429  -5.276  4.858   1.00 24.76 ? 99  ASP A CB  1 
ATOM   703  C  CG  . ASP A 1 102 ? -6.571  -6.451  5.822   1.00 28.03 ? 99  ASP A CG  1 
ATOM   704  O  OD1 . ASP A 1 102 ? -6.928  -6.238  7.006   1.00 27.63 ? 99  ASP A OD1 1 
ATOM   705  O  OD2 . ASP A 1 102 ? -6.315  -7.606  5.366   1.00 25.89 ? 99  ASP A OD2 1 
ATOM   706  N  N   . PHE A 1 103 ? -7.694  -2.210  3.898   1.00 27.30 ? 100 PHE A N   1 
ATOM   707  C  CA  . PHE A 1 103 ? -7.503  -1.176  2.887   1.00 27.38 ? 100 PHE A CA  1 
ATOM   708  C  C   . PHE A 1 103 ? -8.488  -0.042  3.157   1.00 28.44 ? 100 PHE A C   1 
ATOM   709  O  O   . PHE A 1 103 ? -9.677  -0.187  2.829   1.00 30.20 ? 100 PHE A O   1 
ATOM   710  C  CB  . PHE A 1 103 ? -7.628  -1.717  1.441   1.00 27.98 ? 100 PHE A CB  1 
ATOM   711  C  CG  . PHE A 1 103 ? -6.903  -0.866  0.438   1.00 28.84 ? 100 PHE A CG  1 
ATOM   712  C  CD1 . PHE A 1 103 ? -5.775  -1.334  -0.198  1.00 31.03 ? 100 PHE A CD1 1 
ATOM   713  C  CD2 . PHE A 1 103 ? -7.320  0.430   0.170   1.00 29.33 ? 100 PHE A CD2 1 
ATOM   714  C  CE1 . PHE A 1 103 ? -5.092  -0.557  -1.109  1.00 27.05 ? 100 PHE A CE1 1 
ATOM   715  C  CE2 . PHE A 1 103 ? -6.616  1.229   -0.727  1.00 30.78 ? 100 PHE A CE2 1 
ATOM   716  C  CZ  . PHE A 1 103 ? -5.496  0.715   -1.359  1.00 29.87 ? 100 PHE A CZ  1 
ATOM   717  N  N   . LEU A 1 104 ? -8.014  1.031   3.818   1.00 25.93 ? 101 LEU A N   1 
ATOM   718  C  CA  . LEU A 1 104 ? -8.894  2.099   4.315   1.00 25.70 ? 101 LEU A CA  1 
ATOM   719  C  C   . LEU A 1 104 ? -8.705  3.406   3.576   1.00 24.94 ? 101 LEU A C   1 
ATOM   720  O  O   . LEU A 1 104 ? -7.570  3.860   3.379   1.00 23.99 ? 101 LEU A O   1 
ATOM   721  C  CB  . LEU A 1 104 ? -8.714  2.335   5.841   1.00 25.53 ? 101 LEU A CB  1 
ATOM   722  C  CG  . LEU A 1 104 ? -8.733  1.004   6.647   1.00 26.92 ? 101 LEU A CG  1 
ATOM   723  C  CD1 . LEU A 1 104 ? -8.602  1.357   8.080   1.00 34.43 ? 101 LEU A CD1 1 
ATOM   724  C  CD2 . LEU A 1 104 ? -10.018 0.165   6.421   1.00 25.45 ? 101 LEU A CD2 1 
ATOM   725  N  N   . PHE A 1 105 ? -9.832  4.009   3.180   1.00 24.38 ? 102 PHE A N   1 
ATOM   726  C  CA  . PHE A 1 105 ? -9.815  5.329   2.528   1.00 26.21 ? 102 PHE A CA  1 
ATOM   727  C  C   . PHE A 1 105 ? -10.226 6.322   3.600   1.00 26.18 ? 102 PHE A C   1 
ATOM   728  O  O   . PHE A 1 105 ? -11.394 6.403   3.943   1.00 24.91 ? 102 PHE A O   1 
ATOM   729  C  CB  . PHE A 1 105 ? -10.818 5.350   1.384   1.00 25.97 ? 102 PHE A CB  1 
ATOM   730  C  CG  . PHE A 1 105 ? -10.397 4.513   0.228   1.00 27.36 ? 102 PHE A CG  1 
ATOM   731  C  CD1 . PHE A 1 105 ? -9.843  5.109   -0.900  1.00 31.39 ? 102 PHE A CD1 1 
ATOM   732  C  CD2 . PHE A 1 105 ? -10.543 3.136   0.259   1.00 29.07 ? 102 PHE A CD2 1 
ATOM   733  C  CE1 . PHE A 1 105 ? -9.467  4.332   -2.019  1.00 33.63 ? 102 PHE A CE1 1 
ATOM   734  C  CE2 . PHE A 1 105 ? -10.162 2.359   -0.831  1.00 30.18 ? 102 PHE A CE2 1 
ATOM   735  C  CZ  . PHE A 1 105 ? -9.612  2.964   -1.969  1.00 31.24 ? 102 PHE A CZ  1 
ATOM   736  N  N   . LEU A 1 106 ? -9.269  7.022   4.160   1.00 22.91 ? 103 LEU A N   1 
ATOM   737  C  CA  . LEU A 1 106 ? -9.566  7.952   5.261   1.00 26.44 ? 103 LEU A CA  1 
ATOM   738  C  C   . LEU A 1 106 ? -9.740  9.372   4.723   1.00 27.67 ? 103 LEU A C   1 
ATOM   739  O  O   . LEU A 1 106 ? -8.875  10.206  4.915   1.00 27.55 ? 103 LEU A O   1 
ATOM   740  C  CB  . LEU A 1 106 ? -8.491  7.856   6.386   1.00 24.79 ? 103 LEU A CB  1 
ATOM   741  C  CG  . LEU A 1 106 ? -8.215  6.401   6.897   1.00 24.33 ? 103 LEU A CG  1 
ATOM   742  C  CD1 . LEU A 1 106 ? -7.166  6.433   7.892   1.00 25.91 ? 103 LEU A CD1 1 
ATOM   743  C  CD2 . LEU A 1 106 ? -9.511  5.782   7.540   1.00 22.64 ? 103 LEU A CD2 1 
ATOM   744  N  N   . GLN A 1 107 ? -10.875 9.597   4.055   1.00 29.98 ? 104 GLN A N   1 
ATOM   745  C  CA  . GLN A 1 107 ? -11.223 10.852  3.326   1.00 33.40 ? 104 GLN A CA  1 
ATOM   746  C  C   . GLN A 1 107 ? -11.231 12.067  4.262   1.00 32.17 ? 104 GLN A C   1 
ATOM   747  O  O   . GLN A 1 107 ? -11.023 13.176  3.819   1.00 32.44 ? 104 GLN A O   1 
ATOM   748  C  CB  . GLN A 1 107 ? -12.604 10.712  2.614   1.00 32.23 ? 104 GLN A CB  1 
ATOM   749  C  CG  . GLN A 1 107 ? -12.698 9.364   1.926   1.00 38.56 ? 104 GLN A CG  1 
ATOM   750  C  CD  . GLN A 1 107 ? -13.739 9.253   0.774   1.00 39.41 ? 104 GLN A CD  1 
ATOM   751  O  OE1 . GLN A 1 107 ? -14.865 9.780   0.880   1.00 47.72 ? 104 GLN A OE1 1 
ATOM   752  N  NE2 . GLN A 1 107 ? -13.377 8.513   -0.307  1.00 42.13 ? 104 GLN A NE2 1 
ATOM   753  N  N   . LYS A 1 108 ? -11.397 11.845  5.562   1.00 29.89 ? 105 LYS A N   1 
ATOM   754  C  CA  . LYS A 1 108 ? -11.491 12.968  6.503   1.00 28.23 ? 105 LYS A CA  1 
ATOM   755  C  C   . LYS A 1 108 ? -10.200 13.283  7.170   1.00 28.34 ? 105 LYS A C   1 
ATOM   756  O  O   . LYS A 1 108 ? -10.198 14.138  8.071   1.00 29.53 ? 105 LYS A O   1 
ATOM   757  C  CB  . LYS A 1 108 ? -12.541 12.679  7.603   1.00 27.70 ? 105 LYS A CB  1 
ATOM   758  C  CG  . LYS A 1 108 ? -13.973 12.366  7.096   1.00 26.83 ? 105 LYS A CG  1 
ATOM   759  C  CD  . LYS A 1 108 ? -14.838 12.002  8.305   1.00 27.97 ? 105 LYS A CD  1 
ATOM   760  C  CE  . LYS A 1 108 ? -16.293 11.728  7.886   1.00 31.28 ? 105 LYS A CE  1 
ATOM   761  N  NZ  . LYS A 1 108 ? -17.235 11.277  8.996   1.00 29.57 ? 105 LYS A NZ  1 
ATOM   762  N  N   . GLU A 1 109 ? -9.098  12.616  6.798   1.00 26.77 ? 106 GLU A N   1 
ATOM   763  C  CA  . GLU A 1 109 ? -7.821  12.864  7.500   1.00 27.91 ? 106 GLU A CA  1 
ATOM   764  C  C   . GLU A 1 109 ? -6.733  13.214  6.483   1.00 28.10 ? 106 GLU A C   1 
ATOM   765  O  O   . GLU A 1 109 ? -6.849  12.875  5.289   1.00 26.49 ? 106 GLU A O   1 
ATOM   766  C  CB  . GLU A 1 109 ? -7.422  11.646  8.353   1.00 26.62 ? 106 GLU A CB  1 
ATOM   767  C  CG  . GLU A 1 109 ? -8.443  11.306  9.417   1.00 29.33 ? 106 GLU A CG  1 
ATOM   768  C  CD  . GLU A 1 109 ? -7.968  10.153  10.283  1.00 33.33 ? 106 GLU A CD  1 
ATOM   769  O  OE1 . GLU A 1 109 ? -6.714  9.982   10.436  1.00 27.05 ? 106 GLU A OE1 1 
ATOM   770  O  OE2 . GLU A 1 109 ? -8.846  9.423   10.799  1.00 30.55 ? 106 GLU A OE2 1 
ATOM   771  N  N   . LEU A 1 110 ? -5.730  13.913  6.993   1.00 29.72 ? 107 LEU A N   1 
ATOM   772  C  CA  . LEU A 1 110 ? -4.537  14.343  6.267   1.00 32.35 ? 107 LEU A CA  1 
ATOM   773  C  C   . LEU A 1 110 ? -3.316  13.849  7.004   1.00 33.38 ? 107 LEU A C   1 
ATOM   774  O  O   . LEU A 1 110 ? -3.275  13.961  8.232   1.00 35.03 ? 107 LEU A O   1 
ATOM   775  C  CB  . LEU A 1 110 ? -4.473  15.859  6.279   1.00 31.86 ? 107 LEU A CB  1 
ATOM   776  C  CG  . LEU A 1 110 ? -5.443  16.465  5.280   1.00 32.74 ? 107 LEU A CG  1 
ATOM   777  C  CD1 . LEU A 1 110 ? -5.428  17.952  5.490   1.00 33.35 ? 107 LEU A CD1 1 
ATOM   778  C  CD2 . LEU A 1 110 ? -4.960  16.114  3.839   1.00 33.15 ? 107 LEU A CD2 1 
ATOM   779  N  N   . LEU A 1 111 ? -2.310  13.325  6.297   1.00 33.95 ? 108 LEU A N   1 
ATOM   780  C  CA  . LEU A 1 111 ? -0.999  13.200  6.936   1.00 33.96 ? 108 LEU A CA  1 
ATOM   781  C  C   . LEU A 1 111 ? -0.310  14.583  6.840   1.00 34.04 ? 108 LEU A C   1 
ATOM   782  O  O   . LEU A 1 111 ? -0.630  15.366  5.932   1.00 33.81 ? 108 LEU A O   1 
ATOM   783  C  CB  . LEU A 1 111 ? -0.170  12.063  6.328   1.00 33.93 ? 108 LEU A CB  1 
ATOM   784  C  CG  . LEU A 1 111 ? -0.702  10.668  6.692   1.00 36.38 ? 108 LEU A CG  1 
ATOM   785  C  CD1 . LEU A 1 111 ? 0.061   9.557   5.950   1.00 33.40 ? 108 LEU A CD1 1 
ATOM   786  C  CD2 . LEU A 1 111 ? -0.664  10.405  8.196   1.00 37.76 ? 108 LEU A CD2 1 
ATOM   787  N  N   . PRO A 1 112 ? 0.604   14.896  7.784   1.00 34.62 ? 109 PRO A N   1 
ATOM   788  C  CA  . PRO A 1 112 ? 1.041   16.313  7.896   1.00 35.33 ? 109 PRO A CA  1 
ATOM   789  C  C   . PRO A 1 112 ? 1.910   16.894  6.740   1.00 34.97 ? 109 PRO A C   1 
ATOM   790  O  O   . PRO A 1 112 ? 1.791   18.088  6.459   1.00 36.70 ? 109 PRO A O   1 
ATOM   791  C  CB  . PRO A 1 112 ? 1.785   16.360  9.245   1.00 36.37 ? 109 PRO A CB  1 
ATOM   792  C  CG  . PRO A 1 112 ? 2.327   14.932  9.453   1.00 36.47 ? 109 PRO A CG  1 
ATOM   793  C  CD  . PRO A 1 112 ? 1.245   14.022  8.795   1.00 34.48 ? 109 PRO A CD  1 
ATOM   794  N  N   . LYS A 1 113 ? 2.738   16.111  6.040   1.00 34.29 ? 110 LYS A N   1 
ATOM   795  C  CA  . LYS A 1 113 ? 3.669   16.759  5.057   1.00 33.15 ? 110 LYS A CA  1 
ATOM   796  C  C   . LYS A 1 113 ? 2.944   17.176  3.781   1.00 32.25 ? 110 LYS A C   1 
ATOM   797  O  O   . LYS A 1 113 ? 3.368   18.106  3.086   1.00 29.86 ? 110 LYS A O   1 
ATOM   798  C  CB  . LYS A 1 113 ? 4.848   15.860  4.649   1.00 33.27 ? 110 LYS A CB  1 
ATOM   799  C  CG  . LYS A 1 113 ? 5.592   15.171  5.763   1.00 34.92 ? 110 LYS A CG  1 
ATOM   800  C  CD  . LYS A 1 113 ? 6.357   16.120  6.623   1.00 38.15 ? 110 LYS A CD  1 
ATOM   801  C  CE  . LYS A 1 113 ? 7.446   15.349  7.331   1.00 38.75 ? 110 LYS A CE  1 
ATOM   802  N  NZ  . LYS A 1 113 ? 8.085   16.165  8.355   1.00 42.11 ? 110 LYS A NZ  1 
ATOM   803  N  N   . HIS A 1 114 ? 1.864   16.456  3.454   1.00 29.36 ? 111 HIS A N   1 
ATOM   804  C  CA  . HIS A 1 114 ? 1.302   16.541  2.120   1.00 29.33 ? 111 HIS A CA  1 
ATOM   805  C  C   . HIS A 1 114 ? -0.017  15.768  2.016   1.00 30.13 ? 111 HIS A C   1 
ATOM   806  O  O   . HIS A 1 114 ? -0.211  14.813  2.759   1.00 28.01 ? 111 HIS A O   1 
ATOM   807  C  CB  . HIS A 1 114 ? 2.264   15.982  1.088   1.00 29.66 ? 111 HIS A CB  1 
ATOM   808  C  CG  . HIS A 1 114 ? 1.901   16.356  -0.306  1.00 33.57 ? 111 HIS A CG  1 
ATOM   809  N  ND1 . HIS A 1 114 ? 1.101   15.566  -1.107  1.00 33.99 ? 111 HIS A ND1 1 
ATOM   810  C  CD2 . HIS A 1 114 ? 2.168   17.477  -1.025  1.00 38.06 ? 111 HIS A CD2 1 
ATOM   811  C  CE1 . HIS A 1 114 ? 0.919   16.168  -2.269  1.00 38.31 ? 111 HIS A CE1 1 
ATOM   812  N  NE2 . HIS A 1 114 ? 1.580   17.317  -2.255  1.00 40.28 ? 111 HIS A NE2 1 
ATOM   813  N  N   . SER A 1 115 ? -0.895  16.218  1.112   1.00 30.62 ? 112 SER A N   1 
ATOM   814  C  CA  . SER A 1 115 ? -2.208  15.615  0.879   1.00 31.26 ? 112 SER A CA  1 
ATOM   815  C  C   . SER A 1 115 ? -2.117  14.143  0.418   1.00 30.64 ? 112 SER A C   1 
ATOM   816  O  O   . SER A 1 115 ? -2.893  13.301  0.852   1.00 32.10 ? 112 SER A O   1 
ATOM   817  C  CB  . SER A 1 115 ? -2.973  16.449  -0.159  1.00 31.31 ? 112 SER A CB  1 
ATOM   818  O  OG  . SER A 1 115 ? -4.277  15.850  -0.287  1.00 33.70 ? 112 SER A OG  1 
ATOM   819  N  N   . ASN A 1 116 ? -1.144  13.826  -0.433  1.00 29.37 ? 113 ASN A N   1 
ATOM   820  C  CA  . ASN A 1 116 ? -1.057  12.468  -1.019  1.00 29.00 ? 113 ASN A CA  1 
ATOM   821  C  C   . ASN A 1 116 ? -0.358  11.476  -0.105  1.00 28.48 ? 113 ASN A C   1 
ATOM   822  O  O   . ASN A 1 116 ? 0.768   11.052  -0.404  1.00 29.28 ? 113 ASN A O   1 
ATOM   823  C  CB  . ASN A 1 116 ? -0.264  12.533  -2.310  1.00 27.70 ? 113 ASN A CB  1 
ATOM   824  C  CG  . ASN A 1 116 ? -0.968  13.370  -3.393  1.00 33.34 ? 113 ASN A CG  1 
ATOM   825  O  OD1 . ASN A 1 116 ? -2.176  13.652  -3.296  1.00 34.62 ? 113 ASN A OD1 1 
ATOM   826  N  ND2 . ASN A 1 116 ? -0.202  13.764  -4.453  1.00 31.92 ? 113 ASN A ND2 1 
ATOM   827  N  N   . GLY A 1 117 ? -0.982  11.131  1.010   1.00 27.19 ? 114 GLY A N   1 
ATOM   828  C  CA  . GLY A 1 117 ? -0.312  10.386  2.039   1.00 27.58 ? 114 GLY A CA  1 
ATOM   829  C  C   . GLY A 1 117 ? -0.822  8.964   2.090   1.00 26.83 ? 114 GLY A C   1 
ATOM   830  O  O   . GLY A 1 117 ? -2.004  8.698   1.823   1.00 29.17 ? 114 GLY A O   1 
HETATM 831  N  N   . MSE A 1 118 ? 0.062   8.049   2.446   1.00 25.73 ? 115 MSE A N   1 
HETATM 832  C  CA  . MSE A 1 118 ? -0.323  6.660   2.606   1.00 25.08 ? 115 MSE A CA  1 
HETATM 833  C  C   . MSE A 1 118 ? 0.484   6.058   3.758   1.00 26.12 ? 115 MSE A C   1 
HETATM 834  O  O   . MSE A 1 118 ? 1.619   6.466   4.022   1.00 26.34 ? 115 MSE A O   1 
HETATM 835  C  CB  . MSE A 1 118 ? -0.372  5.899   1.226   1.00 25.46 ? 115 MSE A CB  1 
HETATM 836  C  CG  . MSE A 1 118 ? 0.836   5.531   0.474   1.00 28.43 ? 115 MSE A CG  1 
HETATM 837  SE SE  . MSE A 1 118 ? 0.722   5.438   -1.354  1.00 18.04 ? 115 MSE A SE  1 
HETATM 838  C  CE  . MSE A 1 118 ? 1.732   6.854   -1.659  1.00 21.47 ? 115 MSE A CE  1 
ATOM   839  N  N   . ARG A 1 119 ? -0.142  5.182   4.518   1.00 25.78 ? 116 ARG A N   1 
ATOM   840  C  CA  . ARG A 1 119 ? 0.563   4.387   5.526   1.00 25.56 ? 116 ARG A CA  1 
ATOM   841  C  C   . ARG A 1 119 ? 0.451   2.880   5.238   1.00 26.28 ? 116 ARG A C   1 
ATOM   842  O  O   . ARG A 1 119 ? -0.683  2.347   5.094   1.00 26.81 ? 116 ARG A O   1 
ATOM   843  C  CB  . ARG A 1 119 ? 0.100   4.702   6.979   1.00 24.88 ? 116 ARG A CB  1 
ATOM   844  C  CG  . ARG A 1 119 ? 0.958   3.883   7.987   1.00 26.17 ? 116 ARG A CG  1 
ATOM   845  C  CD  . ARG A 1 119 ? 0.531   4.004   9.418   1.00 26.61 ? 116 ARG A CD  1 
ATOM   846  N  NE  . ARG A 1 119 ? 0.632   5.376   9.859   1.00 31.65 ? 116 ARG A NE  1 
ATOM   847  C  CZ  . ARG A 1 119 ? -0.401  6.190   9.937   1.00 33.58 ? 116 ARG A CZ  1 
ATOM   848  N  NH1 . ARG A 1 119 ? -1.614  5.776   9.588   1.00 34.04 ? 116 ARG A NH1 1 
ATOM   849  N  NH2 . ARG A 1 119 ? -0.216  7.409   10.344  1.00 29.18 ? 116 ARG A NH2 1 
ATOM   850  N  N   . PHE A 1 120 ? 1.601   2.190   5.190   1.00 24.92 ? 117 PHE A N   1 
ATOM   851  C  CA  . PHE A 1 120 ? 1.599   0.723   5.078   1.00 25.59 ? 117 PHE A CA  1 
ATOM   852  C  C   . PHE A 1 120 ? 1.999   0.126   6.419   1.00 25.66 ? 117 PHE A C   1 
ATOM   853  O  O   . PHE A 1 120 ? 2.902   0.647   7.073   1.00 25.50 ? 117 PHE A O   1 
ATOM   854  C  CB  . PHE A 1 120 ? 2.612   0.240   4.014   1.00 24.03 ? 117 PHE A CB  1 
ATOM   855  C  CG  . PHE A 1 120 ? 2.246   0.626   2.604   1.00 25.60 ? 117 PHE A CG  1 
ATOM   856  C  CD1 . PHE A 1 120 ? 1.740   -0.329  1.725   1.00 25.35 ? 117 PHE A CD1 1 
ATOM   857  C  CD2 . PHE A 1 120 ? 2.408   1.945   2.153   1.00 25.60 ? 117 PHE A CD2 1 
ATOM   858  C  CE1 . PHE A 1 120 ? 1.390   0.008   0.374   1.00 25.98 ? 117 PHE A CE1 1 
ATOM   859  C  CE2 . PHE A 1 120 ? 2.074   2.311   0.841   1.00 27.63 ? 117 PHE A CE2 1 
ATOM   860  C  CZ  . PHE A 1 120 ? 1.567   1.340   -0.067  1.00 25.11 ? 117 PHE A CZ  1 
ATOM   861  N  N   . SER A 1 121 ? 1.340   -0.968  6.804   1.00 25.10 ? 118 SER A N   1 
ATOM   862  C  CA  . SER A 1 121 ? 1.634   -1.679  8.071   1.00 25.97 ? 118 SER A CA  1 
ATOM   863  C  C   . SER A 1 121 ? 1.660   -3.190  7.800   1.00 26.02 ? 118 SER A C   1 
ATOM   864  O  O   . SER A 1 121 ? 0.888   -3.691  6.971   1.00 27.14 ? 118 SER A O   1 
ATOM   865  C  CB  . SER A 1 121 ? 0.546   -1.404  9.115   1.00 26.23 ? 118 SER A CB  1 
ATOM   866  O  OG  . SER A 1 121 ? 0.349   -0.005  9.287   1.00 27.89 ? 118 SER A OG  1 
ATOM   867  N  N   . ALA A 1 122 ? 2.514   -3.910  8.530   1.00 26.38 ? 119 ALA A N   1 
ATOM   868  C  CA  . ALA A 1 122 ? 2.638   -5.360  8.446   1.00 26.54 ? 119 ALA A CA  1 
ATOM   869  C  C   . ALA A 1 122 ? 2.479   -5.876  9.851   1.00 27.31 ? 119 ALA A C   1 
ATOM   870  O  O   . ALA A 1 122 ? 3.018   -5.287  10.795  1.00 27.62 ? 119 ALA A O   1 
ATOM   871  C  CB  . ALA A 1 122 ? 4.055   -5.768  7.877   1.00 26.55 ? 119 ALA A CB  1 
ATOM   872  N  N   . PHE A 1 123 ? 1.694   -6.943  9.997   1.00 28.80 ? 120 PHE A N   1 
ATOM   873  C  CA  . PHE A 1 123 ? 1.437   -7.571  11.292  1.00 30.26 ? 120 PHE A CA  1 
ATOM   874  C  C   . PHE A 1 123 ? 1.875   -9.025  11.216  1.00 31.90 ? 120 PHE A C   1 
ATOM   875  O  O   . PHE A 1 123 ? 1.821   -9.656  10.132  1.00 31.33 ? 120 PHE A O   1 
ATOM   876  C  CB  . PHE A 1 123 ? -0.061  -7.504  11.608  1.00 29.43 ? 120 PHE A CB  1 
ATOM   877  C  CG  . PHE A 1 123 ? -0.604  -6.081  11.671  1.00 29.75 ? 120 PHE A CG  1 
ATOM   878  C  CD1 . PHE A 1 123 ? -0.686  -5.410  12.895  1.00 25.37 ? 120 PHE A CD1 1 
ATOM   879  C  CD2 . PHE A 1 123 ? -1.018  -5.425  10.509  1.00 27.37 ? 120 PHE A CD2 1 
ATOM   880  C  CE1 . PHE A 1 123 ? -1.202  -4.101  12.968  1.00 28.30 ? 120 PHE A CE1 1 
ATOM   881  C  CE2 . PHE A 1 123 ? -1.542  -4.122  10.556  1.00 27.71 ? 120 PHE A CE2 1 
ATOM   882  C  CZ  . PHE A 1 123 ? -1.615  -3.434  11.759  1.00 26.44 ? 120 PHE A CZ  1 
ATOM   883  N  N   . ASP A 1 124 ? 2.306   -9.577  12.350  1.00 34.47 ? 121 ASP A N   1 
ATOM   884  C  CA  . ASP A 1 124 ? 2.524   -11.037 12.413  1.00 36.81 ? 121 ASP A CA  1 
ATOM   885  C  C   . ASP A 1 124 ? 1.179   -11.791 12.566  1.00 38.09 ? 121 ASP A C   1 
ATOM   886  O  O   . ASP A 1 124 ? 0.089   -11.172 12.468  1.00 38.26 ? 121 ASP A O   1 
ATOM   887  C  CB  . ASP A 1 124 ? 3.559   -11.429 13.496  1.00 37.68 ? 121 ASP A CB  1 
ATOM   888  C  CG  . ASP A 1 124 ? 3.090   -11.142 14.953  1.00 39.92 ? 121 ASP A CG  1 
ATOM   889  O  OD1 . ASP A 1 124 ? 1.868   -11.007 15.226  1.00 43.26 ? 121 ASP A OD1 1 
ATOM   890  O  OD2 . ASP A 1 124 ? 3.976   -11.062 15.832  1.00 42.69 ? 121 ASP A OD2 1 
ATOM   891  N  N   . GLY A 1 125 ? 1.243   -13.102 12.819  1.00 38.10 ? 122 GLY A N   1 
ATOM   892  C  CA  . GLY A 1 125 ? 0.021   -13.895 12.997  1.00 39.28 ? 122 GLY A CA  1 
ATOM   893  C  C   . GLY A 1 125 ? -0.689  -13.706 14.343  1.00 40.53 ? 122 GLY A C   1 
ATOM   894  O  O   . GLY A 1 125 ? -1.874  -14.060 14.476  1.00 41.04 ? 122 GLY A O   1 
ATOM   895  N  N   . ASN A 1 126 ? 0.029   -13.158 15.330  1.00 40.11 ? 123 ASN A N   1 
ATOM   896  C  CA  . ASN A 1 126 ? -0.534  -12.820 16.645  1.00 40.22 ? 123 ASN A CA  1 
ATOM   897  C  C   . ASN A 1 126 ? -1.067  -11.371 16.825  1.00 38.96 ? 123 ASN A C   1 
ATOM   898  O  O   . ASN A 1 126 ? -1.159  -10.896 17.969  1.00 38.53 ? 123 ASN A O   1 
ATOM   899  C  CB  . ASN A 1 126 ? 0.496   -13.080 17.748  1.00 41.19 ? 123 ASN A CB  1 
ATOM   900  C  CG  . ASN A 1 126 ? 0.931   -14.550 17.834  1.00 46.34 ? 123 ASN A CG  1 
ATOM   901  O  OD1 . ASN A 1 126 ? 2.000   -14.844 18.400  1.00 49.59 ? 123 ASN A OD1 1 
ATOM   902  N  ND2 . ASN A 1 126 ? 0.119   -15.472 17.276  1.00 45.03 ? 123 ASN A ND2 1 
ATOM   903  N  N   . ALA A 1 127 ? -1.388  -10.671 15.726  1.00 36.70 ? 124 ALA A N   1 
ATOM   904  C  CA  . ALA A 1 127 ? -1.931  -9.298  15.781  1.00 35.48 ? 124 ALA A CA  1 
ATOM   905  C  C   . ALA A 1 127 ? -0.938  -8.213  16.179  1.00 35.09 ? 124 ALA A C   1 
ATOM   906  O  O   . ALA A 1 127 ? -1.363  -7.105  16.485  1.00 35.87 ? 124 ALA A O   1 
ATOM   907  C  CB  . ALA A 1 127 ? -3.205  -9.213  16.722  1.00 35.19 ? 124 ALA A CB  1 
ATOM   908  N  N   . ASN A 1 128 ? 0.354   -8.520  16.223  1.00 34.03 ? 125 ASN A N   1 
ATOM   909  C  CA  . ASN A 1 128 ? 1.336   -7.555  16.628  1.00 33.91 ? 125 ASN A CA  1 
ATOM   910  C  C   . ASN A 1 128 ? 1.842   -6.793  15.407  1.00 33.13 ? 125 ASN A C   1 
ATOM   911  O  O   . ASN A 1 128 ? 2.257   -7.433  14.393  1.00 31.62 ? 125 ASN A O   1 
ATOM   912  C  CB  . ASN A 1 128 ? 2.572   -8.243  17.224  1.00 34.46 ? 125 ASN A CB  1 
ATOM   913  C  CG  . ASN A 1 128 ? 2.265   -9.065  18.474  1.00 37.95 ? 125 ASN A CG  1 
ATOM   914  O  OD1 . ASN A 1 128 ? 2.520   -10.277 18.507  1.00 43.70 ? 125 ASN A OD1 1 
ATOM   915  N  ND2 . ASN A 1 128 ? 1.726   -8.428  19.492  1.00 34.86 ? 125 ASN A ND2 1 
ATOM   916  N  N   . LEU A 1 129 ? 1.871   -5.462  15.526  1.00 31.96 ? 126 LEU A N   1 
ATOM   917  C  CA  . LEU A 1 129 ? 2.479   -4.605  14.515  1.00 32.03 ? 126 LEU A CA  1 
ATOM   918  C  C   . LEU A 1 129 ? 3.963   -4.902  14.371  1.00 31.82 ? 126 LEU A C   1 
ATOM   919  O  O   . LEU A 1 129 ? 4.695   -4.753  15.324  1.00 32.34 ? 126 LEU A O   1 
ATOM   920  C  CB  . LEU A 1 129 ? 2.295   -3.133  14.846  1.00 31.04 ? 126 LEU A CB  1 
ATOM   921  C  CG  . LEU A 1 129 ? 2.840   -2.129  13.804  1.00 31.79 ? 126 LEU A CG  1 
ATOM   922  C  CD1 . LEU A 1 129 ? 2.124   -2.166  12.436  1.00 30.57 ? 126 LEU A CD1 1 
ATOM   923  C  CD2 . LEU A 1 129 ? 2.778   -0.722  14.403  1.00 30.52 ? 126 LEU A CD2 1 
ATOM   924  N  N   . LEU A 1 130 ? 4.402   -5.335  13.193  1.00 31.97 ? 127 LEU A N   1 
ATOM   925  C  CA  . LEU A 1 130 ? 5.844   -5.486  12.927  1.00 32.84 ? 127 LEU A CA  1 
ATOM   926  C  C   . LEU A 1 130 ? 6.563   -4.195  12.493  1.00 33.17 ? 127 LEU A C   1 
ATOM   927  O  O   . LEU A 1 130 ? 7.687   -3.901  12.931  1.00 34.68 ? 127 LEU A O   1 
ATOM   928  C  CB  . LEU A 1 130 ? 6.083   -6.553  11.867  1.00 32.29 ? 127 LEU A CB  1 
ATOM   929  C  CG  . LEU A 1 130 ? 5.612   -7.955  12.199  1.00 32.32 ? 127 LEU A CG  1 
ATOM   930  C  CD1 . LEU A 1 130 ? 5.767   -8.730  10.888  1.00 32.28 ? 127 LEU A CD1 1 
ATOM   931  C  CD2 . LEU A 1 130 ? 6.468   -8.540  13.327  1.00 30.06 ? 127 LEU A CD2 1 
ATOM   932  N  N   . ILE A 1 131 ? 5.910   -3.426  11.624  1.00 33.86 ? 128 ILE A N   1 
ATOM   933  C  CA  . ILE A 1 131 ? 6.469   -2.189  11.067  1.00 33.41 ? 128 ILE A CA  1 
ATOM   934  C  C   . ILE A 1 131 ? 5.344   -1.375  10.419  1.00 32.80 ? 128 ILE A C   1 
ATOM   935  O  O   . ILE A 1 131 ? 4.374   -1.924  9.904   1.00 31.27 ? 128 ILE A O   1 
ATOM   936  C  CB  . ILE A 1 131 ? 7.632   -2.486  10.062  1.00 33.56 ? 128 ILE A CB  1 
ATOM   937  C  CG1 . ILE A 1 131 ? 8.429   -1.219  9.707   1.00 34.49 ? 128 ILE A CG1 1 
ATOM   938  C  CG2 . ILE A 1 131 ? 7.151   -3.308  8.823   1.00 31.56 ? 128 ILE A CG2 1 
ATOM   939  C  CD1 . ILE A 1 131 ? 9.707   -1.579  8.915   1.00 34.77 ? 128 ILE A CD1 1 
ATOM   940  N  N   . GLU A 1 132 ? 5.458   -0.062  10.484  1.00 31.34 ? 129 GLU A N   1 
ATOM   941  C  CA  . GLU A 1 132 ? 4.563   0.764   9.709   1.00 31.26 ? 129 GLU A CA  1 
ATOM   942  C  C   . GLU A 1 132 ? 5.407   1.803   8.942   1.00 29.93 ? 129 GLU A C   1 
ATOM   943  O  O   . GLU A 1 132 ? 6.508   2.156   9.357   1.00 27.99 ? 129 GLU A O   1 
ATOM   944  C  CB  . GLU A 1 132 ? 3.497   1.405   10.630  1.00 29.73 ? 129 GLU A CB  1 
ATOM   945  C  CG  . GLU A 1 132 ? 4.065   2.418   11.551  1.00 33.86 ? 129 GLU A CG  1 
ATOM   946  C  CD  . GLU A 1 132 ? 3.118   2.856   12.673  1.00 35.22 ? 129 GLU A CD  1 
ATOM   947  O  OE1 . GLU A 1 132 ? 1.883   2.680   12.589  1.00 38.62 ? 129 GLU A OE1 1 
ATOM   948  O  OE2 . GLU A 1 132 ? 3.641   3.390   13.681  1.00 43.69 ? 129 GLU A OE2 1 
ATOM   949  N  N   . GLN A 1 133 ? 4.935   2.258   7.790   1.00 28.59 ? 130 GLN A N   1 
ATOM   950  C  CA  . GLN A 1 133 ? 5.761   3.236   7.091   1.00 28.22 ? 130 GLN A CA  1 
ATOM   951  C  C   . GLN A 1 133 ? 4.862   4.144   6.306   1.00 27.40 ? 130 GLN A C   1 
ATOM   952  O  O   . GLN A 1 133 ? 3.988   3.678   5.589   1.00 26.83 ? 130 GLN A O   1 
ATOM   953  C  CB  . GLN A 1 133 ? 6.755   2.530   6.143   1.00 27.93 ? 130 GLN A CB  1 
ATOM   954  C  CG  . GLN A 1 133 ? 7.582   3.491   5.286   1.00 26.51 ? 130 GLN A CG  1 
ATOM   955  C  CD  . GLN A 1 133 ? 8.504   4.357   6.081   1.00 29.50 ? 130 GLN A CD  1 
ATOM   956  O  OE1 . GLN A 1 133 ? 9.368   3.854   6.761   1.00 28.00 ? 130 GLN A OE1 1 
ATOM   957  N  NE2 . GLN A 1 133 ? 8.325   5.680   6.014   1.00 30.26 ? 130 GLN A NE2 1 
ATOM   958  N  N   . VAL A 1 134 ? 5.093   5.436   6.438   1.00 27.20 ? 131 VAL A N   1 
ATOM   959  C  CA  . VAL A 1 134 ? 4.365   6.455   5.706   1.00 26.48 ? 131 VAL A CA  1 
ATOM   960  C  C   . VAL A 1 134 ? 5.145   6.825   4.445   1.00 27.96 ? 131 VAL A C   1 
ATOM   961  O  O   . VAL A 1 134 ? 6.386   7.020   4.472   1.00 26.72 ? 131 VAL A O   1 
ATOM   962  C  CB  . VAL A 1 134 ? 4.115   7.697   6.619   1.00 27.84 ? 131 VAL A CB  1 
ATOM   963  C  CG1 . VAL A 1 134 ? 3.674   8.921   5.819   1.00 23.66 ? 131 VAL A CG1 1 
ATOM   964  C  CG2 . VAL A 1 134 ? 3.085   7.370   7.731   1.00 25.52 ? 131 VAL A CG2 1 
ATOM   965  N  N   . TYR A 1 135 ? 4.425   6.931   3.334   1.00 28.02 ? 132 TYR A N   1 
ATOM   966  C  CA  . TYR A 1 135 ? 5.035   7.438   2.088   1.00 29.29 ? 132 TYR A CA  1 
ATOM   967  C  C   . TYR A 1 135 ? 4.106   8.520   1.568   1.00 29.20 ? 132 TYR A C   1 
ATOM   968  O  O   . TYR A 1 135 ? 2.871   8.471   1.858   1.00 27.85 ? 132 TYR A O   1 
ATOM   969  C  CB  . TYR A 1 135 ? 5.092   6.351   1.005   1.00 28.17 ? 132 TYR A CB  1 
ATOM   970  C  CG  . TYR A 1 135 ? 5.967   5.174   1.342   1.00 29.39 ? 132 TYR A CG  1 
ATOM   971  C  CD1 . TYR A 1 135 ? 7.334   5.204   1.070   1.00 27.11 ? 132 TYR A CD1 1 
ATOM   972  C  CD2 . TYR A 1 135 ? 5.405   3.991   1.891   1.00 28.31 ? 132 TYR A CD2 1 
ATOM   973  C  CE1 . TYR A 1 135 ? 8.147   4.096   1.351   1.00 29.87 ? 132 TYR A CE1 1 
ATOM   974  C  CE2 . TYR A 1 135 ? 6.209   2.900   2.191   1.00 29.31 ? 132 TYR A CE2 1 
ATOM   975  C  CZ  . TYR A 1 135 ? 7.567   2.943   1.895   1.00 29.27 ? 132 TYR A CZ  1 
ATOM   976  O  OH  . TYR A 1 135 ? 8.347   1.878   2.227   1.00 30.79 ? 132 TYR A OH  1 
ATOM   977  N  N   . TYR A 1 136 ? 4.676   9.438   0.785   1.00 28.32 ? 133 TYR A N   1 
ATOM   978  C  CA  . TYR A 1 136 ? 3.891   10.408  0.034   1.00 29.25 ? 133 TYR A CA  1 
ATOM   979  C  C   . TYR A 1 136 ? 4.196   10.248  -1.426  1.00 31.11 ? 133 TYR A C   1 
ATOM   980  O  O   . TYR A 1 136 ? 5.327   9.977   -1.800  1.00 32.16 ? 133 TYR A O   1 
ATOM   981  C  CB  . TYR A 1 136 ? 4.183   11.864  0.469   1.00 28.18 ? 133 TYR A CB  1 
ATOM   982  C  CG  . TYR A 1 136 ? 3.904   12.138  1.924   1.00 27.07 ? 133 TYR A CG  1 
ATOM   983  C  CD1 . TYR A 1 136 ? 2.649   12.623  2.336   1.00 23.81 ? 133 TYR A CD1 1 
ATOM   984  C  CD2 . TYR A 1 136 ? 4.900   11.896  2.907   1.00 27.75 ? 133 TYR A CD2 1 
ATOM   985  C  CE1 . TYR A 1 136 ? 2.368   12.904  3.665   1.00 21.54 ? 133 TYR A CE1 1 
ATOM   986  C  CE2 . TYR A 1 136 ? 4.615   12.115  4.271   1.00 26.39 ? 133 TYR A CE2 1 
ATOM   987  C  CZ  . TYR A 1 136 ? 3.341   12.620  4.648   1.00 26.50 ? 133 TYR A CZ  1 
ATOM   988  O  OH  . TYR A 1 136 ? 3.088   12.915  5.984   1.00 26.66 ? 133 TYR A OH  1 
ATOM   989  N  N   . SER A 1 137 ? 3.186   10.438  -2.251  1.00 32.84 ? 134 SER A N   1 
ATOM   990  C  CA  . SER A 1 137 ? 3.269   10.359  -3.694  1.00 34.32 ? 134 SER A CA  1 
ATOM   991  C  C   . SER A 1 137 ? 3.273   11.825  -4.166  1.00 36.93 ? 134 SER A C   1 
ATOM   992  O  O   . SER A 1 137 ? 2.289   12.583  -3.952  1.00 33.98 ? 134 SER A O   1 
ATOM   993  C  CB  . SER A 1 137 ? 2.038   9.609   -4.209  1.00 35.76 ? 134 SER A CB  1 
ATOM   994  O  OG  . SER A 1 137 ? 2.077   9.556   -5.611  1.00 37.94 ? 134 SER A OG  1 
ATOM   995  N  N   . ILE A 1 138 ? 4.372   12.225  -4.818  1.00 38.17 ? 135 ILE A N   1 
ATOM   996  C  CA  . ILE A 1 138 ? 4.732   13.632  -4.849  1.00 42.37 ? 135 ILE A CA  1 
ATOM   997  C  C   . ILE A 1 138 ? 5.071   14.208  -6.230  1.00 42.95 ? 135 ILE A C   1 
ATOM   998  O  O   . ILE A 1 138 ? 5.408   15.407  -6.437  1.00 43.26 ? 135 ILE A O   1 
ATOM   999  C  CB  . ILE A 1 138 ? 5.775   13.884  -3.763  1.00 42.44 ? 135 ILE A CB  1 
ATOM   1000 C  CG1 . ILE A 1 138 ? 5.435   15.153  -3.044  1.00 47.01 ? 135 ILE A CG1 1 
ATOM   1001 C  CG2 . ILE A 1 138 ? 7.220   13.637  -4.247  1.00 46.86 ? 135 ILE A CG2 1 
ATOM   1002 C  CD1 . ILE A 1 138 ? 4.227   14.882  -2.164  1.00 45.81 ? 135 ILE A CD1 1 
ATOM   1003 N  N   . GLY A 1 139 ? 4.859   13.370  -7.212  1.00 44.60 ? 136 GLY A N   1 
ATOM   1004 C  CA  . GLY A 1 139 ? 4.093   13.909  -8.316  1.00 45.46 ? 136 GLY A CA  1 
ATOM   1005 C  C   . GLY A 1 139 ? 4.787   14.553  -9.491  1.00 45.30 ? 136 GLY A C   1 
ATOM   1006 O  O   . GLY A 1 139 ? 5.858   15.182  -9.406  1.00 44.67 ? 136 GLY A O   1 
ATOM   1007 N  N   . GLY A 1 140 ? 4.206   14.224  -10.628 1.00 45.47 ? 137 GLY A N   1 
ATOM   1008 C  CA  . GLY A 1 140 ? 3.448   12.998  -10.691 1.00 44.42 ? 137 GLY A CA  1 
ATOM   1009 C  C   . GLY A 1 140 ? 4.504   11.898  -10.690 1.00 44.16 ? 137 GLY A C   1 
ATOM   1010 O  O   . GLY A 1 140 ? 5.345   11.852  -11.566 1.00 43.71 ? 137 GLY A O   1 
ATOM   1011 N  N   . GLY A 1 141 ? 4.512   11.056  -9.669  1.00 44.38 ? 138 GLY A N   1 
ATOM   1012 C  CA  . GLY A 1 141 ? 5.117   9.728   -9.814  1.00 43.73 ? 138 GLY A CA  1 
ATOM   1013 C  C   . GLY A 1 141 ? 6.411   9.466   -9.094  1.00 43.19 ? 138 GLY A C   1 
ATOM   1014 O  O   . GLY A 1 141 ? 7.074   8.462   -9.368  1.00 43.45 ? 138 GLY A O   1 
ATOM   1015 N  N   . PHE A 1 142 ? 6.787   10.365  -8.183  1.00 41.27 ? 139 PHE A N   1 
ATOM   1016 C  CA  . PHE A 1 142 ? 7.885   10.051  -7.274  1.00 40.01 ? 139 PHE A CA  1 
ATOM   1017 C  C   . PHE A 1 142 ? 7.304   9.808   -5.897  1.00 38.20 ? 139 PHE A C   1 
ATOM   1018 O  O   . PHE A 1 142 ? 6.219   10.295  -5.576  1.00 37.14 ? 139 PHE A O   1 
ATOM   1019 C  CB  . PHE A 1 142 ? 8.967   11.158  -7.309  1.00 40.01 ? 139 PHE A CB  1 
ATOM   1020 C  CG  . PHE A 1 142 ? 9.474   11.413  -8.680  1.00 43.72 ? 139 PHE A CG  1 
ATOM   1021 C  CD1 . PHE A 1 142 ? 10.568  10.690  -9.191  1.00 47.18 ? 139 PHE A CD1 1 
ATOM   1022 C  CD2 . PHE A 1 142 ? 8.858   12.356  -9.512  1.00 47.60 ? 139 PHE A CD2 1 
ATOM   1023 C  CE1 . PHE A 1 142 ? 11.077  10.925  -10.505 1.00 45.04 ? 139 PHE A CE1 1 
ATOM   1024 C  CE2 . PHE A 1 142 ? 9.354   12.589  -10.847 1.00 46.95 ? 139 PHE A CE2 1 
ATOM   1025 C  CZ  . PHE A 1 142 ? 10.471  11.866  -11.324 1.00 45.42 ? 139 PHE A CZ  1 
ATOM   1026 N  N   . ILE A 1 143 ? 8.009   9.039   -5.087  1.00 36.35 ? 140 ILE A N   1 
ATOM   1027 C  CA  . ILE A 1 143 ? 7.584   8.850   -3.713  1.00 34.89 ? 140 ILE A CA  1 
ATOM   1028 C  C   . ILE A 1 143 ? 8.660   9.247   -2.745  1.00 34.38 ? 140 ILE A C   1 
ATOM   1029 O  O   . ILE A 1 143 ? 9.865   9.310   -3.091  1.00 34.32 ? 140 ILE A O   1 
ATOM   1030 C  CB  . ILE A 1 143 ? 7.191   7.367   -3.407  1.00 35.63 ? 140 ILE A CB  1 
ATOM   1031 C  CG1 . ILE A 1 143 ? 8.400   6.420   -3.667  1.00 34.88 ? 140 ILE A CG1 1 
ATOM   1032 C  CG2 . ILE A 1 143 ? 5.939   7.031   -4.171  1.00 35.43 ? 140 ILE A CG2 1 
ATOM   1033 C  CD1 . ILE A 1 143 ? 8.418   5.133   -2.847  1.00 33.81 ? 140 ILE A CD1 1 
ATOM   1034 N  N   . THR A 1 144 ? 8.259   9.488   -1.521  1.00 32.52 ? 141 THR A N   1 
ATOM   1035 C  CA  . THR A 1 144 ? 9.229   9.710   -0.509  1.00 33.13 ? 141 THR A CA  1 
ATOM   1036 C  C   . THR A 1 144 ? 8.721   9.151   0.795   1.00 33.87 ? 141 THR A C   1 
ATOM   1037 O  O   . THR A 1 144 ? 7.504   9.176   1.056   1.00 33.68 ? 141 THR A O   1 
ATOM   1038 C  CB  . THR A 1 144 ? 9.606   11.230  -0.420  1.00 33.90 ? 141 THR A CB  1 
ATOM   1039 O  OG1 . THR A 1 144 ? 10.547  11.409  0.623   1.00 37.30 ? 141 THR A OG1 1 
ATOM   1040 C  CG2 . THR A 1 144 ? 8.413   12.102  -0.145  1.00 32.04 ? 141 THR A CG2 1 
ATOM   1041 N  N   . THR A 1 145 ? 9.619   8.656   1.636   1.00 33.63 ? 142 THR A N   1 
ATOM   1042 C  CA  . THR A 1 145 ? 9.194   8.342   2.983   1.00 35.41 ? 142 THR A CA  1 
ATOM   1043 C  C   . THR A 1 145 ? 8.892   9.641   3.679   1.00 36.12 ? 142 THR A C   1 
ATOM   1044 O  O   . THR A 1 145 ? 9.388   10.697  3.294   1.00 38.07 ? 142 THR A O   1 
ATOM   1045 C  CB  . THR A 1 145 ? 10.273  7.585   3.806   1.00 34.66 ? 142 THR A CB  1 
ATOM   1046 O  OG1 . THR A 1 145 ? 11.448  8.407   3.862   1.00 35.23 ? 142 THR A OG1 1 
ATOM   1047 C  CG2 . THR A 1 145 ? 10.569  6.185   3.187   1.00 32.79 ? 142 THR A CG2 1 
ATOM   1048 N  N   . GLU A 1 146 ? 8.085   9.560   4.721   1.00 37.22 ? 143 GLU A N   1 
ATOM   1049 C  CA  . GLU A 1 146 ? 7.966   10.650  5.673   1.00 38.19 ? 143 GLU A CA  1 
ATOM   1050 C  C   . GLU A 1 146 ? 9.327   11.202  6.087   1.00 38.19 ? 143 GLU A C   1 
ATOM   1051 O  O   . GLU A 1 146 ? 9.495   12.404  6.179   1.00 37.89 ? 143 GLU A O   1 
ATOM   1052 C  CB  . GLU A 1 146 ? 7.214   10.219  6.926   1.00 37.88 ? 143 GLU A CB  1 
ATOM   1053 C  CG  . GLU A 1 146 ? 6.853   11.442  7.767   1.00 45.16 ? 143 GLU A CG  1 
ATOM   1054 C  CD  . GLU A 1 146 ? 5.488   11.313  8.417   1.00 53.69 ? 143 GLU A CD  1 
ATOM   1055 O  OE1 . GLU A 1 146 ? 5.368   10.364  9.243   1.00 57.10 ? 143 GLU A OE1 1 
ATOM   1056 O  OE2 . GLU A 1 146 ? 4.549   12.122  8.083   1.00 52.89 ? 143 GLU A OE2 1 
ATOM   1057 N  N   . GLU A 1 147 ? 10.276  10.324  6.375   1.00 38.28 ? 144 GLU A N   1 
ATOM   1058 C  CA  . GLU A 1 147 ? 11.567  10.748  6.908   1.00 39.49 ? 144 GLU A CA  1 
ATOM   1059 C  C   . GLU A 1 147 ? 12.427  11.487  5.878   1.00 40.01 ? 144 GLU A C   1 
ATOM   1060 O  O   . GLU A 1 147 ? 13.239  12.345  6.237   1.00 39.81 ? 144 GLU A O   1 
ATOM   1061 C  CB  . GLU A 1 147 ? 12.347  9.528   7.429   1.00 40.05 ? 144 GLU A CB  1 
ATOM   1062 C  CG  . GLU A 1 147 ? 11.677  8.810   8.647   1.00 40.31 ? 144 GLU A CG  1 
ATOM   1063 C  CD  . GLU A 1 147 ? 10.473  7.871   8.301   1.00 41.31 ? 144 GLU A CD  1 
ATOM   1064 O  OE1 . GLU A 1 147 ? 10.134  7.628   7.127   1.00 40.37 ? 144 GLU A OE1 1 
ATOM   1065 O  OE2 . GLU A 1 147 ? 9.844   7.378   9.249   1.00 42.79 ? 144 GLU A OE2 1 
ATOM   1066 N  N   . ASP A 1 148 ? 12.280  11.134  4.604   1.00 40.35 ? 145 ASP A N   1 
ATOM   1067 C  CA  . ASP A 1 148 ? 13.087  11.754  3.557   1.00 40.95 ? 145 ASP A CA  1 
ATOM   1068 C  C   . ASP A 1 148 ? 12.416  13.006  3.006   1.00 41.34 ? 145 ASP A C   1 
ATOM   1069 O  O   . ASP A 1 148 ? 13.048  13.734  2.229   1.00 40.60 ? 145 ASP A O   1 
ATOM   1070 C  CB  . ASP A 1 148 ? 13.363  10.780  2.403   1.00 40.88 ? 145 ASP A CB  1 
ATOM   1071 C  CG  . ASP A 1 148 ? 14.296  9.632   2.788   1.00 41.39 ? 145 ASP A CG  1 
ATOM   1072 O  OD1 . ASP A 1 148 ? 15.036  9.710   3.803   1.00 40.91 ? 145 ASP A OD1 1 
ATOM   1073 O  OD2 . ASP A 1 148 ? 14.280  8.621   2.047   1.00 41.11 ? 145 ASP A OD2 1 
ATOM   1074 N  N   . PHE A 1 149 ? 11.165  13.259  3.408   1.00 39.68 ? 146 PHE A N   1 
ATOM   1075 C  CA  . PHE A 1 149 ? 10.357  14.275  2.768   1.00 40.53 ? 146 PHE A CA  1 
ATOM   1076 C  C   . PHE A 1 149 ? 11.090  15.624  2.688   1.00 43.01 ? 146 PHE A C   1 
ATOM   1077 O  O   . PHE A 1 149 ? 11.181  16.231  1.604   1.00 42.78 ? 146 PHE A O   1 
ATOM   1078 C  CB  . PHE A 1 149 ? 9.010   14.474  3.472   1.00 38.39 ? 146 PHE A CB  1 
ATOM   1079 C  CG  . PHE A 1 149 ? 8.026   15.308  2.677   1.00 38.66 ? 146 PHE A CG  1 
ATOM   1080 C  CD1 . PHE A 1 149 ? 7.154   14.700  1.751   1.00 39.73 ? 146 PHE A CD1 1 
ATOM   1081 C  CD2 . PHE A 1 149 ? 7.932   16.694  2.885   1.00 38.45 ? 146 PHE A CD2 1 
ATOM   1082 C  CE1 . PHE A 1 149 ? 6.233   15.458  1.019   1.00 39.33 ? 146 PHE A CE1 1 
ATOM   1083 C  CE2 . PHE A 1 149 ? 6.997   17.481  2.163   1.00 35.94 ? 146 PHE A CE2 1 
ATOM   1084 C  CZ  . PHE A 1 149 ? 6.183   16.850  1.189   1.00 36.80 ? 146 PHE A CZ  1 
ATOM   1085 N  N   . ASP A 1 150 ? 11.586  16.076  3.834   1.00 44.95 ? 147 ASP A N   1 
ATOM   1086 C  CA  . ASP A 1 150 ? 12.257  17.364  3.942   1.00 47.32 ? 147 ASP A CA  1 
ATOM   1087 C  C   . ASP A 1 150 ? 13.689  17.505  3.343   1.00 48.66 ? 147 ASP A C   1 
ATOM   1088 O  O   . ASP A 1 150 ? 14.433  18.449  3.671   1.00 48.75 ? 147 ASP A O   1 
ATOM   1089 C  CB  . ASP A 1 150 ? 12.164  17.839  5.391   1.00 47.02 ? 147 ASP A CB  1 
ATOM   1090 C  CG  . ASP A 1 150 ? 10.729  18.092  5.799   1.00 49.24 ? 147 ASP A CG  1 
ATOM   1091 O  OD1 . ASP A 1 150 ? 9.895   18.392  4.914   1.00 48.97 ? 147 ASP A OD1 1 
ATOM   1092 O  OD2 . ASP A 1 150 ? 10.404  17.975  6.987   1.00 52.22 ? 147 ASP A OD2 1 
ATOM   1093 N  N   . LYS A 1 151 ? 14.072  16.635  2.411   1.00 49.89 ? 148 LYS A N   1 
ATOM   1094 C  CA  . LYS A 1 151 ? 15.504  16.637  1.999   1.00 50.17 ? 148 LYS A CA  1 
ATOM   1095 C  C   . LYS A 1 151 ? 15.889  16.949  0.540   1.00 50.39 ? 148 LYS A C   1 
ATOM   1096 O  O   . LYS A 1 151 ? 17.020  17.515  0.259   1.00 51.80 ? 148 LYS A O   1 
ATOM   1097 C  CB  . LYS A 1 151 ? 16.146  15.342  2.512   1.00 50.48 ? 148 LYS A CB  1 
ATOM   1098 C  CG  . LYS A 1 151 ? 16.206  15.340  4.053   1.00 51.19 ? 148 LYS A CG  1 
ATOM   1099 C  CD  . LYS A 1 151 ? 15.959  13.994  4.672   1.00 49.31 ? 148 LYS A CD  1 
ATOM   1100 C  CE  . LYS A 1 151 ? 17.076  13.034  4.399   1.00 48.13 ? 148 LYS A CE  1 
ATOM   1101 N  NZ  . LYS A 1 151 ? 16.972  11.899  5.379   1.00 49.97 ? 148 LYS A NZ  1 
HETATM 1102 MG MG  . MG  B 2 .   ? -13.749 -12.457 -0.708  0.50 35.62 ? 149 MG  A MG  1 
HETATM 1103 O  O   . HOH C 3 .   ? -1.424  1.034   7.729   1.00 31.14 ? 150 HOH A O   1 
HETATM 1104 O  O   . HOH C 3 .   ? -2.226  13.175  3.571   1.00 33.42 ? 151 HOH A O   1 
HETATM 1105 O  O   . HOH C 3 .   ? -8.856  4.802   -6.069  1.00 45.81 ? 152 HOH A O   1 
HETATM 1106 O  O   . HOH C 3 .   ? -3.583  -8.557  4.683   1.00 35.96 ? 153 HOH A O   1 
HETATM 1107 O  O   . HOH C 3 .   ? -11.069 8.664   9.747   1.00 30.80 ? 154 HOH A O   1 
HETATM 1108 O  O   . HOH C 3 .   ? -8.827  -1.735  10.087  1.00 28.00 ? 155 HOH A O   1 
HETATM 1109 O  O   . HOH C 3 .   ? -11.929 9.306   7.193   1.00 32.01 ? 156 HOH A O   1 
HETATM 1110 O  O   . HOH C 3 .   ? -5.260  7.694   11.001  1.00 38.48 ? 157 HOH A O   1 
HETATM 1111 O  O   . HOH C 3 .   ? 7.307   1.004   12.713  1.00 47.71 ? 158 HOH A O   1 
HETATM 1112 O  O   . HOH C 3 .   ? 12.283  8.131   0.362   1.00 41.96 ? 159 HOH A O   1 
HETATM 1113 O  O   . HOH C 3 .   ? -14.662 -13.781 2.755   1.00 43.08 ? 160 HOH A O   1 
HETATM 1114 O  O   . HOH C 3 .   ? -12.458 2.850   4.001   1.00 46.71 ? 161 HOH A O   1 
HETATM 1115 O  O   . HOH C 3 .   ? -10.638 14.677  10.429  1.00 43.51 ? 162 HOH A O   1 
HETATM 1116 O  O   . HOH C 3 .   ? -14.681 -11.482 4.468   1.00 44.71 ? 163 HOH A O   1 
HETATM 1117 O  O   . HOH C 3 .   ? 9.772   2.021   -5.343  1.00 53.35 ? 164 HOH A O   1 
HETATM 1118 O  O   . HOH C 3 .   ? -0.116  0.950   11.893  1.00 41.11 ? 165 HOH A O   1 
HETATM 1119 O  O   . HOH C 3 .   ? -2.770  16.482  -3.828  1.00 49.51 ? 166 HOH A O   1 
HETATM 1120 O  O   . HOH C 3 .   ? -12.332 -0.256  3.377   1.00 47.97 ? 167 HOH A O   1 
HETATM 1121 O  O   . HOH C 3 .   ? 6.525   6.392   8.719   1.00 45.11 ? 168 HOH A O   1 
HETATM 1122 O  O   . HOH C 3 .   ? 12.303  0.309   0.719   1.00 46.32 ? 169 HOH A O   1 
HETATM 1123 O  O   . HOH C 3 .   ? -12.496 -14.941 4.116   1.00 45.94 ? 170 HOH A O   1 
HETATM 1124 O  O   . HOH C 3 .   ? 1.622   -6.157  20.153  1.00 52.10 ? 171 HOH A O   1 
HETATM 1125 O  O   . HOH C 3 .   ? 8.311   15.897  -10.944 1.00 48.55 ? 172 HOH A O   1 
HETATM 1126 O  O   . HOH C 3 .   ? 10.510  7.631   -6.321  1.00 49.71 ? 173 HOH A O   1 
HETATM 1127 O  O   . HOH C 3 .   ? -7.042  -9.605  6.885   1.00 41.57 ? 174 HOH A O   1 
HETATM 1128 O  O   . HOH C 3 .   ? -11.130 -16.695 2.545   1.00 45.19 ? 175 HOH A O   1 
HETATM 1129 O  O   . HOH C 3 .   ? -1.602  17.741  4.502   1.00 49.97 ? 176 HOH A O   1 
HETATM 1130 O  O   . HOH C 3 .   ? -14.147 4.504   -0.889  1.00 70.28 ? 177 HOH A O   1 
HETATM 1131 O  O   . HOH C 3 .   ? -0.847  19.106  0.036   1.00 48.38 ? 178 HOH A O   1 
HETATM 1132 O  O   . HOH C 3 .   ? 7.809   3.818   11.878  1.00 66.36 ? 179 HOH A O   1 
HETATM 1133 O  O   . HOH C 3 .   ? -8.681  14.434  3.758   1.00 46.70 ? 180 HOH A O   1 
HETATM 1134 O  O   . HOH C 3 .   ? 3.913   -14.576 11.949  1.00 62.25 ? 181 HOH A O   1 
HETATM 1135 O  O   . HOH C 3 .   ? -16.322 4.828   -2.222  1.00 71.94 ? 182 HOH A O   1 
HETATM 1136 O  O   . HOH C 3 .   ? 6.392   0.106   14.857  1.00 72.80 ? 183 HOH A O   1 
HETATM 1137 O  O   . HOH C 3 .   ? -13.077 5.065   8.232   1.00 47.17 ? 184 HOH A O   1 
HETATM 1138 O  O   . HOH C 3 .   ? -14.296 6.143   2.666   1.00 63.03 ? 185 HOH A O   1 
HETATM 1139 O  O   . HOH C 3 .   ? -13.246 7.410   5.960   1.00 40.47 ? 186 HOH A O   1 
HETATM 1140 O  O   . HOH C 3 .   ? -8.251  -15.920 2.961   1.00 43.79 ? 187 HOH A O   1 
HETATM 1141 O  O   . HOH C 3 .   ? -2.702  16.062  10.138  1.00 53.55 ? 188 HOH A O   1 
HETATM 1142 O  O   . HOH C 3 .   ? -9.228  -15.473 5.608   1.00 53.88 ? 189 HOH A O   1 
HETATM 1143 O  O   . HOH C 3 .   ? -9.709  -18.184 -0.816  1.00 46.62 ? 190 HOH A O   1 
HETATM 1144 O  O   . HOH C 3 .   ? 13.629  7.078   4.615   1.00 64.89 ? 191 HOH A O   1 
HETATM 1145 O  O   . HOH C 3 .   ? -5.814  -11.309 8.669   1.00 63.20 ? 192 HOH A O   1 
HETATM 1146 O  O   . HOH C 3 .   ? -11.183 -19.470 3.635   1.00 73.91 ? 193 HOH A O   1 
HETATM 1147 O  O   . HOH C 3 .   ? -0.080  4.351   13.913  1.00 62.89 ? 194 HOH A O   1 
HETATM 1148 O  O   . HOH C 3 .   ? -4.412  11.411  10.998  1.00 60.50 ? 195 HOH A O   1 
HETATM 1149 O  O   . HOH C 3 .   ? 5.398   19.991  4.011   1.00 68.56 ? 196 HOH A O   1 
HETATM 1150 O  O   . HOH C 3 .   ? 0.820   6.334   14.910  0.50 69.98 ? 197 HOH A O   1 
HETATM 1151 O  O   . HOH C 3 .   ? -2.438  8.871   11.689  1.00 51.06 ? 198 HOH A O   1 
HETATM 1152 O  O   . HOH C 3 .   ? -3.719  -13.649 9.075   1.00 61.69 ? 199 HOH A O   1 
HETATM 1153 O  O   . HOH C 3 .   ? 14.484  -0.723  2.365   1.00 57.70 ? 200 HOH A O   1 
HETATM 1154 O  O   . HOH C 3 .   ? 16.418  -1.771  0.790   1.00 80.75 ? 201 HOH A O   1 
HETATM 1155 O  O   . HOH C 3 .   ? 0.758   -12.263 -8.354  1.00 57.83 ? 202 HOH A O   1 
HETATM 1156 O  O   . HOH C 3 .   ? -12.104 -14.568 -8.290  1.00 46.75 ? 203 HOH A O   1 
HETATM 1157 O  O   . HOH C 3 .   ? 9.092   -12.237 -5.518  0.50 52.54 ? 204 HOH A O   1 
HETATM 1158 O  O   . HOH C 3 .   ? -11.454 -0.367  -3.125  1.00 65.46 ? 205 HOH A O   1 
HETATM 1159 O  O   . HOH C 3 .   ? -6.357  -3.059  -15.734 1.00 70.42 ? 206 HOH A O   1 
HETATM 1160 O  O   . HOH C 3 .   ? -1.145  -8.547  -9.213  1.00 59.59 ? 207 HOH A O   1 
HETATM 1161 O  O   . HOH C 3 .   ? -12.524 -2.883  -10.151 1.00 80.12 ? 208 HOH A O   1 
HETATM 1162 O  O   . HOH C 3 .   ? 12.040  -11.739 5.869   1.00 65.40 ? 209 HOH A O   1 
HETATM 1163 O  O   . HOH C 3 .   ? -8.783  16.887  3.023   1.00 54.32 ? 210 HOH A O   1 
HETATM 1164 O  O   . HOH C 3 .   ? 11.944  4.816   -0.131  1.00 69.51 ? 211 HOH A O   1 
HETATM 1165 O  O   . HOH C 3 .   ? -13.323 -17.323 -4.832  1.00 47.93 ? 212 HOH A O   1 
HETATM 1166 O  O   . HOH C 3 .   ? -1.493  -4.842  16.152  1.00 56.99 ? 213 HOH A O   1 
HETATM 1167 O  O   . HOH C 3 .   ? 10.759  4.541   -6.056  1.00 68.35 ? 214 HOH A O   1 
HETATM 1168 O  O   . HOH C 3 .   ? -5.037  10.257  13.062  1.00 53.47 ? 215 HOH A O   1 
HETATM 1169 O  O   . HOH C 3 .   ? 3.200   -10.597 -9.048  1.00 52.65 ? 216 HOH A O   1 
HETATM 1170 O  O   . HOH C 3 .   ? 9.422   -0.577  -8.233  1.00 60.66 ? 217 HOH A O   1 
HETATM 1171 O  O   . HOH C 3 .   ? 2.740   10.612  10.499  1.00 74.86 ? 218 HOH A O   1 
HETATM 1172 O  O   . HOH C 3 .   ? 11.139  2.583   2.018   1.00 61.66 ? 219 HOH A O   1 
HETATM 1173 O  O   . HOH C 3 .   ? 11.866  -1.042  -4.075  1.00 57.16 ? 220 HOH A O   1 
HETATM 1174 O  O   . HOH C 3 .   ? -7.205  0.870   11.094  1.00 57.85 ? 221 HOH A O   1 
HETATM 1175 O  O   . HOH C 3 .   ? 13.743  -11.576 3.801   1.00 70.79 ? 222 HOH A O   1 
HETATM 1176 O  O   . HOH C 3 .   ? -2.598  2.068   11.454  1.00 46.86 ? 223 HOH A O   1 
HETATM 1177 O  O   . HOH C 3 .   ? 2.588   -19.166 -0.213  1.00 64.64 ? 224 HOH A O   1 
HETATM 1178 O  O   . HOH C 3 .   ? -2.054  -16.005 8.325   1.00 60.39 ? 225 HOH A O   1 
HETATM 1179 O  O   . HOH C 3 .   ? 1.310   -17.608 -4.503  1.00 64.69 ? 226 HOH A O   1 
HETATM 1180 O  O   . HOH C 3 .   ? -1.626  -10.524 -12.385 1.00 67.26 ? 227 HOH A O   1 
HETATM 1181 O  O   . HOH C 3 .   ? 18.233  -8.648  4.554   1.00 78.18 ? 228 HOH A O   1 
HETATM 1182 O  O   . HOH C 3 .   ? 3.255   6.081   11.126  1.00 56.72 ? 229 HOH A O   1 
HETATM 1183 O  O   . HOH C 3 .   ? 9.903   -4.384  -4.238  1.00 63.56 ? 230 HOH A O   1 
HETATM 1184 O  O   . HOH C 3 .   ? 14.091  5.296   2.283   1.00 66.92 ? 231 HOH A O   1 
HETATM 1185 O  O   . HOH C 3 .   ? 10.615  -8.111  -2.136  1.00 66.93 ? 232 HOH A O   1 
HETATM 1186 O  O   . HOH C 3 .   ? 5.309   17.417  10.009  1.00 69.28 ? 233 HOH A O   1 
HETATM 1187 O  O   . HOH C 3 .   ? -9.747  2.584   -12.227 1.00 61.07 ? 234 HOH A O   1 
HETATM 1188 O  O   . HOH C 3 .   ? 6.362   4.879   13.484  1.00 70.06 ? 235 HOH A O   1 
HETATM 1189 O  O   . HOH C 3 .   ? -4.680  -11.392 -13.767 1.00 70.09 ? 236 HOH A O   1 
# 
